data_9DU5
#
_entry.id   9DU5
#
_cell.length_a   1.00
_cell.length_b   1.00
_cell.length_c   1.00
_cell.angle_alpha   90.00
_cell.angle_beta   90.00
_cell.angle_gamma   90.00
#
_symmetry.space_group_name_H-M   'P 1'
#
_entity_poly.entity_id   1
_entity_poly.type   'polypeptide(L)'
_entity_poly.pdbx_seq_one_letter_code
;MGKLFGTFGVRGIANEEITPEFALKIGMAFGTLLKREGRERPLVVVGRDTRVSGEMLKDALISGLLSTGCDVIDVGIAPT
PAIQWATNHFNADGGAVITASHNPPEYNGIKLLEPNGMGLKKEREAIVEELFFSEDFHRAKWNEIGELRKEDIIKPYIEA
IKNRVDVEAIKKRRPFVVVDTSNGAGSLTLPYLLRELGCKVVSVNAHPDGHFPARNPEPNEENLKGFMEIVKALGADFGV
AQDGDADRAVFIDENGRFIQGDKTFALVADAVLRENGGGLLVTTIATSNLLDDIAKRNGAKVMRTKVGDLIVARALLENN
GTIGGEENGGVIFPDFVLGRDGAMTTAKIVEIFAKSGKKFSELIDELPKYYQFKTKRHVEGDRKAIVAKVAELAEKKGYK
IDTTDGTKIIFDDGWVLVRASGTEPIIRIFSEAKSEEKAREYLELGIKLLEEALKG
;
_entity_poly.pdbx_strand_id   A,B,C,D
#
# COMPACT_ATOMS: atom_id res chain seq x y z
N LYS A 3 -7.12 37.44 11.71
CA LYS A 3 -7.28 37.56 10.27
C LYS A 3 -7.56 36.20 9.63
N LEU A 4 -6.51 35.38 9.54
CA LEU A 4 -6.61 34.08 8.88
C LEU A 4 -6.90 32.96 9.87
N PHE A 5 -6.02 32.77 10.85
CA PHE A 5 -6.16 31.69 11.81
C PHE A 5 -7.03 32.12 12.99
N GLY A 6 -7.87 31.20 13.46
CA GLY A 6 -8.68 31.45 14.63
C GLY A 6 -7.93 31.12 15.91
N THR A 7 -8.64 30.58 16.89
CA THR A 7 -8.00 30.20 18.15
C THR A 7 -7.00 29.06 17.93
N PHE A 8 -7.36 28.07 17.11
CA PHE A 8 -6.48 26.94 16.82
C PHE A 8 -6.78 26.50 15.38
N GLY A 9 -6.00 27.03 14.44
CA GLY A 9 -6.14 26.70 13.04
C GLY A 9 -7.20 27.54 12.34
N VAL A 10 -7.20 27.43 11.01
CA VAL A 10 -8.16 28.11 10.16
C VAL A 10 -9.24 27.11 9.75
N ARG A 11 -10.47 27.58 9.62
CA ARG A 11 -11.60 26.70 9.36
C ARG A 11 -12.60 27.44 8.48
N GLY A 12 -13.35 26.66 7.70
CA GLY A 12 -14.34 27.22 6.81
C GLY A 12 -15.03 26.13 6.03
N ILE A 13 -15.93 26.54 5.14
CA ILE A 13 -16.67 25.60 4.31
C ILE A 13 -15.75 25.04 3.24
N ALA A 14 -15.73 23.72 3.11
CA ALA A 14 -14.86 23.06 2.14
C ALA A 14 -15.28 23.40 0.72
N ASN A 15 -14.27 23.61 -0.14
CA ASN A 15 -14.43 23.92 -1.56
C ASN A 15 -15.08 25.28 -1.80
N GLU A 16 -15.40 26.02 -0.76
CA GLU A 16 -15.88 27.39 -0.87
C GLU A 16 -14.93 28.39 -0.23
N GLU A 17 -14.56 28.18 1.03
CA GLU A 17 -13.53 28.96 1.70
C GLU A 17 -12.23 28.21 1.83
N ILE A 18 -12.27 26.96 2.28
CA ILE A 18 -11.07 26.11 2.33
C ILE A 18 -11.02 25.38 0.99
N THR A 19 -10.48 26.06 0.00
CA THR A 19 -10.29 25.50 -1.34
C THR A 19 -8.95 24.80 -1.42
N PRO A 20 -8.74 23.95 -2.43
CA PRO A 20 -7.41 23.37 -2.62
C PRO A 20 -6.33 24.42 -2.85
N GLU A 21 -6.66 25.55 -3.46
CA GLU A 21 -5.73 26.66 -3.53
C GLU A 21 -5.37 27.19 -2.15
N PHE A 22 -6.35 27.33 -1.27
CA PHE A 22 -6.09 27.78 0.09
C PHE A 22 -5.20 26.79 0.84
N ALA A 23 -5.47 25.50 0.73
CA ALA A 23 -4.63 24.51 1.39
C ALA A 23 -3.22 24.49 0.82
N LEU A 24 -3.09 24.63 -0.50
CA LEU A 24 -1.77 24.68 -1.11
C LEU A 24 -0.98 25.89 -0.63
N LYS A 25 -1.64 27.05 -0.55
CA LYS A 25 -0.97 28.25 -0.06
C LYS A 25 -0.59 28.11 1.40
N ILE A 26 -1.44 27.48 2.21
CA ILE A 26 -1.12 27.25 3.61
C ILE A 26 0.08 26.33 3.75
N GLY A 27 0.13 25.26 2.95
CA GLY A 27 1.27 24.37 2.97
C GLY A 27 2.56 25.05 2.54
N MET A 28 2.49 25.86 1.49
CA MET A 28 3.67 26.61 1.05
C MET A 28 4.14 27.60 2.10
N ALA A 29 3.22 28.31 2.75
CA ALA A 29 3.60 29.22 3.82
C ALA A 29 4.21 28.49 5.02
N PHE A 30 3.65 27.35 5.41
CA PHE A 30 4.21 26.59 6.51
C PHE A 30 5.60 26.07 6.16
N GLY A 31 5.78 25.57 4.94
CA GLY A 31 7.10 25.13 4.52
C GLY A 31 8.11 26.27 4.47
N THR A 32 7.67 27.44 4.01
CA THR A 32 8.54 28.60 4.00
C THR A 32 8.95 29.01 5.40
N LEU A 33 8.00 28.95 6.35
CA LEU A 33 8.34 29.22 7.75
C LEU A 33 9.36 28.23 8.27
N LEU A 34 9.18 26.95 7.95
CA LEU A 34 10.11 25.92 8.43
C LEU A 34 11.50 26.09 7.82
N LYS A 35 11.59 26.39 6.53
CA LYS A 35 12.87 26.57 5.87
C LYS A 35 13.57 27.86 6.29
N ARG A 36 12.81 28.92 6.57
CA ARG A 36 13.39 30.20 6.95
C ARG A 36 13.73 30.21 8.43
N GLU A 37 13.72 29.05 9.07
CA GLU A 37 14.06 28.92 10.48
C GLU A 37 15.33 28.07 10.66
N GLY A 38 16.16 28.01 9.63
CA GLY A 38 17.42 27.30 9.71
C GLY A 38 17.43 25.86 9.25
N ARG A 39 16.31 25.16 9.42
CA ARG A 39 16.24 23.76 9.04
C ARG A 39 16.43 23.59 7.54
N GLU A 40 17.29 22.66 7.16
CA GLU A 40 17.63 22.46 5.76
C GLU A 40 16.71 21.47 5.06
N ARG A 41 16.15 20.50 5.78
CA ARG A 41 15.17 19.56 5.23
C ARG A 41 14.13 19.28 6.29
N PRO A 42 13.21 20.20 6.52
CA PRO A 42 12.22 20.02 7.58
C PRO A 42 11.34 18.80 7.32
N LEU A 43 10.93 18.16 8.40
CA LEU A 43 10.05 17.00 8.35
C LEU A 43 8.69 17.39 8.93
N VAL A 44 7.64 17.14 8.17
CA VAL A 44 6.28 17.53 8.55
C VAL A 44 5.42 16.28 8.60
N VAL A 45 4.66 16.12 9.67
CA VAL A 45 3.69 15.04 9.81
C VAL A 45 2.32 15.60 9.47
N VAL A 46 1.68 15.02 8.47
CA VAL A 46 0.40 15.51 7.96
C VAL A 46 -0.64 14.43 8.15
N GLY A 47 -1.77 14.79 8.76
CA GLY A 47 -2.87 13.87 8.95
C GLY A 47 -4.19 14.56 8.71
N ARG A 48 -5.26 13.77 8.76
CA ARG A 48 -6.60 14.29 8.49
C ARG A 48 -7.60 13.42 9.25
N ASP A 49 -8.82 13.95 9.37
CA ASP A 49 -9.93 13.20 9.92
C ASP A 49 -10.66 12.48 8.77
N THR A 50 -11.85 11.96 9.05
CA THR A 50 -12.58 11.16 8.08
C THR A 50 -13.36 12.00 7.07
N ARG A 51 -13.31 13.33 7.18
CA ARG A 51 -14.11 14.19 6.34
C ARG A 51 -13.83 13.96 4.86
N VAL A 52 -14.90 13.99 4.06
CA VAL A 52 -14.79 13.65 2.65
C VAL A 52 -13.93 14.62 1.86
N SER A 53 -13.86 15.89 2.27
CA SER A 53 -13.02 16.88 1.61
C SER A 53 -11.57 16.84 2.10
N GLY A 54 -11.26 15.97 3.07
CA GLY A 54 -9.92 15.94 3.63
C GLY A 54 -8.84 15.48 2.68
N GLU A 55 -9.12 14.47 1.85
CA GLU A 55 -8.09 13.94 0.96
C GLU A 55 -7.64 14.95 -0.08
N MET A 56 -8.57 15.69 -0.67
CA MET A 56 -8.19 16.73 -1.63
C MET A 56 -7.39 17.85 -0.95
N LEU A 57 -7.86 18.30 0.21
CA LEU A 57 -7.14 19.32 0.97
C LEU A 57 -5.79 18.81 1.44
N LYS A 58 -5.71 17.56 1.88
N LYS A 58 -5.71 17.56 1.88
CA LYS A 58 -4.44 16.99 2.29
CA LYS A 58 -4.43 17.00 2.29
C LYS A 58 -3.47 16.91 1.11
C LYS A 58 -3.47 16.91 1.11
N ASP A 59 -3.96 16.51 -0.06
CA ASP A 59 -3.12 16.45 -1.25
C ASP A 59 -2.59 17.83 -1.62
N ALA A 60 -3.44 18.85 -1.60
CA ALA A 60 -2.97 20.20 -1.87
C ALA A 60 -1.95 20.67 -0.85
N LEU A 61 -2.20 20.41 0.44
CA LEU A 61 -1.27 20.82 1.48
C LEU A 61 0.09 20.15 1.33
N ILE A 62 0.08 18.84 1.05
CA ILE A 62 1.33 18.10 0.89
C ILE A 62 2.08 18.57 -0.34
N SER A 63 1.35 18.83 -1.43
CA SER A 63 2.00 19.37 -2.63
C SER A 63 2.65 20.73 -2.33
N GLY A 64 1.96 21.57 -1.56
CA GLY A 64 2.57 22.84 -1.17
C GLY A 64 3.79 22.67 -0.29
N LEU A 65 3.74 21.70 0.64
CA LEU A 65 4.86 21.48 1.55
C LEU A 65 6.07 20.91 0.81
N LEU A 66 5.84 20.01 -0.13
CA LEU A 66 6.96 19.42 -0.88
C LEU A 66 7.67 20.44 -1.75
N SER A 67 6.93 21.43 -2.27
CA SER A 67 7.54 22.44 -3.12
C SER A 67 8.50 23.34 -2.36
N THR A 68 8.37 23.43 -1.04
CA THR A 68 9.25 24.23 -0.22
C THR A 68 10.48 23.48 0.24
N GLY A 69 10.61 22.20 -0.11
CA GLY A 69 11.74 21.41 0.29
C GLY A 69 11.58 20.65 1.58
N CYS A 70 10.36 20.51 2.09
CA CYS A 70 10.11 19.81 3.34
C CYS A 70 9.67 18.39 3.08
N ASP A 71 10.29 17.44 3.78
CA ASP A 71 9.84 16.06 3.75
C ASP A 71 8.54 15.92 4.53
N VAL A 72 7.63 15.10 4.00
CA VAL A 72 6.29 14.96 4.56
C VAL A 72 6.06 13.51 4.92
N ILE A 73 5.58 13.28 6.14
CA ILE A 73 5.12 11.97 6.58
C ILE A 73 3.59 12.02 6.57
N ASP A 74 2.98 11.24 5.69
CA ASP A 74 1.53 11.16 5.60
C ASP A 74 1.04 10.02 6.49
N VAL A 75 0.34 10.37 7.56
CA VAL A 75 -0.16 9.38 8.51
C VAL A 75 -1.60 8.99 8.22
N GLY A 76 -2.17 9.46 7.13
CA GLY A 76 -3.53 9.09 6.76
C GLY A 76 -4.56 9.64 7.71
N ILE A 77 -5.65 8.90 7.88
CA ILE A 77 -6.72 9.30 8.77
C ILE A 77 -6.35 8.89 10.19
N ALA A 78 -6.35 9.85 11.11
CA ALA A 78 -6.01 9.60 12.50
C ALA A 78 -6.60 10.72 13.35
N PRO A 79 -6.81 10.49 14.64
CA PRO A 79 -7.26 11.58 15.51
C PRO A 79 -6.22 12.69 15.60
N THR A 80 -6.71 13.91 15.83
CA THR A 80 -5.80 15.04 16.02
C THR A 80 -4.79 14.80 17.14
N PRO A 81 -5.17 14.31 18.32
CA PRO A 81 -4.14 13.97 19.32
C PRO A 81 -3.16 12.92 18.83
N ALA A 82 -3.63 11.96 18.03
CA ALA A 82 -2.72 10.98 17.44
C ALA A 82 -1.73 11.63 16.48
N ILE A 83 -2.18 12.60 15.69
CA ILE A 83 -1.27 13.29 14.78
C ILE A 83 -0.26 14.13 15.55
N GLN A 84 -0.68 14.76 16.63
CA GLN A 84 0.26 15.49 17.48
C GLN A 84 1.28 14.54 18.11
N TRP A 85 0.82 13.38 18.58
CA TRP A 85 1.71 12.39 19.15
C TRP A 85 2.70 11.88 18.10
N ALA A 86 2.25 11.73 16.85
CA ALA A 86 3.15 11.31 15.79
C ALA A 86 4.15 12.40 15.43
N THR A 87 3.72 13.66 15.47
CA THR A 87 4.63 14.77 15.22
C THR A 87 5.74 14.79 16.26
N ASN A 88 5.40 14.57 17.53
CA ASN A 88 6.43 14.48 18.55
C ASN A 88 7.24 13.19 18.42
N HIS A 89 6.61 12.12 17.94
CA HIS A 89 7.23 10.80 17.92
C HIS A 89 8.25 10.70 16.78
N PHE A 90 7.95 11.28 15.63
CA PHE A 90 8.81 11.22 14.46
C PHE A 90 9.91 12.27 14.49
N ASN A 91 9.99 13.05 15.56
CA ASN A 91 10.94 14.16 15.69
C ASN A 91 10.81 15.11 14.50
N ALA A 92 9.57 15.39 14.14
CA ALA A 92 9.25 16.26 13.03
C ALA A 92 9.42 17.72 13.44
N ASP A 93 9.68 18.56 12.43
CA ASP A 93 9.83 19.99 12.63
C ASP A 93 8.50 20.72 12.60
N GLY A 94 7.40 20.00 12.37
CA GLY A 94 6.08 20.61 12.35
C GLY A 94 5.05 19.55 12.11
N GLY A 95 3.79 19.97 12.13
CA GLY A 95 2.69 19.06 11.91
C GLY A 95 1.50 19.82 11.37
N ALA A 96 0.64 19.10 10.63
CA ALA A 96 -0.55 19.69 10.07
C ALA A 96 -1.69 18.69 10.15
N VAL A 97 -2.86 19.16 10.55
CA VAL A 97 -4.07 18.34 10.67
C VAL A 97 -5.14 18.96 9.80
N ILE A 98 -5.68 18.17 8.87
CA ILE A 98 -6.80 18.61 8.04
C ILE A 98 -8.08 18.17 8.75
N THR A 99 -8.71 19.10 9.46
CA THR A 99 -9.90 18.78 10.23
C THR A 99 -10.65 20.07 10.55
N ALA A 100 -11.94 19.91 10.87
CA ALA A 100 -12.77 21.00 11.37
C ALA A 100 -13.35 20.68 12.74
N SER A 101 -12.76 19.71 13.45
CA SER A 101 -13.18 19.31 14.79
C SER A 101 -14.63 18.81 14.80
N HIS A 102 -15.53 19.58 15.39
CA HIS A 102 -16.92 19.18 15.58
C HIS A 102 -17.86 19.84 14.59
N ASN A 103 -17.33 20.55 13.59
CA ASN A 103 -18.16 21.29 12.66
C ASN A 103 -18.93 20.35 11.74
N PRO A 104 -20.02 20.83 11.15
CA PRO A 104 -20.84 19.97 10.26
C PRO A 104 -20.02 19.44 9.10
N PRO A 105 -20.55 18.45 8.36
CA PRO A 105 -19.75 17.78 7.33
C PRO A 105 -19.23 18.70 6.24
N GLU A 106 -19.88 19.82 5.96
CA GLU A 106 -19.47 20.71 4.89
C GLU A 106 -18.25 21.53 5.23
N TYR A 107 -17.78 21.49 6.46
CA TYR A 107 -16.64 22.29 6.91
C TYR A 107 -15.36 21.47 6.89
N ASN A 108 -14.24 22.18 6.80
CA ASN A 108 -12.92 21.60 6.92
C ASN A 108 -11.95 22.71 7.29
N GLY A 109 -10.74 22.32 7.64
CA GLY A 109 -9.75 23.31 8.03
C GLY A 109 -8.39 22.66 8.23
N ILE A 110 -7.42 23.50 8.58
CA ILE A 110 -6.04 23.07 8.79
C ILE A 110 -5.56 23.57 10.14
N LYS A 111 -4.95 22.67 10.91
CA LYS A 111 -4.30 23.02 12.17
C LYS A 111 -2.80 22.77 12.02
N LEU A 112 -2.00 23.79 12.29
CA LEU A 112 -0.54 23.66 12.22
C LEU A 112 0.03 23.42 13.61
N LEU A 113 1.00 22.52 13.69
CA LEU A 113 1.52 22.05 14.96
C LEU A 113 2.99 22.42 15.11
N GLU A 114 3.45 22.38 16.35
CA GLU A 114 4.85 22.63 16.70
C GLU A 114 5.65 21.34 16.60
N PRO A 115 6.98 21.42 16.70
CA PRO A 115 7.77 20.17 16.67
C PRO A 115 7.42 19.19 17.77
N ASN A 116 6.92 19.66 18.91
CA ASN A 116 6.53 18.79 20.01
C ASN A 116 5.07 18.34 19.91
N GLY A 117 4.37 18.73 18.86
CA GLY A 117 2.98 18.34 18.65
C GLY A 117 1.98 19.37 19.11
N MET A 118 2.39 20.32 19.94
CA MET A 118 1.49 21.38 20.38
C MET A 118 1.12 22.27 19.21
N GLY A 119 -0.06 22.89 19.29
CA GLY A 119 -0.49 23.80 18.25
C GLY A 119 0.50 24.93 18.05
N LEU A 120 0.55 25.43 16.82
CA LEU A 120 1.53 26.43 16.45
C LEU A 120 1.40 27.68 17.31
N LYS A 121 2.54 28.24 17.71
CA LYS A 121 2.56 29.46 18.50
C LYS A 121 2.01 30.63 17.69
N LYS A 122 1.43 31.61 18.40
CA LYS A 122 0.90 32.78 17.73
C LYS A 122 1.99 33.61 17.05
N GLU A 123 3.20 33.62 17.61
CA GLU A 123 4.31 34.31 16.95
C GLU A 123 4.62 33.69 15.61
N ARG A 124 4.64 32.36 15.54
CA ARG A 124 4.90 31.67 14.28
C ARG A 124 3.67 31.69 13.38
N GLU A 125 2.48 31.68 13.97
CA GLU A 125 1.26 31.83 13.19
C GLU A 125 1.17 33.18 12.49
N ALA A 126 1.66 34.24 13.12
CA ALA A 126 1.71 35.54 12.45
C ALA A 126 2.62 35.50 11.22
N ILE A 127 3.77 34.83 11.34
CA ILE A 127 4.66 34.70 10.19
C ILE A 127 4.01 33.86 9.10
N VAL A 128 3.29 32.80 9.48
CA VAL A 128 2.59 31.98 8.50
C VAL A 128 1.53 32.80 7.78
N GLU A 129 0.79 33.62 8.51
CA GLU A 129 -0.21 34.50 7.90
C GLU A 129 0.43 35.50 6.95
N GLU A 130 1.55 36.10 7.37
CA GLU A 130 2.24 37.07 6.52
C GLU A 130 2.72 36.42 5.23
N LEU A 131 3.30 35.22 5.34
CA LEU A 131 3.73 34.50 4.14
C LEU A 131 2.55 34.12 3.26
N PHE A 132 1.44 33.72 3.87
CA PHE A 132 0.25 33.35 3.11
C PHE A 132 -0.28 34.53 2.31
N PHE A 133 -0.36 35.70 2.94
CA PHE A 133 -0.94 36.85 2.25
C PHE A 133 0.03 37.50 1.28
N SER A 134 1.33 37.49 1.58
CA SER A 134 2.32 38.06 0.67
C SER A 134 2.79 37.06 -0.38
N GLU A 135 2.53 35.77 -0.18
CA GLU A 135 2.93 34.71 -1.11
C GLU A 135 4.43 34.72 -1.38
N ASP A 136 5.22 35.14 -0.39
CA ASP A 136 6.68 35.13 -0.49
C ASP A 136 7.19 33.75 -0.07
N PHE A 137 6.85 32.77 -0.89
CA PHE A 137 7.14 31.37 -0.59
C PHE A 137 8.53 30.99 -1.06
N HIS A 138 9.15 30.06 -0.33
CA HIS A 138 10.43 29.49 -0.72
C HIS A 138 10.18 28.32 -1.66
N ARG A 139 10.63 28.46 -2.90
CA ARG A 139 10.46 27.43 -3.92
C ARG A 139 11.77 26.68 -4.06
N ALA A 140 11.79 25.43 -3.59
CA ALA A 140 12.99 24.64 -3.65
C ALA A 140 13.36 24.30 -5.09
N LYS A 141 14.64 24.04 -5.31
CA LYS A 141 15.10 23.62 -6.63
C LYS A 141 14.60 22.21 -6.93
N TRP A 142 14.77 21.80 -8.20
CA TRP A 142 14.24 20.51 -8.62
C TRP A 142 14.83 19.35 -7.83
N ASN A 143 16.09 19.47 -7.41
CA ASN A 143 16.74 18.42 -6.65
C ASN A 143 16.51 18.52 -5.15
N GLU A 144 15.97 19.63 -4.67
CA GLU A 144 15.72 19.84 -3.25
C GLU A 144 14.26 19.67 -2.87
N ILE A 145 13.43 19.22 -3.80
CA ILE A 145 12.01 19.02 -3.52
C ILE A 145 11.85 17.86 -2.55
N GLY A 146 11.03 18.06 -1.51
CA GLY A 146 10.93 17.07 -0.45
C GLY A 146 10.28 15.78 -0.91
N GLU A 147 10.55 14.73 -0.13
CA GLU A 147 10.02 13.41 -0.40
C GLU A 147 8.80 13.15 0.48
N LEU A 148 7.87 12.34 -0.04
CA LEU A 148 6.65 12.00 0.66
C LEU A 148 6.73 10.56 1.15
N ARG A 149 6.40 10.35 2.42
CA ARG A 149 6.44 9.04 3.05
C ARG A 149 5.13 8.80 3.79
N LYS A 150 4.72 7.55 3.83
CA LYS A 150 3.47 7.15 4.48
C LYS A 150 3.76 6.25 5.67
N GLU A 151 3.16 6.58 6.82
CA GLU A 151 3.31 5.81 8.03
C GLU A 151 1.93 5.55 8.64
N ASP A 152 1.82 4.43 9.36
CA ASP A 152 0.62 4.11 10.11
C ASP A 152 0.91 4.35 11.59
N ILE A 153 0.09 5.18 12.23
CA ILE A 153 0.33 5.59 13.60
C ILE A 153 -0.78 5.15 14.54
N ILE A 154 -1.81 4.46 14.05
CA ILE A 154 -2.93 4.10 14.91
C ILE A 154 -2.50 3.11 15.98
N LYS A 155 -1.88 2.01 15.55
CA LYS A 155 -1.42 1.00 16.52
C LYS A 155 -0.33 1.50 17.44
N PRO A 156 0.72 2.21 16.97
CA PRO A 156 1.68 2.77 17.93
C PRO A 156 1.05 3.73 18.93
N TYR A 157 0.10 4.55 18.49
CA TYR A 157 -0.57 5.47 19.39
C TYR A 157 -1.40 4.73 20.44
N ILE A 158 -2.12 3.69 20.01
CA ILE A 158 -2.90 2.89 20.95
C ILE A 158 -1.98 2.20 21.95
N GLU A 159 -0.86 1.66 21.48
CA GLU A 159 0.10 1.02 22.39
C GLU A 159 0.70 2.03 23.36
N ALA A 160 0.95 3.26 22.89
CA ALA A 160 1.46 4.29 23.78
C ALA A 160 0.45 4.63 24.87
N ILE A 161 -0.83 4.68 24.51
CA ILE A 161 -1.86 4.93 25.53
C ILE A 161 -1.94 3.75 26.50
N LYS A 162 -1.76 2.53 25.99
CA LYS A 162 -1.85 1.35 26.85
C LYS A 162 -0.78 1.34 27.93
N ASN A 163 0.43 1.79 27.60
CA ASN A 163 1.56 1.77 28.51
C ASN A 163 1.49 2.86 29.57
N ARG A 164 0.35 3.53 29.71
CA ARG A 164 0.21 4.62 30.66
C ARG A 164 -0.92 4.40 31.65
N VAL A 165 -1.57 3.23 31.61
CA VAL A 165 -2.67 2.91 32.51
C VAL A 165 -2.47 1.49 33.04
N ASP A 166 -3.19 1.19 34.12
CA ASP A 166 -3.13 -0.14 34.75
C ASP A 166 -4.05 -1.07 33.95
N VAL A 167 -3.47 -1.75 32.96
CA VAL A 167 -4.24 -2.64 32.11
C VAL A 167 -4.74 -3.84 32.90
N GLU A 168 -3.96 -4.33 33.87
CA GLU A 168 -4.35 -5.51 34.63
C GLU A 168 -5.62 -5.25 35.44
N ALA A 169 -5.72 -4.07 36.06
CA ALA A 169 -6.92 -3.75 36.82
C ALA A 169 -8.15 -3.67 35.92
N ILE A 170 -8.00 -3.08 34.73
CA ILE A 170 -9.11 -2.99 33.79
C ILE A 170 -9.54 -4.39 33.34
N LYS A 171 -8.57 -5.25 33.04
CA LYS A 171 -8.91 -6.61 32.64
C LYS A 171 -9.60 -7.37 33.77
N LYS A 172 -9.17 -7.15 35.01
CA LYS A 172 -9.82 -7.77 36.15
C LYS A 172 -11.26 -7.30 36.28
N ARG A 173 -11.49 -5.99 36.11
CA ARG A 173 -12.84 -5.45 36.25
C ARG A 173 -13.71 -5.80 35.04
N ARG A 174 -13.12 -5.75 33.84
CA ARG A 174 -13.84 -5.92 32.57
C ARG A 174 -15.03 -4.97 32.50
N PRO A 175 -14.79 -3.67 32.31
CA PRO A 175 -15.91 -2.74 32.18
C PRO A 175 -16.68 -2.96 30.89
N PHE A 176 -17.95 -2.56 30.91
CA PHE A 176 -18.82 -2.59 29.74
C PHE A 176 -19.01 -1.14 29.30
N VAL A 177 -18.34 -0.76 28.21
CA VAL A 177 -18.29 0.62 27.75
C VAL A 177 -18.92 0.69 26.36
N VAL A 178 -19.80 1.67 26.17
CA VAL A 178 -20.38 1.97 24.86
C VAL A 178 -19.66 3.18 24.28
N VAL A 179 -19.23 3.07 23.03
CA VAL A 179 -18.40 4.07 22.38
C VAL A 179 -19.21 4.75 21.28
N ASP A 180 -19.18 6.08 21.26
CA ASP A 180 -19.74 6.88 20.20
C ASP A 180 -18.61 7.66 19.53
N THR A 181 -18.08 7.12 18.44
CA THR A 181 -17.03 7.80 17.69
C THR A 181 -17.58 8.76 16.65
N SER A 182 -18.90 8.72 16.41
CA SER A 182 -19.57 9.67 15.51
C SER A 182 -18.97 9.63 14.11
N ASN A 183 -18.61 8.43 13.64
CA ASN A 183 -18.03 8.22 12.30
C ASN A 183 -16.77 9.07 12.09
N GLY A 184 -16.13 9.50 13.17
CA GLY A 184 -14.98 10.36 13.08
C GLY A 184 -13.67 9.60 13.06
N ALA A 185 -12.58 10.34 13.28
CA ALA A 185 -11.26 9.73 13.32
C ALA A 185 -11.09 8.81 14.52
N GLY A 186 -11.94 8.95 15.55
CA GLY A 186 -11.88 8.07 16.70
C GLY A 186 -12.46 6.70 16.46
N SER A 187 -13.08 6.47 15.31
CA SER A 187 -13.59 5.16 14.94
C SER A 187 -12.48 4.15 14.67
N LEU A 188 -11.24 4.61 14.57
CA LEU A 188 -10.11 3.74 14.32
C LEU A 188 -9.25 3.52 15.56
N THR A 189 -9.45 4.29 16.62
CA THR A 189 -8.59 4.18 17.80
C THR A 189 -9.35 3.76 19.06
N LEU A 190 -10.42 4.48 19.39
CA LEU A 190 -11.04 4.31 20.70
C LEU A 190 -11.63 2.92 20.93
N PRO A 191 -12.43 2.34 20.03
CA PRO A 191 -12.92 0.98 20.30
C PRO A 191 -11.81 -0.04 20.45
N TYR A 192 -10.78 0.05 19.60
CA TYR A 192 -9.66 -0.89 19.70
C TYR A 192 -8.86 -0.68 20.98
N LEU A 193 -8.63 0.58 21.35
CA LEU A 193 -7.93 0.86 22.60
C LEU A 193 -8.70 0.32 23.80
N LEU A 194 -10.02 0.52 23.81
CA LEU A 194 -10.84 0.02 24.91
C LEU A 194 -10.84 -1.49 24.96
N ARG A 195 -10.87 -2.15 23.80
CA ARG A 195 -10.80 -3.61 23.78
C ARG A 195 -9.46 -4.11 24.32
N GLU A 196 -8.37 -3.47 23.91
CA GLU A 196 -7.05 -3.86 24.40
C GLU A 196 -6.86 -3.54 25.88
N LEU A 197 -7.60 -2.57 26.42
CA LEU A 197 -7.53 -2.30 27.85
C LEU A 197 -8.12 -3.45 28.65
N GLY A 198 -9.16 -4.10 28.12
CA GLY A 198 -9.79 -5.20 28.81
C GLY A 198 -11.27 -4.98 29.06
N CYS A 199 -11.89 -4.13 28.25
CA CYS A 199 -13.29 -3.78 28.40
C CYS A 199 -14.14 -4.54 27.38
N LYS A 200 -15.43 -4.67 27.71
CA LYS A 200 -16.41 -5.16 26.76
C LYS A 200 -16.93 -3.97 25.97
N VAL A 201 -16.66 -3.95 24.68
CA VAL A 201 -16.87 -2.77 23.85
C VAL A 201 -18.05 -2.99 22.92
N VAL A 202 -19.06 -2.14 23.04
CA VAL A 202 -20.14 -2.03 22.06
C VAL A 202 -20.06 -0.64 21.48
N SER A 203 -19.64 -0.53 20.23
CA SER A 203 -19.39 0.76 19.59
C SER A 203 -20.53 1.08 18.64
N VAL A 204 -21.02 2.32 18.70
CA VAL A 204 -22.05 2.80 17.79
C VAL A 204 -21.46 3.91 16.94
N ASN A 205 -21.82 3.92 15.66
CA ASN A 205 -21.29 4.88 14.68
C ASN A 205 -19.76 4.80 14.62
N ALA A 206 -19.25 3.58 14.68
CA ALA A 206 -17.81 3.35 14.70
C ALA A 206 -17.24 3.03 13.32
N HIS A 207 -18.04 3.21 12.28
CA HIS A 207 -17.46 3.06 10.96
C HIS A 207 -17.07 4.43 10.42
N PRO A 208 -15.82 4.62 9.99
CA PRO A 208 -15.36 5.95 9.58
C PRO A 208 -16.05 6.40 8.30
N ASP A 209 -16.83 7.47 8.41
CA ASP A 209 -17.58 8.00 7.27
C ASP A 209 -17.59 9.52 7.36
N GLY A 210 -17.10 10.19 6.32
CA GLY A 210 -17.03 11.63 6.30
C GLY A 210 -18.33 12.34 6.03
N HIS A 211 -19.37 11.62 5.65
CA HIS A 211 -20.70 12.20 5.47
C HIS A 211 -21.46 12.33 6.77
N PHE A 212 -21.01 11.66 7.83
CA PHE A 212 -21.64 11.65 9.14
C PHE A 212 -23.13 11.34 9.01
N PRO A 213 -23.49 10.13 8.60
CA PRO A 213 -24.92 9.83 8.38
C PRO A 213 -25.77 9.91 9.62
N ALA A 214 -25.21 9.68 10.81
CA ALA A 214 -26.01 9.63 12.02
C ALA A 214 -26.36 11.02 12.53
N ARG A 215 -25.34 11.85 12.78
CA ARG A 215 -25.53 13.16 13.36
C ARG A 215 -24.30 14.00 13.08
N ASN A 216 -24.37 15.28 13.45
CA ASN A 216 -23.20 16.12 13.38
C ASN A 216 -22.17 15.65 14.40
N PRO A 217 -20.87 15.77 14.08
CA PRO A 217 -19.85 15.17 14.96
C PRO A 217 -19.70 15.85 16.32
N GLU A 218 -20.55 16.82 16.64
CA GLU A 218 -20.46 17.50 17.91
C GLU A 218 -21.17 16.68 18.98
N PRO A 219 -20.46 16.17 19.99
CA PRO A 219 -21.11 15.36 21.01
C PRO A 219 -21.69 16.17 22.15
N ASN A 220 -22.84 16.80 21.93
CA ASN A 220 -23.55 17.52 22.98
C ASN A 220 -24.79 16.73 23.38
N GLU A 221 -25.47 17.20 24.43
CA GLU A 221 -26.61 16.46 24.97
C GLU A 221 -27.73 16.31 23.96
N GLU A 222 -28.04 17.36 23.21
CA GLU A 222 -29.06 17.26 22.17
C GLU A 222 -28.66 16.24 21.11
N ASN A 223 -27.37 16.24 20.72
CA ASN A 223 -26.89 15.26 19.75
C ASN A 223 -26.79 13.86 20.35
N LEU A 224 -26.56 13.76 21.67
CA LEU A 224 -26.36 12.49 22.34
C LEU A 224 -27.61 11.96 23.02
N LYS A 225 -28.77 12.54 22.73
CA LYS A 225 -30.02 12.03 23.30
C LYS A 225 -30.20 10.54 23.00
N GLY A 226 -30.00 10.14 21.74
CA GLY A 226 -30.11 8.73 21.39
C GLY A 226 -29.03 7.88 22.02
N PHE A 227 -27.81 8.41 22.11
CA PHE A 227 -26.71 7.66 22.70
C PHE A 227 -26.97 7.36 24.17
N MET A 228 -27.57 8.31 24.89
CA MET A 228 -27.94 8.06 26.28
C MET A 228 -28.96 6.95 26.40
N GLU A 229 -29.95 6.92 25.49
CA GLU A 229 -30.92 5.84 25.49
C GLU A 229 -30.26 4.50 25.20
N ILE A 230 -29.29 4.48 24.28
CA ILE A 230 -28.54 3.26 24.01
C ILE A 230 -27.79 2.79 25.25
N VAL A 231 -27.16 3.72 25.97
CA VAL A 231 -26.43 3.37 27.18
C VAL A 231 -27.38 2.81 28.23
N LYS A 232 -28.55 3.42 28.38
CA LYS A 232 -29.55 2.89 29.32
C LYS A 232 -29.97 1.47 28.92
N ALA A 233 -30.31 1.28 27.64
CA ALA A 233 -30.85 0.01 27.18
C ALA A 233 -29.84 -1.12 27.32
N LEU A 234 -28.60 -0.87 26.91
CA LEU A 234 -27.59 -1.92 26.92
C LEU A 234 -27.17 -2.32 28.32
N GLY A 235 -27.52 -1.55 29.34
CA GLY A 235 -27.08 -1.87 30.70
C GLY A 235 -25.59 -1.81 30.87
N ALA A 236 -24.95 -0.82 30.27
CA ALA A 236 -23.49 -0.70 30.31
C ALA A 236 -23.04 0.07 31.54
N ASP A 237 -21.77 -0.12 31.89
CA ASP A 237 -21.20 0.58 33.03
C ASP A 237 -21.20 2.09 32.79
N PHE A 238 -20.75 2.50 31.60
CA PHE A 238 -20.82 3.90 31.19
C PHE A 238 -20.59 3.97 29.68
N GLY A 239 -20.92 5.11 29.10
CA GLY A 239 -20.73 5.35 27.69
C GLY A 239 -19.86 6.57 27.46
N VAL A 240 -19.07 6.52 26.39
CA VAL A 240 -18.18 7.61 26.03
C VAL A 240 -18.46 8.02 24.58
N ALA A 241 -18.42 9.32 24.31
CA ALA A 241 -18.67 9.86 22.99
C ALA A 241 -17.53 10.79 22.59
N GLN A 242 -17.12 10.69 21.32
CA GLN A 242 -16.05 11.53 20.78
C GLN A 242 -16.57 12.32 19.59
N ASP A 243 -15.81 13.35 19.22
CA ASP A 243 -16.15 14.20 18.10
C ASP A 243 -15.47 13.68 16.83
N GLY A 244 -15.50 14.50 15.77
CA GLY A 244 -14.96 14.06 14.49
C GLY A 244 -13.47 13.80 14.53
N ASP A 245 -12.71 14.70 15.15
CA ASP A 245 -11.26 14.55 15.23
C ASP A 245 -10.81 13.82 16.49
N ALA A 246 -11.75 13.39 17.33
CA ALA A 246 -11.47 12.53 18.49
C ALA A 246 -10.52 13.19 19.48
N ASP A 247 -10.56 14.52 19.59
CA ASP A 247 -9.78 15.21 20.60
C ASP A 247 -10.58 15.50 21.86
N ARG A 248 -11.88 15.20 21.87
CA ARG A 248 -12.72 15.42 23.03
C ARG A 248 -13.46 14.12 23.36
N ALA A 249 -13.72 13.92 24.64
CA ALA A 249 -14.44 12.74 25.12
C ALA A 249 -15.55 13.19 26.04
N VAL A 250 -16.76 12.71 25.79
CA VAL A 250 -17.94 13.00 26.60
C VAL A 250 -18.45 11.70 27.18
N PHE A 251 -18.67 11.68 28.49
CA PHE A 251 -19.00 10.45 29.20
C PHE A 251 -20.46 10.46 29.65
N ILE A 252 -21.08 9.29 29.58
CA ILE A 252 -22.46 9.08 30.03
C ILE A 252 -22.44 7.96 31.07
N ASP A 253 -23.10 8.19 32.20
CA ASP A 253 -23.08 7.22 33.27
C ASP A 253 -24.00 6.04 32.95
N GLU A 254 -24.10 5.09 33.88
CA GLU A 254 -24.91 3.91 33.67
C GLU A 254 -26.40 4.22 33.60
N ASN A 255 -26.83 5.36 34.14
CA ASN A 255 -28.22 5.76 34.12
C ASN A 255 -28.59 6.60 32.91
N GLY A 256 -27.65 6.79 31.99
CA GLY A 256 -27.91 7.59 30.81
C GLY A 256 -27.91 9.09 31.04
N ARG A 257 -27.15 9.56 32.01
CA ARG A 257 -27.07 10.98 32.33
C ARG A 257 -25.84 11.59 31.66
N PHE A 258 -26.03 12.73 31.02
CA PHE A 258 -24.93 13.45 30.39
C PHE A 258 -24.03 14.03 31.48
N ILE A 259 -22.81 13.50 31.57
CA ILE A 259 -21.85 13.99 32.54
C ILE A 259 -21.12 15.19 31.97
N GLN A 260 -21.13 16.30 32.72
CA GLN A 260 -20.45 17.51 32.28
C GLN A 260 -18.95 17.27 32.21
N GLY A 261 -18.31 17.95 31.25
CA GLY A 261 -16.89 17.74 31.04
C GLY A 261 -16.05 18.15 32.24
N ASP A 262 -16.51 19.14 32.99
CA ASP A 262 -15.78 19.58 34.18
C ASP A 262 -15.67 18.47 35.21
N LYS A 263 -16.73 17.68 35.39
CA LYS A 263 -16.70 16.62 36.38
C LYS A 263 -15.75 15.48 35.99
N THR A 264 -15.75 15.08 34.72
CA THR A 264 -14.80 14.08 34.28
C THR A 264 -13.36 14.59 34.32
N PHE A 265 -13.15 15.86 33.98
CA PHE A 265 -11.84 16.47 34.15
C PHE A 265 -11.43 16.47 35.62
N ALA A 266 -12.37 16.73 36.53
CA ALA A 266 -12.06 16.69 37.95
C ALA A 266 -11.66 15.28 38.39
N LEU A 267 -12.37 14.26 37.91
CA LEU A 267 -12.00 12.89 38.24
C LEU A 267 -10.60 12.55 37.75
N VAL A 268 -10.31 12.87 36.48
CA VAL A 268 -9.00 12.59 35.91
C VAL A 268 -7.90 13.35 36.64
N ALA A 269 -8.13 14.63 36.92
CA ALA A 269 -7.14 15.44 37.63
C ALA A 269 -6.92 14.92 39.04
N ASP A 270 -7.98 14.51 39.72
CA ASP A 270 -7.82 13.93 41.06
C ASP A 270 -6.95 12.69 41.00
N ALA A 271 -7.22 11.79 40.06
CA ALA A 271 -6.40 10.58 39.95
C ALA A 271 -4.95 10.91 39.62
N VAL A 272 -4.73 11.84 38.69
CA VAL A 272 -3.37 12.17 38.26
C VAL A 272 -2.59 12.82 39.39
N LEU A 273 -3.20 13.80 40.07
CA LEU A 273 -2.53 14.49 41.16
C LEU A 273 -2.26 13.55 42.33
N ARG A 274 -3.21 12.66 42.64
CA ARG A 274 -2.98 11.68 43.69
C ARG A 274 -1.82 10.75 43.33
N GLU A 275 -1.76 10.31 42.08
CA GLU A 275 -0.64 9.48 41.64
C GLU A 275 0.66 10.28 41.62
N ASN A 276 0.57 11.57 41.28
CA ASN A 276 1.75 12.43 41.23
C ASN A 276 2.12 13.02 42.60
N GLY A 277 1.25 12.89 43.59
CA GLY A 277 1.50 13.51 44.88
C GLY A 277 1.50 15.02 44.82
N GLY A 278 0.56 15.61 44.09
CA GLY A 278 0.49 17.04 43.88
C GLY A 278 0.89 17.43 42.48
N GLY A 279 1.30 18.70 42.35
CA GLY A 279 1.72 19.25 41.08
C GLY A 279 1.00 20.55 40.82
N LEU A 280 0.91 20.89 39.54
CA LEU A 280 0.25 22.11 39.10
C LEU A 280 -0.92 21.75 38.20
N LEU A 281 -2.08 22.35 38.47
CA LEU A 281 -3.30 22.14 37.69
C LEU A 281 -3.58 23.40 36.88
N VAL A 282 -3.30 23.34 35.59
CA VAL A 282 -3.54 24.46 34.69
C VAL A 282 -4.96 24.36 34.13
N THR A 283 -5.70 25.45 34.21
CA THR A 283 -7.09 25.47 33.77
C THR A 283 -7.42 26.87 33.28
N THR A 284 -8.66 27.05 32.83
CA THR A 284 -9.15 28.34 32.39
C THR A 284 -9.93 29.00 33.52
N ILE A 285 -10.26 30.28 33.33
CA ILE A 285 -11.05 31.01 34.33
C ILE A 285 -12.53 30.70 34.26
N ALA A 286 -12.98 29.99 33.23
CA ALA A 286 -14.38 29.64 33.07
C ALA A 286 -14.72 28.27 33.64
N THR A 287 -13.75 27.56 34.21
CA THR A 287 -14.01 26.24 34.76
C THR A 287 -14.56 26.36 36.18
N SER A 288 -15.06 25.23 36.68
CA SER A 288 -15.70 25.18 37.98
C SER A 288 -14.68 25.31 39.10
N ASN A 289 -15.18 25.67 40.28
CA ASN A 289 -14.40 25.57 41.51
C ASN A 289 -14.17 24.12 41.92
N LEU A 290 -14.87 23.18 41.28
CA LEU A 290 -14.66 21.76 41.57
C LEU A 290 -13.22 21.35 41.33
N LEU A 291 -12.56 21.96 40.35
CA LEU A 291 -11.15 21.70 40.10
C LEU A 291 -10.25 22.28 41.17
N ASP A 292 -10.63 23.42 41.76
CA ASP A 292 -9.85 23.98 42.86
C ASP A 292 -9.88 23.07 44.08
N ASP A 293 -11.06 22.53 44.42
CA ASP A 293 -11.16 21.61 45.54
C ASP A 293 -10.40 20.32 45.28
N ILE A 294 -10.40 19.85 44.03
CA ILE A 294 -9.67 18.63 43.69
C ILE A 294 -8.17 18.82 43.94
N ALA A 295 -7.64 19.96 43.53
CA ALA A 295 -6.22 20.24 43.76
C ALA A 295 -5.93 20.47 45.24
N LYS A 296 -6.85 21.13 45.95
CA LYS A 296 -6.65 21.36 47.37
C LYS A 296 -6.60 20.04 48.14
N ARG A 297 -7.47 19.09 47.78
CA ARG A 297 -7.45 17.78 48.43
C ARG A 297 -6.22 16.98 48.08
N ASN A 298 -5.51 17.34 47.01
CA ASN A 298 -4.32 16.62 46.58
C ASN A 298 -3.03 17.40 46.81
N GLY A 299 -3.11 18.55 47.47
CA GLY A 299 -1.93 19.37 47.71
C GLY A 299 -1.29 19.88 46.45
N ALA A 300 -2.11 20.41 45.53
CA ALA A 300 -1.64 20.90 44.25
C ALA A 300 -2.08 22.34 44.05
N LYS A 301 -1.35 23.05 43.20
CA LYS A 301 -1.64 24.44 42.90
C LYS A 301 -2.44 24.54 41.61
N VAL A 302 -3.26 25.60 41.52
CA VAL A 302 -4.15 25.82 40.38
C VAL A 302 -3.73 27.11 39.70
N MET A 303 -3.50 27.03 38.39
CA MET A 303 -3.22 28.20 37.56
C MET A 303 -4.37 28.36 36.57
N ARG A 304 -5.01 29.52 36.60
CA ARG A 304 -6.18 29.80 35.76
C ARG A 304 -5.74 30.73 34.63
N THR A 305 -5.75 30.19 33.41
CA THR A 305 -5.35 30.94 32.23
C THR A 305 -6.59 31.48 31.52
N LYS A 306 -6.39 32.04 30.33
CA LYS A 306 -7.49 32.51 29.52
C LYS A 306 -8.20 31.33 28.85
N VAL A 307 -9.37 31.60 28.27
CA VAL A 307 -10.16 30.56 27.64
C VAL A 307 -9.50 30.15 26.33
N GLY A 308 -9.27 28.85 26.17
CA GLY A 308 -8.62 28.32 24.98
C GLY A 308 -7.72 27.14 25.29
N ASP A 309 -7.83 26.08 24.50
CA ASP A 309 -7.03 24.88 24.75
C ASP A 309 -5.55 25.13 24.44
N LEU A 310 -5.27 25.95 23.42
CA LEU A 310 -3.88 26.27 23.10
C LEU A 310 -3.22 27.02 24.24
N ILE A 311 -3.94 27.94 24.87
CA ILE A 311 -3.41 28.68 26.01
C ILE A 311 -3.10 27.73 27.16
N VAL A 312 -4.00 26.78 27.42
CA VAL A 312 -3.79 25.82 28.50
C VAL A 312 -2.56 24.95 28.21
N ALA A 313 -2.42 24.50 26.96
CA ALA A 313 -1.26 23.69 26.60
C ALA A 313 0.04 24.50 26.74
N ARG A 314 0.02 25.76 26.30
CA ARG A 314 1.20 26.60 26.44
C ARG A 314 1.57 26.81 27.91
N ALA A 315 0.57 27.04 28.76
CA ALA A 315 0.84 27.21 30.19
C ALA A 315 1.37 25.93 30.80
N LEU A 316 0.83 24.78 30.40
CA LEU A 316 1.34 23.50 30.89
C LEU A 316 2.78 23.29 30.49
N LEU A 317 3.13 23.62 29.26
CA LEU A 317 4.51 23.45 28.81
C LEU A 317 5.46 24.42 29.49
N GLU A 318 5.05 25.68 29.62
CA GLU A 318 5.94 26.69 30.18
C GLU A 318 6.16 26.50 31.67
N ASN A 319 5.10 26.20 32.42
CA ASN A 319 5.16 26.10 33.88
C ASN A 319 5.34 24.68 34.37
N ASN A 320 5.59 23.73 33.46
CA ASN A 320 5.75 22.32 33.82
C ASN A 320 4.55 21.80 34.61
N GLY A 321 3.36 22.05 34.07
CA GLY A 321 2.14 21.61 34.72
C GLY A 321 1.99 20.11 34.69
N THR A 322 1.13 19.62 35.58
CA THR A 322 0.86 18.20 35.73
C THR A 322 -0.36 17.75 34.94
N ILE A 323 -1.45 18.49 35.03
CA ILE A 323 -2.69 18.16 34.32
C ILE A 323 -3.35 19.45 33.87
N GLY A 324 -4.04 19.39 32.73
CA GLY A 324 -4.69 20.56 32.18
C GLY A 324 -6.04 20.19 31.59
N GLY A 325 -6.89 21.20 31.48
CA GLY A 325 -8.21 21.01 30.93
C GLY A 325 -8.95 22.33 30.85
N GLU A 326 -10.10 22.28 30.19
CA GLU A 326 -10.92 23.48 30.01
C GLU A 326 -12.35 23.23 30.47
N GLU A 327 -13.22 24.23 30.31
CA GLU A 327 -14.60 24.10 30.75
C GLU A 327 -15.35 23.02 29.97
N ASN A 328 -15.01 22.85 28.69
CA ASN A 328 -15.61 21.78 27.90
C ASN A 328 -15.19 20.40 28.36
N GLY A 329 -14.19 20.29 29.22
CA GLY A 329 -13.75 19.02 29.74
C GLY A 329 -12.62 18.35 28.97
N GLY A 330 -12.06 19.01 27.96
CA GLY A 330 -10.95 18.45 27.23
C GLY A 330 -9.68 18.41 28.05
N VAL A 331 -9.28 17.22 28.49
CA VAL A 331 -8.15 17.06 29.38
C VAL A 331 -6.87 16.97 28.56
N ILE A 332 -5.82 17.61 29.07
CA ILE A 332 -4.51 17.63 28.41
C ILE A 332 -3.51 16.93 29.33
N PHE A 333 -2.85 15.90 28.80
CA PHE A 333 -1.82 15.18 29.53
C PHE A 333 -0.45 15.62 29.03
N PRO A 334 0.23 16.53 29.72
CA PRO A 334 1.49 17.09 29.19
C PRO A 334 2.56 16.05 28.92
N ASP A 335 2.64 15.02 29.76
CA ASP A 335 3.64 13.97 29.55
C ASP A 335 3.37 13.14 28.31
N PHE A 336 2.12 13.09 27.84
CA PHE A 336 1.78 12.28 26.69
C PHE A 336 1.66 13.11 25.42
N VAL A 337 0.74 14.07 25.41
CA VAL A 337 0.48 14.92 24.25
C VAL A 337 0.14 16.32 24.74
N LEU A 338 0.75 17.32 24.12
CA LEU A 338 0.47 18.72 24.47
C LEU A 338 -0.78 19.21 23.73
N GLY A 339 -1.89 18.53 24.03
CA GLY A 339 -3.16 18.89 23.45
C GLY A 339 -4.23 17.99 24.02
N ARG A 340 -5.48 18.33 23.71
CA ARG A 340 -6.60 17.52 24.17
C ARG A 340 -6.54 16.13 23.55
N ASP A 341 -6.73 15.11 24.39
CA ASP A 341 -6.68 13.72 23.95
C ASP A 341 -7.91 13.00 24.50
N GLY A 342 -8.87 12.71 23.63
CA GLY A 342 -10.05 11.99 24.06
C GLY A 342 -9.77 10.56 24.44
N ALA A 343 -8.90 9.87 23.70
CA ALA A 343 -8.60 8.47 23.98
C ALA A 343 -7.80 8.31 25.28
N MET A 344 -6.83 9.19 25.53
CA MET A 344 -6.09 9.12 26.79
C MET A 344 -7.01 9.41 27.97
N THR A 345 -7.90 10.39 27.83
CA THR A 345 -8.87 10.68 28.88
C THR A 345 -9.78 9.49 29.12
N THR A 346 -10.23 8.84 28.04
CA THR A 346 -11.09 7.67 28.18
C THR A 346 -10.35 6.54 28.88
N ALA A 347 -9.09 6.31 28.53
CA ALA A 347 -8.31 5.26 29.18
C ALA A 347 -8.12 5.56 30.67
N LYS A 348 -7.82 6.81 31.01
CA LYS A 348 -7.67 7.18 32.41
C LYS A 348 -8.98 6.99 33.17
N ILE A 349 -10.10 7.39 32.57
CA ILE A 349 -11.40 7.23 33.22
C ILE A 349 -11.71 5.75 33.43
N VAL A 350 -11.39 4.92 32.43
CA VAL A 350 -11.63 3.49 32.55
C VAL A 350 -10.78 2.89 33.67
N GLU A 351 -9.52 3.32 33.78
CA GLU A 351 -8.67 2.85 34.86
C GLU A 351 -9.21 3.27 36.22
N ILE A 352 -9.68 4.52 36.32
CA ILE A 352 -10.27 5.00 37.57
C ILE A 352 -11.49 4.17 37.94
N PHE A 353 -12.35 3.91 36.95
CA PHE A 353 -13.56 3.12 37.20
C PHE A 353 -13.21 1.71 37.65
N ALA A 354 -12.21 1.10 37.01
CA ALA A 354 -11.81 -0.26 37.37
C ALA A 354 -11.23 -0.31 38.78
N LYS A 355 -10.39 0.67 39.13
CA LYS A 355 -9.74 0.65 40.44
C LYS A 355 -10.70 1.04 41.56
N SER A 356 -11.70 1.89 41.27
CA SER A 356 -12.56 2.40 42.32
C SER A 356 -13.44 1.32 42.93
N GLY A 357 -13.99 0.44 42.08
CA GLY A 357 -14.94 -0.55 42.53
C GLY A 357 -16.35 -0.05 42.68
N LYS A 358 -16.61 1.22 42.37
CA LYS A 358 -17.93 1.82 42.46
C LYS A 358 -18.54 1.95 41.07
N LYS A 359 -19.73 2.53 41.02
CA LYS A 359 -20.40 2.80 39.75
C LYS A 359 -19.99 4.17 39.24
N PHE A 360 -20.17 4.37 37.93
CA PHE A 360 -19.76 5.63 37.31
C PHE A 360 -20.53 6.81 37.88
N SER A 361 -21.85 6.65 38.06
CA SER A 361 -22.65 7.72 38.66
C SER A 361 -22.22 7.96 40.10
N GLU A 362 -21.85 6.89 40.83
CA GLU A 362 -21.35 7.06 42.19
C GLU A 362 -20.04 7.84 42.20
N LEU A 363 -19.15 7.55 41.26
CA LEU A 363 -17.89 8.30 41.16
C LEU A 363 -18.14 9.76 40.84
N ILE A 364 -19.08 10.03 39.93
CA ILE A 364 -19.39 11.41 39.57
C ILE A 364 -20.01 12.16 40.75
N ASP A 365 -20.93 11.51 41.46
CA ASP A 365 -21.65 12.18 42.54
C ASP A 365 -20.78 12.37 43.79
N GLU A 366 -19.72 11.57 43.94
CA GLU A 366 -18.85 11.72 45.11
C GLU A 366 -18.04 13.01 45.06
N LEU A 367 -17.93 13.64 43.89
CA LEU A 367 -17.25 14.93 43.79
C LEU A 367 -18.10 16.01 44.46
N PRO A 368 -17.48 17.08 44.93
CA PRO A 368 -18.25 18.19 45.51
C PRO A 368 -19.26 18.76 44.53
N LYS A 369 -20.46 19.09 45.01
CA LYS A 369 -21.56 19.48 44.15
C LYS A 369 -21.52 20.98 43.87
N TYR A 370 -21.63 21.33 42.59
CA TYR A 370 -21.69 22.72 42.17
C TYR A 370 -22.80 22.88 41.14
N TYR A 371 -23.43 24.05 41.13
CA TYR A 371 -24.52 24.34 40.22
C TYR A 371 -24.12 25.47 39.30
N GLN A 372 -24.27 25.25 37.99
CA GLN A 372 -23.84 26.20 36.97
C GLN A 372 -25.02 26.57 36.09
N PHE A 373 -25.10 27.85 35.73
CA PHE A 373 -26.15 28.35 34.85
C PHE A 373 -25.52 29.21 33.77
N LYS A 374 -26.00 29.04 32.54
CA LYS A 374 -25.42 29.71 31.38
C LYS A 374 -26.48 30.48 30.63
N THR A 375 -26.07 31.64 30.09
CA THR A 375 -26.95 32.45 29.26
C THR A 375 -26.09 33.33 28.36
N LYS A 376 -26.71 33.81 27.28
CA LYS A 376 -26.02 34.66 26.32
C LYS A 376 -26.93 35.79 25.90
N ARG A 377 -26.32 36.95 25.62
CA ARG A 377 -27.03 38.13 25.14
C ARG A 377 -26.34 38.58 23.85
N HIS A 378 -27.11 38.62 22.76
CA HIS A 378 -26.56 39.04 21.47
C HIS A 378 -26.39 40.55 21.43
N VAL A 379 -25.20 41.03 21.79
CA VAL A 379 -24.93 42.46 21.88
C VAL A 379 -23.99 42.86 20.76
N GLU A 380 -24.37 43.88 19.99
CA GLU A 380 -23.59 44.37 18.86
C GLU A 380 -22.91 45.67 19.26
N GLY A 381 -21.59 45.64 19.36
CA GLY A 381 -20.84 46.83 19.73
C GLY A 381 -19.45 46.46 20.21
N ASP A 382 -18.82 47.42 20.89
CA ASP A 382 -17.50 47.21 21.49
C ASP A 382 -17.66 46.37 22.75
N ARG A 383 -17.78 45.06 22.55
CA ARG A 383 -18.06 44.14 23.65
C ARG A 383 -16.96 44.16 24.69
N LYS A 384 -15.71 44.40 24.26
CA LYS A 384 -14.61 44.52 25.23
C LYS A 384 -14.83 45.71 26.14
N ALA A 385 -15.27 46.84 25.57
CA ALA A 385 -15.55 48.03 26.38
C ALA A 385 -16.71 47.77 27.34
N ILE A 386 -17.74 47.04 26.89
CA ILE A 386 -18.86 46.71 27.76
C ILE A 386 -18.42 45.82 28.91
N VAL A 387 -17.55 44.84 28.62
CA VAL A 387 -17.03 43.97 29.67
C VAL A 387 -16.22 44.78 30.68
N ALA A 388 -15.39 45.70 30.18
CA ALA A 388 -14.62 46.55 31.08
C ALA A 388 -15.53 47.42 31.93
N LYS A 389 -16.60 47.95 31.35
CA LYS A 389 -17.54 48.77 32.10
C LYS A 389 -18.26 47.95 33.17
N VAL A 390 -18.62 46.69 32.85
CA VAL A 390 -19.21 45.81 33.85
C VAL A 390 -18.22 45.56 34.98
N ALA A 391 -16.95 45.36 34.64
CA ALA A 391 -15.93 45.18 35.68
C ALA A 391 -15.82 46.42 36.57
N GLU A 392 -15.85 47.61 35.96
CA GLU A 392 -15.80 48.84 36.75
C GLU A 392 -17.02 48.97 37.65
N LEU A 393 -18.21 48.65 37.13
CA LEU A 393 -19.42 48.74 37.94
C LEU A 393 -19.36 47.78 39.12
N ALA A 394 -18.88 46.56 38.90
CA ALA A 394 -18.73 45.61 39.99
C ALA A 394 -17.68 46.07 40.98
N GLU A 395 -16.61 46.72 40.50
CA GLU A 395 -15.60 47.27 41.40
C GLU A 395 -16.18 48.37 42.28
N LYS A 396 -17.03 49.22 41.71
CA LYS A 396 -17.64 50.30 42.49
C LYS A 396 -18.56 49.74 43.58
N LYS A 397 -19.18 48.59 43.33
CA LYS A 397 -20.08 47.97 44.30
C LYS A 397 -19.36 47.14 45.35
N GLY A 398 -18.03 47.12 45.33
CA GLY A 398 -17.26 46.36 46.30
C GLY A 398 -17.08 44.89 45.97
N TYR A 399 -17.55 44.45 44.80
CA TYR A 399 -17.42 43.05 44.42
C TYR A 399 -15.99 42.75 44.00
N LYS A 400 -15.45 41.64 44.52
CA LYS A 400 -14.14 41.19 44.08
C LYS A 400 -14.22 40.67 42.65
N ILE A 401 -13.33 41.15 41.79
CA ILE A 401 -13.38 40.84 40.36
C ILE A 401 -12.00 40.43 39.87
N ASP A 402 -11.99 39.47 38.96
CA ASP A 402 -10.78 39.08 38.24
C ASP A 402 -11.02 39.30 36.75
N THR A 403 -10.04 39.90 36.07
CA THR A 403 -10.17 40.28 34.67
C THR A 403 -9.13 39.59 33.80
N THR A 404 -8.89 38.29 34.06
CA THR A 404 -7.98 37.53 33.21
C THR A 404 -8.56 37.36 31.81
N ASP A 405 -9.84 36.98 31.72
CA ASP A 405 -10.51 36.85 30.43
C ASP A 405 -11.99 37.15 30.68
N GLY A 406 -12.40 38.37 30.37
CA GLY A 406 -13.73 38.82 30.72
C GLY A 406 -13.78 39.40 32.12
N THR A 407 -14.98 39.41 32.68
CA THR A 407 -15.21 39.90 34.03
C THR A 407 -15.69 38.73 34.89
N LYS A 408 -14.82 38.23 35.76
CA LYS A 408 -15.14 37.15 36.68
C LYS A 408 -15.22 37.75 38.08
N ILE A 409 -16.42 37.75 38.66
CA ILE A 409 -16.67 38.32 39.98
C ILE A 409 -16.47 37.21 41.00
N ILE A 410 -15.32 37.22 41.67
CA ILE A 410 -14.95 36.14 42.60
C ILE A 410 -15.73 36.34 43.90
N PHE A 411 -16.76 35.52 44.10
CA PHE A 411 -17.53 35.54 45.34
C PHE A 411 -17.00 34.53 46.35
N ASP A 412 -17.74 34.30 47.42
CA ASP A 412 -17.31 33.40 48.50
C ASP A 412 -17.53 31.94 48.14
N ASP A 413 -18.78 31.53 47.92
CA ASP A 413 -19.09 30.15 47.57
C ASP A 413 -19.11 29.90 46.08
N GLY A 414 -18.97 30.93 45.25
CA GLY A 414 -18.99 30.76 43.81
C GLY A 414 -18.48 31.98 43.07
N TRP A 415 -19.00 32.20 41.87
CA TRP A 415 -18.60 33.34 41.06
C TRP A 415 -19.60 33.52 39.93
N VAL A 416 -19.53 34.67 39.26
CA VAL A 416 -20.25 34.93 38.03
C VAL A 416 -19.25 35.51 37.02
N LEU A 417 -19.26 34.97 35.81
CA LEU A 417 -18.32 35.37 34.78
C LEU A 417 -19.05 36.03 33.62
N VAL A 418 -18.59 37.21 33.23
CA VAL A 418 -19.14 37.95 32.09
C VAL A 418 -18.06 38.01 31.04
N ARG A 419 -18.15 37.15 30.03
CA ARG A 419 -17.17 37.07 28.96
C ARG A 419 -17.86 37.19 27.61
N ALA A 420 -17.25 37.93 26.70
CA ALA A 420 -17.79 38.15 25.37
C ALA A 420 -17.07 37.28 24.36
N SER A 421 -17.83 36.53 23.58
CA SER A 421 -17.24 35.66 22.57
C SER A 421 -16.61 36.50 21.46
N GLY A 422 -15.40 36.13 21.05
CA GLY A 422 -14.71 36.87 20.02
C GLY A 422 -15.39 36.78 18.67
N THR A 423 -15.82 35.57 18.30
CA THR A 423 -16.40 35.37 16.96
C THR A 423 -17.81 35.93 16.88
N GLU A 424 -18.72 35.39 17.67
CA GLU A 424 -20.11 35.82 17.64
C GLU A 424 -20.28 37.16 18.36
N PRO A 425 -21.27 37.96 17.96
CA PRO A 425 -21.56 39.22 18.67
C PRO A 425 -22.45 38.99 19.89
N ILE A 426 -21.99 38.12 20.79
CA ILE A 426 -22.73 37.77 22.00
C ILE A 426 -21.81 37.93 23.19
N ILE A 427 -22.42 38.17 24.36
CA ILE A 427 -21.70 38.29 25.63
C ILE A 427 -22.28 37.24 26.56
N ARG A 428 -21.62 36.11 26.68
CA ARG A 428 -22.10 35.02 27.52
C ARG A 428 -21.86 35.34 28.99
N ILE A 429 -22.79 34.89 29.83
CA ILE A 429 -22.70 35.08 31.27
C ILE A 429 -22.66 33.70 31.92
N PHE A 430 -21.57 33.42 32.64
CA PHE A 430 -21.40 32.16 33.33
C PHE A 430 -21.50 32.40 34.84
N SER A 431 -22.31 31.60 35.51
CA SER A 431 -22.52 31.73 36.95
C SER A 431 -22.35 30.37 37.61
N GLU A 432 -21.84 30.38 38.84
CA GLU A 432 -21.66 29.14 39.58
C GLU A 432 -21.70 29.42 41.07
N ALA A 433 -22.18 28.43 41.83
CA ALA A 433 -22.22 28.48 43.28
C ALA A 433 -22.38 27.07 43.80
N LYS A 434 -22.46 26.94 45.12
CA LYS A 434 -22.62 25.64 45.75
C LYS A 434 -24.08 25.24 45.93
N SER A 435 -25.02 26.10 45.55
CA SER A 435 -26.44 25.80 45.66
C SER A 435 -27.17 26.31 44.43
N GLU A 436 -28.33 25.71 44.17
CA GLU A 436 -29.12 26.08 42.98
C GLU A 436 -29.59 27.52 43.09
N GLU A 437 -30.20 27.89 44.22
CA GLU A 437 -30.76 29.23 44.36
C GLU A 437 -29.68 30.30 44.29
N LYS A 438 -28.55 30.06 44.97
CA LYS A 438 -27.49 31.06 44.99
C LYS A 438 -26.81 31.19 43.63
N ALA A 439 -26.69 30.08 42.89
CA ALA A 439 -26.14 30.15 41.53
C ALA A 439 -27.01 31.01 40.63
N ARG A 440 -28.34 30.85 40.72
CA ARG A 440 -29.24 31.70 39.97
C ARG A 440 -29.19 33.14 40.46
N GLU A 441 -28.99 33.33 41.76
CA GLU A 441 -28.84 34.69 42.31
C GLU A 441 -27.63 35.38 41.71
N TYR A 442 -26.51 34.66 41.59
CA TYR A 442 -25.32 35.23 40.97
C TYR A 442 -25.55 35.47 39.49
N LEU A 443 -26.30 34.60 38.83
CA LEU A 443 -26.58 34.78 37.41
C LEU A 443 -27.38 36.05 37.17
N GLU A 444 -28.38 36.31 38.02
CA GLU A 444 -29.20 37.52 37.86
C GLU A 444 -28.35 38.77 38.04
N LEU A 445 -27.40 38.74 38.97
CA LEU A 445 -26.49 39.87 39.16
C LEU A 445 -25.66 40.11 37.91
N GLY A 446 -25.20 39.04 37.26
CA GLY A 446 -24.44 39.20 36.02
C GLY A 446 -25.26 39.83 34.92
N ILE A 447 -26.52 39.40 34.79
CA ILE A 447 -27.41 40.01 33.82
C ILE A 447 -27.71 41.46 34.19
N LYS A 448 -27.86 41.72 35.48
CA LYS A 448 -28.15 43.07 35.95
C LYS A 448 -27.01 44.03 35.59
N LEU A 449 -25.78 43.60 35.84
CA LEU A 449 -24.63 44.47 35.54
C LEU A 449 -24.48 44.68 34.04
N LEU A 450 -24.74 43.64 33.25
CA LEU A 450 -24.64 43.79 31.80
C LEU A 450 -25.65 44.79 31.27
N GLU A 451 -26.89 44.74 31.78
CA GLU A 451 -27.90 45.70 31.36
C GLU A 451 -27.53 47.12 31.79
N GLU A 452 -26.96 47.26 32.99
CA GLU A 452 -26.54 48.58 33.46
C GLU A 452 -25.47 49.18 32.56
N ALA A 453 -24.50 48.36 32.15
CA ALA A 453 -23.46 48.84 31.24
C ALA A 453 -24.05 49.18 29.88
N LEU A 454 -24.99 48.37 29.39
CA LEU A 454 -25.62 48.58 28.10
C LEU A 454 -26.49 49.83 28.12
N LYS B 3 23.12 -30.69 9.94
CA LYS B 3 22.15 -31.54 9.26
C LYS B 3 21.21 -30.71 8.38
N LEU B 4 20.56 -29.72 8.99
CA LEU B 4 19.61 -28.88 8.28
C LEU B 4 20.25 -27.60 7.76
N PHE B 5 20.81 -26.78 8.65
CA PHE B 5 21.42 -25.53 8.27
C PHE B 5 22.88 -25.74 7.83
N GLY B 6 23.33 -24.89 6.93
CA GLY B 6 24.70 -24.87 6.49
C GLY B 6 25.55 -23.92 7.31
N THR B 7 26.54 -23.31 6.65
CA THR B 7 27.38 -22.33 7.32
C THR B 7 26.57 -21.12 7.77
N PHE B 8 25.67 -20.64 6.91
CA PHE B 8 24.80 -19.51 7.25
C PHE B 8 23.48 -19.73 6.53
N GLY B 9 22.52 -20.33 7.23
CA GLY B 9 21.20 -20.59 6.68
C GLY B 9 21.14 -21.89 5.92
N VAL B 10 19.91 -22.28 5.59
CA VAL B 10 19.62 -23.48 4.82
C VAL B 10 19.31 -23.06 3.38
N ARG B 11 19.74 -23.88 2.42
CA ARG B 11 19.59 -23.55 1.02
C ARG B 11 19.21 -24.80 0.23
N GLY B 12 18.56 -24.59 -0.90
CA GLY B 12 18.15 -25.69 -1.76
C GLY B 12 17.37 -25.17 -2.94
N ILE B 13 16.90 -26.10 -3.76
CA ILE B 13 16.12 -25.77 -4.94
C ILE B 13 14.71 -25.41 -4.51
N ALA B 14 14.23 -24.26 -5.00
CA ALA B 14 12.90 -23.79 -4.65
C ALA B 14 11.84 -24.72 -5.20
N ASN B 15 10.81 -25.00 -4.38
CA ASN B 15 9.68 -25.87 -4.66
C ASN B 15 10.06 -27.33 -4.80
N GLU B 16 11.34 -27.69 -4.64
CA GLU B 16 11.76 -29.07 -4.59
C GLU B 16 12.31 -29.43 -3.21
N GLU B 17 13.30 -28.69 -2.72
CA GLU B 17 13.80 -28.84 -1.36
C GLU B 17 13.26 -27.76 -0.43
N ILE B 18 13.33 -26.51 -0.83
CA ILE B 18 12.78 -25.40 -0.06
C ILE B 18 11.34 -25.22 -0.53
N THR B 19 10.46 -26.02 0.03
CA THR B 19 9.04 -25.99 -0.26
C THR B 19 8.33 -25.05 0.70
N PRO B 20 7.11 -24.63 0.39
CA PRO B 20 6.35 -23.82 1.36
C PRO B 20 6.13 -24.52 2.69
N GLU B 21 6.01 -25.85 2.69
CA GLU B 21 5.98 -26.59 3.95
C GLU B 21 7.28 -26.43 4.72
N PHE B 22 8.41 -26.47 4.01
CA PHE B 22 9.70 -26.30 4.66
C PHE B 22 9.83 -24.90 5.28
N ALA B 23 9.43 -23.87 4.52
CA ALA B 23 9.50 -22.52 5.04
C ALA B 23 8.55 -22.31 6.21
N LEU B 24 7.35 -22.90 6.13
CA LEU B 24 6.40 -22.80 7.23
C LEU B 24 6.94 -23.46 8.49
N LYS B 25 7.53 -24.65 8.34
CA LYS B 25 8.12 -25.33 9.49
C LYS B 25 9.30 -24.56 10.06
N ILE B 26 10.12 -23.96 9.20
CA ILE B 26 11.24 -23.15 9.68
C ILE B 26 10.73 -21.95 10.46
N GLY B 27 9.69 -21.28 9.95
CA GLY B 27 9.12 -20.16 10.67
C GLY B 27 8.53 -20.57 12.02
N MET B 28 7.82 -21.70 12.04
CA MET B 28 7.26 -22.19 13.30
C MET B 28 8.35 -22.53 14.29
N ALA B 29 9.43 -23.17 13.83
CA ALA B 29 10.53 -23.51 14.73
C ALA B 29 11.22 -22.26 15.26
N PHE B 30 11.41 -21.25 14.40
CA PHE B 30 12.04 -20.01 14.85
C PHE B 30 11.16 -19.29 15.86
N GLY B 31 9.85 -19.24 15.61
CA GLY B 31 8.95 -18.63 16.56
C GLY B 31 8.90 -19.38 17.88
N THR B 32 8.96 -20.72 17.82
CA THR B 32 9.01 -21.50 19.04
C THR B 32 10.28 -21.23 19.82
N LEU B 33 11.41 -21.10 19.13
CA LEU B 33 12.65 -20.73 19.79
C LEU B 33 12.53 -19.37 20.46
N LEU B 34 11.92 -18.41 19.78
CA LEU B 34 11.80 -17.07 20.34
C LEU B 34 10.85 -17.04 21.55
N LYS B 35 9.76 -17.80 21.50
CA LYS B 35 8.81 -17.84 22.61
C LYS B 35 9.34 -18.62 23.80
N ARG B 36 10.06 -19.71 23.57
CA ARG B 36 10.62 -20.49 24.67
C ARG B 36 11.78 -19.78 25.35
N GLU B 37 12.28 -18.69 24.80
CA GLU B 37 13.37 -17.92 25.37
C GLU B 37 12.88 -16.75 26.22
N GLY B 38 11.68 -16.85 26.77
CA GLY B 38 11.16 -15.85 27.69
C GLY B 38 10.29 -14.74 27.09
N ARG B 39 10.65 -14.27 25.90
CA ARG B 39 9.91 -13.20 25.25
C ARG B 39 8.46 -13.60 25.02
N GLU B 40 7.54 -12.70 25.37
CA GLU B 40 6.11 -13.01 25.30
C GLU B 40 5.48 -12.64 23.96
N ARG B 41 5.95 -11.57 23.32
CA ARG B 41 5.50 -11.18 21.99
C ARG B 41 6.73 -10.83 21.15
N PRO B 42 7.47 -11.83 20.70
CA PRO B 42 8.70 -11.55 19.95
C PRO B 42 8.40 -10.82 18.64
N LEU B 43 9.34 -9.98 18.24
CA LEU B 43 9.25 -9.21 17.00
C LEU B 43 10.29 -9.73 16.03
N VAL B 44 9.86 -10.07 14.82
CA VAL B 44 10.73 -10.64 13.80
C VAL B 44 10.68 -9.75 12.57
N VAL B 45 11.86 -9.43 12.04
CA VAL B 45 11.98 -8.69 10.79
C VAL B 45 12.25 -9.69 9.67
N VAL B 46 11.37 -9.73 8.69
CA VAL B 46 11.44 -10.71 7.60
C VAL B 46 11.61 -9.96 6.29
N GLY B 47 12.62 -10.38 5.51
CA GLY B 47 12.85 -9.81 4.21
C GLY B 47 13.26 -10.87 3.22
N ARG B 48 13.37 -10.48 1.96
CA ARG B 48 13.72 -11.41 0.90
C ARG B 48 14.44 -10.64 -0.21
N ASP B 49 15.08 -11.40 -1.09
CA ASP B 49 15.72 -10.83 -2.27
C ASP B 49 14.71 -10.83 -3.43
N THR B 50 15.21 -10.59 -4.65
CA THR B 50 14.33 -10.45 -5.80
C THR B 50 13.87 -11.79 -6.38
N ARG B 51 14.31 -12.91 -5.82
CA ARG B 51 14.02 -14.22 -6.40
C ARG B 51 12.52 -14.45 -6.52
N VAL B 52 12.12 -15.12 -7.60
CA VAL B 52 10.69 -15.26 -7.90
C VAL B 52 10.00 -16.12 -6.87
N SER B 53 10.69 -17.13 -6.33
CA SER B 53 10.11 -17.99 -5.31
C SER B 53 10.11 -17.35 -3.92
N GLY B 54 10.66 -16.15 -3.78
CA GLY B 54 10.79 -15.54 -2.47
C GLY B 54 9.45 -15.20 -1.84
N GLU B 55 8.51 -14.68 -2.64
CA GLU B 55 7.24 -14.23 -2.08
C GLU B 55 6.43 -15.38 -1.49
N MET B 56 6.38 -16.51 -2.19
CA MET B 56 5.69 -17.69 -1.65
C MET B 56 6.36 -18.21 -0.39
N LEU B 57 7.69 -18.32 -0.40
CA LEU B 57 8.43 -18.74 0.77
C LEU B 57 8.31 -17.74 1.92
N LYS B 58 8.36 -16.45 1.62
CA LYS B 58 8.17 -15.44 2.65
CA LYS B 58 8.18 -15.44 2.66
C LYS B 58 6.78 -15.54 3.27
N ASP B 59 5.76 -15.76 2.44
CA ASP B 59 4.40 -15.90 2.96
C ASP B 59 4.29 -17.11 3.88
N ALA B 60 4.87 -18.24 3.46
CA ALA B 60 4.83 -19.43 4.32
C ALA B 60 5.58 -19.19 5.64
N LEU B 61 6.76 -18.55 5.57
CA LEU B 61 7.53 -18.29 6.77
C LEU B 61 6.79 -17.35 7.72
N ILE B 62 6.19 -16.30 7.17
CA ILE B 62 5.46 -15.34 8.01
C ILE B 62 4.24 -16.00 8.62
N SER B 63 3.53 -16.83 7.87
CA SER B 63 2.40 -17.55 8.43
C SER B 63 2.85 -18.46 9.57
N GLY B 64 4.00 -19.12 9.41
CA GLY B 64 4.54 -19.93 10.49
C GLY B 64 4.92 -19.11 11.72
N LEU B 65 5.50 -17.93 11.51
CA LEU B 65 5.91 -17.09 12.63
C LEU B 65 4.70 -16.55 13.39
N LEU B 66 3.66 -16.14 12.66
CA LEU B 66 2.47 -15.60 13.30
C LEU B 66 1.74 -16.64 14.14
N SER B 67 1.76 -17.92 13.73
CA SER B 67 1.10 -18.97 14.49
C SER B 67 1.75 -19.19 15.85
N THR B 68 3.02 -18.84 16.01
CA THR B 68 3.73 -19.00 17.26
C THR B 68 3.54 -17.81 18.20
N GLY B 69 2.83 -16.78 17.77
CA GLY B 69 2.61 -15.60 18.58
C GLY B 69 3.63 -14.51 18.42
N CYS B 70 4.42 -14.53 17.35
CA CYS B 70 5.46 -13.53 17.11
C CYS B 70 4.96 -12.47 16.13
N ASP B 71 5.15 -11.21 16.49
CA ASP B 71 4.86 -10.11 15.57
C ASP B 71 5.93 -10.06 14.49
N VAL B 72 5.51 -9.79 13.26
CA VAL B 72 6.39 -9.84 12.10
C VAL B 72 6.40 -8.48 11.42
N ILE B 73 7.58 -7.97 11.13
CA ILE B 73 7.76 -6.79 10.30
C ILE B 73 8.22 -7.26 8.93
N ASP B 74 7.39 -7.03 7.91
CA ASP B 74 7.71 -7.42 6.55
C ASP B 74 8.35 -6.23 5.85
N VAL B 75 9.65 -6.32 5.58
CA VAL B 75 10.38 -5.23 4.96
C VAL B 75 10.47 -5.39 3.45
N GLY B 76 9.77 -6.38 2.89
CA GLY B 76 9.75 -6.55 1.45
C GLY B 76 11.10 -6.98 0.89
N ILE B 77 11.35 -6.57 -0.34
CA ILE B 77 12.61 -6.89 -1.01
C ILE B 77 13.68 -5.90 -0.53
N ALA B 78 14.77 -6.43 -0.02
CA ALA B 78 15.87 -5.61 0.49
C ALA B 78 17.12 -6.46 0.52
N PRO B 79 18.30 -5.85 0.48
CA PRO B 79 19.54 -6.61 0.64
C PRO B 79 19.62 -7.27 2.01
N THR B 80 20.32 -8.39 2.06
CA THR B 80 20.53 -9.07 3.34
C THR B 80 21.16 -8.17 4.39
N PRO B 81 22.24 -7.41 4.11
CA PRO B 81 22.72 -6.46 5.12
C PRO B 81 21.68 -5.43 5.51
N ALA B 82 20.82 -5.01 4.58
CA ALA B 82 19.75 -4.08 4.93
C ALA B 82 18.75 -4.73 5.89
N ILE B 83 18.45 -6.02 5.69
CA ILE B 83 17.53 -6.70 6.58
C ILE B 83 18.16 -6.90 7.95
N GLN B 84 19.46 -7.18 8.02
CA GLN B 84 20.13 -7.25 9.31
C GLN B 84 20.13 -5.90 10.01
N TRP B 85 20.38 -4.82 9.26
CA TRP B 85 20.33 -3.49 9.83
C TRP B 85 18.95 -3.14 10.34
N ALA B 86 17.90 -3.59 9.63
CA ALA B 86 16.54 -3.34 10.09
C ALA B 86 16.21 -4.18 11.32
N THR B 87 16.73 -5.40 11.39
CA THR B 87 16.53 -6.22 12.58
C THR B 87 17.14 -5.55 13.80
N ASN B 88 18.34 -5.00 13.66
CA ASN B 88 18.92 -4.25 14.76
C ASN B 88 18.20 -2.92 15.00
N HIS B 89 17.64 -2.34 13.94
CA HIS B 89 17.06 -1.00 14.02
C HIS B 89 15.68 -1.03 14.69
N PHE B 90 14.90 -2.07 14.43
CA PHE B 90 13.56 -2.20 14.97
C PHE B 90 13.56 -2.83 16.35
N ASN B 91 14.73 -3.12 16.91
CA ASN B 91 14.87 -3.81 18.19
C ASN B 91 14.12 -5.13 18.17
N ALA B 92 14.22 -5.82 17.04
CA ALA B 92 13.52 -7.10 16.89
C ALA B 92 14.24 -8.19 17.68
N ASP B 93 13.48 -9.22 18.05
CA ASP B 93 14.03 -10.37 18.74
C ASP B 93 14.65 -11.38 17.78
N GLY B 94 14.54 -11.16 16.48
CA GLY B 94 15.12 -12.05 15.50
C GLY B 94 14.90 -11.49 14.12
N GLY B 95 15.45 -12.19 13.14
CA GLY B 95 15.32 -11.78 11.75
C GLY B 95 15.39 -12.99 10.84
N ALA B 96 14.81 -12.84 9.66
CA ALA B 96 14.80 -13.91 8.68
C ALA B 96 14.95 -13.32 7.29
N VAL B 97 15.82 -13.92 6.48
CA VAL B 97 16.06 -13.48 5.10
C VAL B 97 15.77 -14.66 4.18
N ILE B 98 14.87 -14.45 3.22
CA ILE B 98 14.59 -15.45 2.20
C ILE B 98 15.50 -15.17 1.01
N THR B 99 16.61 -15.90 0.93
CA THR B 99 17.58 -15.67 -0.14
C THR B 99 18.47 -16.90 -0.28
N ALA B 100 19.08 -17.02 -1.46
CA ALA B 100 20.09 -18.03 -1.72
C ALA B 100 21.43 -17.41 -2.10
N SER B 101 21.62 -16.13 -1.77
CA SER B 101 22.86 -15.41 -2.03
C SER B 101 23.17 -15.37 -3.52
N HIS B 102 24.22 -16.08 -3.94
CA HIS B 102 24.70 -16.05 -5.31
C HIS B 102 24.27 -17.28 -6.11
N ASN B 103 23.40 -18.11 -5.57
CA ASN B 103 23.02 -19.35 -6.24
C ASN B 103 22.16 -19.06 -7.46
N PRO B 104 22.09 -20.01 -8.39
CA PRO B 104 21.30 -19.81 -9.62
C PRO B 104 19.85 -19.50 -9.31
N PRO B 105 19.08 -19.04 -10.30
CA PRO B 105 17.70 -18.58 -10.03
C PRO B 105 16.79 -19.65 -9.43
N GLU B 106 17.05 -20.93 -9.68
CA GLU B 106 16.18 -22.00 -9.19
C GLU B 106 16.35 -22.26 -7.70
N TYR B 107 17.31 -21.64 -7.05
CA TYR B 107 17.59 -21.88 -5.64
C TYR B 107 16.96 -20.80 -4.77
N ASN B 108 16.71 -21.16 -3.52
CA ASN B 108 16.26 -20.22 -2.50
C ASN B 108 16.61 -20.80 -1.14
N GLY B 109 16.49 -19.98 -0.11
CA GLY B 109 16.84 -20.42 1.22
C GLY B 109 16.39 -19.41 2.25
N ILE B 110 16.66 -19.75 3.51
CA ILE B 110 16.28 -18.93 4.65
C ILE B 110 17.49 -18.74 5.54
N LYS B 111 17.76 -17.49 5.93
CA LYS B 111 18.80 -17.16 6.90
C LYS B 111 18.13 -16.57 8.13
N LEU B 112 18.40 -17.17 9.28
CA LEU B 112 17.86 -16.67 10.54
C LEU B 112 18.89 -15.80 11.24
N LEU B 113 18.41 -14.70 11.83
CA LEU B 113 19.28 -13.66 12.38
C LEU B 113 19.08 -13.52 13.88
N GLU B 114 20.05 -12.89 14.52
CA GLU B 114 20.02 -12.61 15.95
C GLU B 114 19.33 -11.26 16.18
N PRO B 115 19.04 -10.91 17.44
CA PRO B 115 18.42 -9.60 17.71
C PRO B 115 19.26 -8.43 17.24
N ASN B 116 20.57 -8.56 17.14
CA ASN B 116 21.44 -7.50 16.66
C ASN B 116 21.66 -7.55 15.16
N GLY B 117 21.04 -8.48 14.46
CA GLY B 117 21.17 -8.62 13.03
C GLY B 117 22.18 -9.66 12.59
N MET B 118 23.07 -10.08 13.48
CA MET B 118 24.05 -11.09 13.15
C MET B 118 23.35 -12.44 12.92
N GLY B 119 23.98 -13.28 12.10
CA GLY B 119 23.42 -14.60 11.84
C GLY B 119 23.25 -15.39 13.12
N LEU B 120 22.27 -16.30 13.10
CA LEU B 120 21.88 -17.03 14.29
C LEU B 120 23.04 -17.88 14.82
N LYS B 121 23.16 -17.93 16.14
CA LYS B 121 24.22 -18.70 16.77
C LYS B 121 24.02 -20.19 16.54
N LYS B 122 25.12 -20.95 16.65
CA LYS B 122 25.07 -22.37 16.35
C LYS B 122 24.25 -23.13 17.39
N GLU B 123 24.27 -22.67 18.64
CA GLU B 123 23.43 -23.31 19.66
C GLU B 123 21.96 -23.07 19.39
N ARG B 124 21.59 -21.82 19.09
CA ARG B 124 20.21 -21.53 18.74
C ARG B 124 19.82 -22.17 17.41
N GLU B 125 20.77 -22.30 16.48
CA GLU B 125 20.50 -23.04 15.26
C GLU B 125 20.23 -24.51 15.54
N ALA B 126 20.96 -25.11 16.49
CA ALA B 126 20.70 -26.49 16.88
C ALA B 126 19.33 -26.64 17.51
N ILE B 127 18.93 -25.67 18.35
CA ILE B 127 17.60 -25.71 18.94
C ILE B 127 16.54 -25.60 17.84
N VAL B 128 16.76 -24.72 16.87
CA VAL B 128 15.82 -24.59 15.75
C VAL B 128 15.74 -25.88 14.95
N GLU B 129 16.87 -26.54 14.72
CA GLU B 129 16.86 -27.82 14.03
C GLU B 129 16.09 -28.88 14.81
N GLU B 130 16.28 -28.93 16.12
CA GLU B 130 15.55 -29.88 16.95
C GLU B 130 14.04 -29.62 16.88
N LEU B 131 13.64 -28.35 16.96
CA LEU B 131 12.22 -28.03 16.85
C LEU B 131 11.68 -28.36 15.46
N PHE B 132 12.48 -28.11 14.42
CA PHE B 132 12.05 -28.40 13.05
C PHE B 132 11.82 -29.88 12.86
N PHE B 133 12.72 -30.72 13.36
CA PHE B 133 12.61 -32.16 13.12
C PHE B 133 11.63 -32.83 14.06
N SER B 134 11.46 -32.29 15.27
CA SER B 134 10.48 -32.84 16.21
C SER B 134 9.10 -32.22 16.06
N GLU B 135 9.00 -31.07 15.39
CA GLU B 135 7.73 -30.36 15.18
C GLU B 135 7.04 -30.04 16.51
N ASP B 136 7.82 -29.84 17.56
CA ASP B 136 7.27 -29.46 18.87
C ASP B 136 7.11 -27.95 18.91
N PHE B 137 6.19 -27.46 18.07
CA PHE B 137 6.01 -26.04 17.86
C PHE B 137 5.05 -25.47 18.90
N HIS B 138 5.31 -24.24 19.31
CA HIS B 138 4.38 -23.51 20.16
C HIS B 138 3.28 -22.91 19.31
N ARG B 139 2.04 -23.29 19.58
CA ARG B 139 0.87 -22.80 18.84
C ARG B 139 0.13 -21.82 19.73
N ALA B 140 0.20 -20.54 19.38
CA ALA B 140 -0.47 -19.51 20.15
C ALA B 140 -1.98 -19.66 20.05
N LYS B 141 -2.67 -19.16 21.08
CA LYS B 141 -4.11 -19.15 21.07
C LYS B 141 -4.63 -18.17 20.02
N TRP B 142 -5.95 -18.20 19.81
CA TRP B 142 -6.55 -17.35 18.79
C TRP B 142 -6.31 -15.87 19.07
N ASN B 143 -6.34 -15.48 20.33
CA ASN B 143 -6.11 -14.09 20.69
C ASN B 143 -4.64 -13.72 20.78
N GLU B 144 -3.74 -14.70 20.77
CA GLU B 144 -2.31 -14.46 20.86
C GLU B 144 -1.61 -14.57 19.52
N ILE B 145 -2.36 -14.68 18.42
CA ILE B 145 -1.75 -14.74 17.10
C ILE B 145 -1.00 -13.44 16.83
N GLY B 146 0.20 -13.57 16.25
CA GLY B 146 1.01 -12.39 15.99
C GLY B 146 0.40 -11.50 14.92
N GLU B 147 0.85 -10.25 14.92
CA GLU B 147 0.39 -9.25 13.98
C GLU B 147 1.48 -8.94 12.96
N LEU B 148 1.06 -8.69 11.73
CA LEU B 148 1.98 -8.43 10.63
C LEU B 148 1.82 -6.98 10.16
N ARG B 149 2.94 -6.26 10.10
CA ARG B 149 2.96 -4.91 9.55
C ARG B 149 4.14 -4.78 8.60
N LYS B 150 4.00 -3.88 7.64
CA LYS B 150 4.98 -3.70 6.58
C LYS B 150 5.73 -2.38 6.76
N GLU B 151 7.05 -2.43 6.59
CA GLU B 151 7.89 -1.26 6.68
C GLU B 151 8.81 -1.19 5.46
N ASP B 152 9.18 0.02 5.09
CA ASP B 152 10.15 0.25 4.02
C ASP B 152 11.47 0.67 4.66
N ILE B 153 12.53 -0.05 4.35
CA ILE B 153 13.83 0.16 4.98
C ILE B 153 14.91 0.60 4.00
N ILE B 154 14.59 0.71 2.72
CA ILE B 154 15.61 1.04 1.74
C ILE B 154 16.16 2.45 1.97
N LYS B 155 15.27 3.44 2.09
CA LYS B 155 15.72 4.81 2.31
C LYS B 155 16.40 4.99 3.67
N PRO B 156 15.85 4.48 4.79
CA PRO B 156 16.59 4.59 6.05
C PRO B 156 17.95 3.91 6.00
N TYR B 157 18.05 2.76 5.33
CA TYR B 157 19.34 2.07 5.21
C TYR B 157 20.34 2.91 4.41
N ILE B 158 19.88 3.51 3.30
CA ILE B 158 20.75 4.35 2.50
C ILE B 158 21.21 5.56 3.31
N GLU B 159 20.29 6.17 4.06
CA GLU B 159 20.67 7.32 4.89
C GLU B 159 21.64 6.92 5.97
N ALA B 160 21.47 5.73 6.55
CA ALA B 160 22.41 5.24 7.55
C ALA B 160 23.80 5.05 6.96
N ILE B 161 23.87 4.51 5.74
CA ILE B 161 25.17 4.40 5.08
C ILE B 161 25.71 5.79 4.73
N LYS B 162 24.85 6.68 4.28
CA LYS B 162 25.27 8.02 3.87
C LYS B 162 25.84 8.83 5.02
N ASN B 163 25.39 8.58 6.25
CA ASN B 163 25.85 9.31 7.42
C ASN B 163 27.13 8.73 8.00
N ARG B 164 27.80 7.84 7.27
CA ARG B 164 29.01 7.19 7.77
C ARG B 164 30.23 7.48 6.91
N VAL B 165 30.10 8.30 5.86
CA VAL B 165 31.20 8.63 4.98
C VAL B 165 31.22 10.13 4.72
N ASP B 166 32.33 10.61 4.19
CA ASP B 166 32.50 12.02 3.86
C ASP B 166 31.81 12.29 2.54
N VAL B 167 30.54 12.70 2.61
CA VAL B 167 29.76 12.95 1.41
C VAL B 167 30.31 14.17 0.66
N GLU B 168 30.81 15.17 1.39
CA GLU B 168 31.30 16.38 0.75
C GLU B 168 32.49 16.10 -0.15
N ALA B 169 33.42 15.25 0.31
CA ALA B 169 34.57 14.91 -0.51
C ALA B 169 34.15 14.17 -1.78
N ILE B 170 33.20 13.25 -1.65
CA ILE B 170 32.71 12.51 -2.82
C ILE B 170 32.05 13.47 -3.81
N LYS B 171 31.23 14.39 -3.31
CA LYS B 171 30.58 15.36 -4.19
C LYS B 171 31.61 16.25 -4.87
N LYS B 172 32.66 16.63 -4.15
CA LYS B 172 33.74 17.42 -4.75
C LYS B 172 34.42 16.64 -5.88
N ARG B 173 34.72 15.37 -5.64
CA ARG B 173 35.38 14.56 -6.65
C ARG B 173 34.41 14.15 -7.75
N ARG B 174 33.19 13.77 -7.39
CA ARG B 174 32.18 13.21 -8.30
C ARG B 174 32.76 12.05 -9.09
N PRO B 175 32.97 10.89 -8.47
CA PRO B 175 33.46 9.73 -9.21
C PRO B 175 32.44 9.25 -10.22
N PHE B 176 32.94 8.66 -11.31
CA PHE B 176 32.10 8.02 -12.32
C PHE B 176 32.17 6.52 -12.07
N VAL B 177 31.10 5.97 -11.48
CA VAL B 177 31.05 4.59 -11.04
C VAL B 177 29.99 3.85 -11.84
N VAL B 178 30.37 2.67 -12.35
CA VAL B 178 29.43 1.76 -12.98
C VAL B 178 29.08 0.67 -11.99
N VAL B 179 27.80 0.51 -11.71
CA VAL B 179 27.32 -0.44 -10.70
C VAL B 179 26.51 -1.53 -11.40
N ASP B 180 26.86 -2.78 -11.14
CA ASP B 180 26.16 -3.94 -11.68
C ASP B 180 25.53 -4.67 -10.50
N THR B 181 24.23 -4.53 -10.33
CA THR B 181 23.54 -5.19 -9.22
C THR B 181 23.04 -6.58 -9.58
N SER B 182 23.17 -6.99 -10.84
CA SER B 182 22.81 -8.34 -11.29
C SER B 182 21.34 -8.65 -11.00
N ASN B 183 20.47 -7.67 -11.19
CA ASN B 183 19.03 -7.81 -10.99
C ASN B 183 18.67 -8.28 -9.59
N GLY B 184 19.57 -8.10 -8.63
CA GLY B 184 19.38 -8.59 -7.28
C GLY B 184 18.75 -7.54 -6.38
N ALA B 185 18.81 -7.81 -5.07
CA ALA B 185 18.25 -6.89 -4.09
C ALA B 185 19.03 -5.59 -4.02
N GLY B 186 20.26 -5.56 -4.53
CA GLY B 186 21.04 -4.34 -4.59
C GLY B 186 20.63 -3.37 -5.67
N SER B 187 19.72 -3.77 -6.56
CA SER B 187 19.19 -2.89 -7.57
C SER B 187 18.32 -1.78 -6.99
N LEU B 188 17.95 -1.88 -5.71
CA LEU B 188 17.15 -0.87 -5.05
C LEU B 188 17.95 0.02 -4.12
N THR B 189 19.19 -0.32 -3.80
CA THR B 189 19.97 0.45 -2.83
C THR B 189 21.23 1.06 -3.43
N LEU B 190 22.06 0.23 -4.07
CA LEU B 190 23.41 0.68 -4.42
C LEU B 190 23.41 1.83 -5.43
N PRO B 191 22.67 1.77 -6.55
CA PRO B 191 22.67 2.93 -7.46
C PRO B 191 22.19 4.22 -6.80
N TYR B 192 21.14 4.14 -5.99
CA TYR B 192 20.62 5.32 -5.31
C TYR B 192 21.59 5.82 -4.25
N LEU B 193 22.21 4.90 -3.50
CA LEU B 193 23.22 5.30 -2.52
C LEU B 193 24.39 6.00 -3.20
N LEU B 194 24.86 5.46 -4.32
CA LEU B 194 25.96 6.08 -5.04
C LEU B 194 25.57 7.45 -5.58
N ARG B 195 24.33 7.59 -6.06
CA ARG B 195 23.87 8.89 -6.53
C ARG B 195 23.83 9.90 -5.40
N GLU B 196 23.33 9.50 -4.23
CA GLU B 196 23.26 10.43 -3.10
C GLU B 196 24.64 10.74 -2.53
N LEU B 197 25.61 9.84 -2.72
CA LEU B 197 26.97 10.14 -2.29
C LEU B 197 27.57 11.29 -3.10
N GLY B 198 27.22 11.39 -4.38
CA GLY B 198 27.71 12.45 -5.22
C GLY B 198 28.44 11.94 -6.44
N CYS B 199 28.16 10.72 -6.86
CA CYS B 199 28.83 10.08 -7.97
C CYS B 199 27.97 10.13 -9.23
N LYS B 200 28.63 10.03 -10.37
CA LYS B 200 27.93 9.82 -11.64
C LYS B 200 27.72 8.33 -11.82
N VAL B 201 26.46 7.90 -11.87
CA VAL B 201 26.11 6.50 -11.76
C VAL B 201 25.55 6.03 -13.10
N VAL B 202 26.20 5.02 -13.68
CA VAL B 202 25.66 4.27 -14.80
C VAL B 202 25.47 2.84 -14.31
N SER B 203 24.22 2.40 -14.22
CA SER B 203 23.90 1.12 -13.62
C SER B 203 23.62 0.08 -14.70
N VAL B 204 24.11 -1.13 -14.46
CA VAL B 204 23.93 -2.27 -15.36
C VAL B 204 23.11 -3.32 -14.64
N ASN B 205 22.04 -3.79 -15.28
CA ASN B 205 21.16 -4.81 -14.71
C ASN B 205 20.60 -4.36 -13.36
N ALA B 206 20.22 -3.09 -13.27
CA ALA B 206 19.73 -2.51 -12.03
C ALA B 206 18.22 -2.54 -11.92
N HIS B 207 17.55 -3.32 -12.77
CA HIS B 207 16.12 -3.54 -12.62
C HIS B 207 15.90 -4.84 -11.88
N PRO B 208 15.17 -4.83 -10.76
CA PRO B 208 15.04 -6.05 -9.95
C PRO B 208 14.21 -7.13 -10.63
N ASP B 209 14.87 -8.21 -11.02
CA ASP B 209 14.21 -9.32 -11.71
C ASP B 209 14.73 -10.63 -11.12
N GLY B 210 13.83 -11.45 -10.62
CA GLY B 210 14.19 -12.72 -10.01
C GLY B 210 14.54 -13.81 -10.99
N HIS B 211 14.30 -13.61 -12.28
CA HIS B 211 14.70 -14.57 -13.29
C HIS B 211 16.16 -14.43 -13.69
N PHE B 212 16.80 -13.31 -13.32
CA PHE B 212 18.19 -13.01 -13.65
C PHE B 212 18.44 -13.20 -15.14
N PRO B 213 17.82 -12.38 -15.99
CA PRO B 213 17.96 -12.59 -17.45
C PRO B 213 19.38 -12.44 -17.95
N ALA B 214 20.21 -11.63 -17.28
CA ALA B 214 21.55 -11.34 -17.78
C ALA B 214 22.52 -12.49 -17.51
N ARG B 215 22.69 -12.82 -16.24
CA ARG B 215 23.65 -13.83 -15.83
C ARG B 215 23.27 -14.36 -14.45
N ASN B 216 24.00 -15.36 -13.99
CA ASN B 216 23.80 -15.84 -12.63
C ASN B 216 24.25 -14.76 -11.64
N PRO B 217 23.61 -14.65 -10.48
CA PRO B 217 23.91 -13.53 -9.58
C PRO B 217 25.27 -13.62 -8.90
N GLU B 218 26.11 -14.58 -9.29
CA GLU B 218 27.44 -14.70 -8.71
C GLU B 218 28.40 -13.80 -9.46
N PRO B 219 28.95 -12.75 -8.84
CA PRO B 219 29.86 -11.83 -9.55
C PRO B 219 31.32 -12.28 -9.51
N ASN B 220 31.64 -13.27 -10.33
CA ASN B 220 33.02 -13.71 -10.52
C ASN B 220 33.55 -13.18 -11.85
N GLU B 221 34.84 -13.41 -12.09
CA GLU B 221 35.47 -12.86 -13.29
C GLU B 221 34.84 -13.40 -14.57
N GLU B 222 34.52 -14.70 -14.60
CA GLU B 222 33.87 -15.28 -15.77
C GLU B 222 32.51 -14.63 -16.01
N ASN B 223 31.75 -14.39 -14.95
CA ASN B 223 30.46 -13.73 -15.10
C ASN B 223 30.61 -12.24 -15.39
N LEU B 224 31.68 -11.62 -14.89
CA LEU B 224 31.90 -10.19 -15.04
C LEU B 224 32.76 -9.83 -16.24
N LYS B 225 33.03 -10.79 -17.13
CA LYS B 225 33.79 -10.50 -18.34
C LYS B 225 33.15 -9.37 -19.14
N GLY B 226 31.84 -9.42 -19.34
CA GLY B 226 31.16 -8.35 -20.06
C GLY B 226 31.14 -7.05 -19.28
N PHE B 227 30.97 -7.13 -17.96
CA PHE B 227 30.93 -5.93 -17.14
C PHE B 227 32.27 -5.19 -17.16
N MET B 228 33.38 -5.93 -17.18
CA MET B 228 34.69 -5.30 -17.34
C MET B 228 34.79 -4.58 -18.67
N GLU B 229 34.26 -5.17 -19.74
CA GLU B 229 34.24 -4.50 -21.03
C GLU B 229 33.42 -3.22 -20.97
N ILE B 230 32.28 -3.25 -20.27
CA ILE B 230 31.45 -2.06 -20.11
C ILE B 230 32.22 -0.98 -19.37
N VAL B 231 32.92 -1.37 -18.30
CA VAL B 231 33.68 -0.40 -17.52
C VAL B 231 34.78 0.23 -18.36
N LYS B 232 35.47 -0.58 -19.16
CA LYS B 232 36.50 -0.05 -20.06
C LYS B 232 35.90 0.91 -21.07
N ALA B 233 34.79 0.51 -21.70
CA ALA B 233 34.20 1.31 -22.77
C ALA B 233 33.69 2.64 -22.26
N LEU B 234 33.02 2.64 -21.10
CA LEU B 234 32.42 3.86 -20.58
C LEU B 234 33.45 4.86 -20.08
N GLY B 235 34.70 4.45 -19.91
CA GLY B 235 35.71 5.36 -19.37
C GLY B 235 35.41 5.78 -17.95
N ALA B 236 34.96 4.85 -17.11
CA ALA B 236 34.58 5.15 -15.75
C ALA B 236 35.78 5.07 -14.82
N ASP B 237 35.64 5.71 -13.65
CA ASP B 237 36.71 5.67 -12.65
C ASP B 237 36.91 4.25 -12.14
N PHE B 238 35.82 3.55 -11.83
CA PHE B 238 35.87 2.15 -11.44
C PHE B 238 34.46 1.59 -11.51
N GLY B 239 34.37 0.27 -11.45
CA GLY B 239 33.08 -0.41 -11.48
C GLY B 239 32.94 -1.35 -10.31
N VAL B 240 31.71 -1.45 -9.79
CA VAL B 240 31.40 -2.30 -8.65
C VAL B 240 30.25 -3.22 -9.03
N ALA B 241 30.37 -4.50 -8.68
CA ALA B 241 29.36 -5.50 -8.96
C ALA B 241 28.92 -6.18 -7.66
N GLN B 242 27.62 -6.41 -7.55
CA GLN B 242 27.04 -7.05 -6.37
C GLN B 242 26.34 -8.34 -6.76
N ASP B 243 26.08 -9.18 -5.76
CA ASP B 243 25.40 -10.44 -5.96
C ASP B 243 23.89 -10.26 -5.76
N GLY B 244 23.17 -11.38 -5.68
CA GLY B 244 21.72 -11.31 -5.59
C GLY B 244 21.23 -10.64 -4.32
N ASP B 245 21.81 -10.99 -3.18
CA ASP B 245 21.41 -10.40 -1.90
C ASP B 245 22.20 -9.15 -1.55
N ALA B 246 23.13 -8.74 -2.41
CA ALA B 246 23.85 -7.48 -2.25
C ALA B 246 24.65 -7.43 -0.95
N ASP B 247 25.09 -8.58 -0.48
CA ASP B 247 25.96 -8.64 0.69
C ASP B 247 27.44 -8.68 0.32
N ARG B 248 27.77 -8.75 -0.96
CA ARG B 248 29.14 -8.74 -1.43
C ARG B 248 29.30 -7.70 -2.52
N ALA B 249 30.50 -7.14 -2.61
CA ALA B 249 30.82 -6.12 -3.62
C ALA B 249 32.14 -6.48 -4.27
N VAL B 250 32.14 -6.53 -5.60
CA VAL B 250 33.34 -6.81 -6.38
C VAL B 250 33.66 -5.59 -7.21
N PHE B 251 34.91 -5.14 -7.16
CA PHE B 251 35.31 -3.89 -7.78
C PHE B 251 36.17 -4.14 -9.02
N ILE B 252 35.98 -3.28 -10.02
CA ILE B 252 36.73 -3.31 -11.27
C ILE B 252 37.36 -1.94 -11.46
N ASP B 253 38.66 -1.92 -11.76
CA ASP B 253 39.35 -0.65 -11.91
C ASP B 253 39.02 0.00 -13.24
N GLU B 254 39.62 1.17 -13.48
CA GLU B 254 39.35 1.92 -14.70
C GLU B 254 39.83 1.21 -15.95
N ASN B 255 40.77 0.28 -15.81
CA ASN B 255 41.30 -0.48 -16.94
C ASN B 255 40.54 -1.78 -17.19
N GLY B 256 39.46 -2.02 -16.45
CA GLY B 256 38.69 -3.24 -16.63
C GLY B 256 39.32 -4.47 -16.04
N ARG B 257 40.10 -4.32 -14.97
CA ARG B 257 40.77 -5.43 -14.32
C ARG B 257 39.96 -5.88 -13.11
N PHE B 258 39.74 -7.19 -13.00
CA PHE B 258 39.04 -7.77 -11.86
C PHE B 258 39.90 -7.63 -10.62
N ILE B 259 39.47 -6.78 -9.68
CA ILE B 259 40.21 -6.59 -8.44
C ILE B 259 39.80 -7.68 -7.46
N GLN B 260 40.78 -8.38 -6.92
CA GLN B 260 40.53 -9.42 -5.94
C GLN B 260 39.94 -8.81 -4.67
N GLY B 261 39.05 -9.57 -4.03
CA GLY B 261 38.37 -9.06 -2.85
C GLY B 261 39.31 -8.76 -1.71
N ASP B 262 40.42 -9.49 -1.62
CA ASP B 262 41.39 -9.24 -0.56
C ASP B 262 41.99 -7.84 -0.67
N LYS B 263 42.25 -7.37 -1.88
CA LYS B 263 42.85 -6.06 -2.06
C LYS B 263 41.88 -4.93 -1.66
N THR B 264 40.61 -5.06 -2.05
CA THR B 264 39.62 -4.06 -1.64
C THR B 264 39.39 -4.09 -0.14
N PHE B 265 39.38 -5.29 0.45
CA PHE B 265 39.30 -5.40 1.90
C PHE B 265 40.50 -4.74 2.56
N ALA B 266 41.69 -4.90 1.96
CA ALA B 266 42.88 -4.25 2.50
C ALA B 266 42.76 -2.74 2.45
N LEU B 267 42.25 -2.20 1.34
CA LEU B 267 42.05 -0.76 1.24
C LEU B 267 41.07 -0.26 2.30
N VAL B 268 39.94 -0.94 2.43
CA VAL B 268 38.92 -0.52 3.40
C VAL B 268 39.47 -0.62 4.81
N ALA B 269 40.16 -1.71 5.13
CA ALA B 269 40.72 -1.90 6.46
C ALA B 269 41.79 -0.85 6.76
N ASP B 270 42.62 -0.53 5.77
CA ASP B 270 43.62 0.51 5.96
C ASP B 270 42.96 1.83 6.31
N ALA B 271 41.93 2.21 5.55
CA ALA B 271 41.23 3.47 5.83
C ALA B 271 40.60 3.46 7.21
N VAL B 272 39.93 2.35 7.57
CA VAL B 272 39.23 2.29 8.84
C VAL B 272 40.21 2.33 10.01
N LEU B 273 41.28 1.54 9.94
CA LEU B 273 42.27 1.51 11.01
C LEU B 273 42.98 2.85 11.14
N ARG B 274 43.30 3.50 10.01
CA ARG B 274 43.92 4.81 10.07
C ARG B 274 43.00 5.83 10.72
N GLU B 275 41.71 5.79 10.36
CA GLU B 275 40.75 6.69 11.00
C GLU B 275 40.41 6.27 12.43
N ASN B 276 40.80 5.08 12.86
CA ASN B 276 40.57 4.63 14.22
C ASN B 276 41.82 4.63 15.09
N GLY B 277 42.98 4.93 14.53
CA GLY B 277 44.21 4.86 15.29
C GLY B 277 44.54 3.45 15.73
N GLY B 278 44.41 2.47 14.84
CA GLY B 278 44.62 1.09 15.18
C GLY B 278 43.35 0.41 15.65
N GLY B 279 43.49 -0.85 16.03
CA GLY B 279 42.36 -1.64 16.48
C GLY B 279 42.63 -3.12 16.30
N LEU B 280 41.56 -3.87 16.09
CA LEU B 280 41.64 -5.31 15.86
C LEU B 280 41.11 -5.61 14.48
N LEU B 281 41.87 -6.39 13.71
CA LEU B 281 41.50 -6.79 12.36
C LEU B 281 41.18 -8.28 12.38
N VAL B 282 39.90 -8.60 12.56
CA VAL B 282 39.46 -9.99 12.56
C VAL B 282 39.31 -10.47 11.12
N THR B 283 39.89 -11.64 10.82
CA THR B 283 39.80 -12.20 9.48
C THR B 283 39.94 -13.72 9.59
N THR B 284 40.01 -14.36 8.42
CA THR B 284 40.15 -15.81 8.33
C THR B 284 41.61 -16.19 8.11
N ILE B 285 41.86 -17.50 8.17
CA ILE B 285 43.22 -18.02 7.94
C ILE B 285 43.57 -18.15 6.47
N ALA B 286 42.60 -18.00 5.58
CA ALA B 286 42.86 -18.02 4.15
C ALA B 286 43.11 -16.64 3.57
N THR B 287 43.00 -15.59 4.40
CA THR B 287 43.21 -14.23 3.95
C THR B 287 44.70 -13.97 3.77
N SER B 288 45.04 -13.19 2.74
CA SER B 288 46.41 -12.89 2.40
C SER B 288 47.12 -12.18 3.57
N ASN B 289 48.45 -12.22 3.53
CA ASN B 289 49.27 -11.41 4.44
C ASN B 289 49.17 -9.93 4.13
N LEU B 290 48.58 -9.56 2.99
CA LEU B 290 48.36 -8.15 2.67
C LEU B 290 47.59 -7.45 3.78
N LEU B 291 46.66 -8.16 4.43
CA LEU B 291 45.94 -7.60 5.56
C LEU B 291 46.79 -7.51 6.81
N ASP B 292 47.77 -8.39 6.98
CA ASP B 292 48.69 -8.28 8.11
C ASP B 292 49.56 -7.05 8.00
N ASP B 293 50.08 -6.77 6.80
CA ASP B 293 50.90 -5.58 6.60
C ASP B 293 50.08 -4.31 6.79
N ILE B 294 48.81 -4.34 6.40
CA ILE B 294 47.92 -3.19 6.59
C ILE B 294 47.78 -2.89 8.08
N ALA B 295 47.59 -3.93 8.89
CA ALA B 295 47.49 -3.72 10.33
C ALA B 295 48.81 -3.28 10.93
N LYS B 296 49.92 -3.83 10.45
CA LYS B 296 51.23 -3.42 10.96
C LYS B 296 51.49 -1.95 10.68
N ARG B 297 51.14 -1.48 9.47
CA ARG B 297 51.32 -0.08 9.13
C ARG B 297 50.37 0.84 9.88
N ASN B 298 49.32 0.29 10.51
CA ASN B 298 48.35 1.09 11.24
C ASN B 298 48.37 0.84 12.75
N GLY B 299 49.31 0.03 13.24
CA GLY B 299 49.37 -0.27 14.65
C GLY B 299 48.16 -1.03 15.16
N ALA B 300 47.76 -2.06 14.43
CA ALA B 300 46.58 -2.84 14.78
C ALA B 300 46.94 -4.32 14.85
N LYS B 301 46.15 -5.06 15.61
CA LYS B 301 46.35 -6.50 15.79
C LYS B 301 45.44 -7.26 14.84
N VAL B 302 45.87 -8.48 14.48
CA VAL B 302 45.16 -9.33 13.54
C VAL B 302 44.72 -10.59 14.27
N MET B 303 43.44 -10.90 14.20
CA MET B 303 42.89 -12.15 14.70
C MET B 303 42.44 -12.99 13.51
N ARG B 304 43.00 -14.19 13.38
CA ARG B 304 42.68 -15.07 12.26
C ARG B 304 41.78 -16.19 12.75
N THR B 305 40.51 -16.15 12.32
CA THR B 305 39.53 -17.14 12.73
C THR B 305 39.43 -18.22 11.65
N LYS B 306 38.46 -19.12 11.79
CA LYS B 306 38.22 -20.15 10.78
C LYS B 306 37.49 -19.55 9.58
N VAL B 307 37.43 -20.32 8.50
CA VAL B 307 36.81 -19.83 7.28
C VAL B 307 35.30 -19.76 7.46
N GLY B 308 34.74 -18.59 7.18
CA GLY B 308 33.31 -18.37 7.34
C GLY B 308 33.00 -16.97 7.83
N ASP B 309 32.03 -16.32 7.20
CA ASP B 309 31.66 -14.96 7.56
C ASP B 309 30.95 -14.86 8.92
N LEU B 310 30.17 -15.89 9.28
CA LEU B 310 29.56 -15.90 10.61
C LEU B 310 30.59 -15.97 11.72
N ILE B 311 31.65 -16.76 11.53
CA ILE B 311 32.72 -16.82 12.52
C ILE B 311 33.42 -15.47 12.63
N VAL B 312 33.65 -14.80 11.51
CA VAL B 312 34.29 -13.50 11.54
C VAL B 312 33.41 -12.48 12.29
N ALA B 313 32.11 -12.49 12.01
CA ALA B 313 31.21 -11.58 12.71
C ALA B 313 31.17 -11.89 14.20
N ARG B 314 31.15 -13.18 14.56
CA ARG B 314 31.15 -13.55 15.97
CA ARG B 314 31.15 -13.55 15.97
C ARG B 314 32.42 -13.08 16.67
N ALA B 315 33.58 -13.24 16.02
CA ALA B 315 34.82 -12.79 16.63
C ALA B 315 34.89 -11.27 16.72
N LEU B 316 34.32 -10.58 15.74
CA LEU B 316 34.26 -9.13 15.81
C LEU B 316 33.39 -8.67 16.97
N LEU B 317 32.26 -9.34 17.20
CA LEU B 317 31.38 -8.95 18.29
C LEU B 317 31.99 -9.29 19.64
N GLU B 318 32.58 -10.47 19.78
CA GLU B 318 33.09 -10.93 21.06
C GLU B 318 34.35 -10.16 21.48
N ASN B 319 35.27 -9.95 20.54
CA ASN B 319 36.54 -9.31 20.83
C ASN B 319 36.51 -7.80 20.59
N ASN B 320 35.34 -7.25 20.26
CA ASN B 320 35.20 -5.84 19.95
C ASN B 320 36.17 -5.45 18.85
N GLY B 321 36.03 -6.07 17.68
CA GLY B 321 36.91 -5.77 16.58
C GLY B 321 36.56 -4.47 15.89
N THR B 322 37.51 -3.98 15.09
CA THR B 322 37.34 -2.73 14.36
C THR B 322 36.83 -2.97 12.94
N ILE B 323 37.44 -3.92 12.24
CA ILE B 323 37.06 -4.25 10.87
C ILE B 323 37.22 -5.75 10.67
N GLY B 324 36.39 -6.31 9.80
CA GLY B 324 36.42 -7.73 9.54
C GLY B 324 36.21 -8.02 8.07
N GLY B 325 36.67 -9.19 7.66
CA GLY B 325 36.53 -9.62 6.28
C GLY B 325 37.07 -11.01 6.10
N GLU B 326 36.83 -11.56 4.91
CA GLU B 326 37.25 -12.90 4.55
C GLU B 326 38.09 -12.86 3.28
N GLU B 327 38.56 -14.03 2.86
CA GLU B 327 39.36 -14.13 1.65
C GLU B 327 38.56 -13.73 0.41
N ASN B 328 37.25 -13.96 0.42
CA ASN B 328 36.40 -13.55 -0.69
C ASN B 328 36.25 -12.03 -0.77
N GLY B 329 36.68 -11.30 0.25
CA GLY B 329 36.61 -9.85 0.23
C GLY B 329 35.37 -9.24 0.86
N GLY B 330 34.50 -10.04 1.45
CA GLY B 330 33.32 -9.49 2.11
C GLY B 330 33.66 -8.79 3.40
N VAL B 331 33.60 -7.46 3.39
CA VAL B 331 34.01 -6.65 4.53
C VAL B 331 32.84 -6.52 5.50
N ILE B 332 33.15 -6.59 6.79
CA ILE B 332 32.15 -6.47 7.86
C ILE B 332 32.48 -5.23 8.68
N PHE B 333 31.50 -4.35 8.84
CA PHE B 333 31.66 -3.15 9.65
C PHE B 333 30.90 -3.34 10.96
N PRO B 334 31.60 -3.70 12.04
CA PRO B 334 30.89 -4.04 13.29
C PRO B 334 30.02 -2.93 13.84
N ASP B 335 30.45 -1.66 13.69
CA ASP B 335 29.66 -0.55 14.17
C ASP B 335 28.36 -0.38 13.38
N PHE B 336 28.34 -0.78 12.11
CA PHE B 336 27.16 -0.60 11.27
C PHE B 336 26.28 -1.84 11.27
N VAL B 337 26.81 -2.95 10.77
CA VAL B 337 26.06 -4.20 10.64
C VAL B 337 27.00 -5.36 10.94
N LEU B 338 26.54 -6.31 11.75
CA LEU B 338 27.32 -7.49 12.07
C LEU B 338 27.19 -8.55 10.97
N GLY B 339 27.57 -8.13 9.76
CA GLY B 339 27.55 -9.02 8.61
C GLY B 339 28.15 -8.32 7.41
N ARG B 340 28.35 -9.11 6.36
CA ARG B 340 28.90 -8.54 5.13
C ARG B 340 27.93 -7.53 4.54
N ASP B 341 28.46 -6.36 4.17
CA ASP B 341 27.66 -5.26 3.63
C ASP B 341 28.34 -4.77 2.35
N GLY B 342 27.76 -5.10 1.20
CA GLY B 342 28.30 -4.63 -0.06
C GLY B 342 28.18 -3.14 -0.25
N ALA B 343 27.04 -2.56 0.14
CA ALA B 343 26.82 -1.14 -0.05
C ALA B 343 27.70 -0.29 0.86
N MET B 344 27.88 -0.70 2.11
CA MET B 344 28.78 0.03 3.00
C MET B 344 30.22 -0.05 2.51
N THR B 345 30.64 -1.22 2.04
CA THR B 345 31.97 -1.37 1.46
C THR B 345 32.13 -0.47 0.24
N THR B 346 31.11 -0.42 -0.62
CA THR B 346 31.17 0.44 -1.80
C THR B 346 31.27 1.91 -1.41
N ALA B 347 30.49 2.32 -0.40
CA ALA B 347 30.55 3.72 0.05
C ALA B 347 31.93 4.05 0.61
N LYS B 348 32.50 3.14 1.41
CA LYS B 348 33.84 3.38 1.95
C LYS B 348 34.87 3.46 0.84
N ILE B 349 34.77 2.58 -0.16
CA ILE B 349 35.71 2.59 -1.28
C ILE B 349 35.58 3.89 -2.06
N VAL B 350 34.35 4.35 -2.27
CA VAL B 350 34.12 5.61 -2.98
C VAL B 350 34.74 6.78 -2.21
N GLU B 351 34.55 6.78 -0.88
CA GLU B 351 35.14 7.83 -0.06
C GLU B 351 36.67 7.80 -0.14
N ILE B 352 37.25 6.61 -0.09
CA ILE B 352 38.71 6.48 -0.21
C ILE B 352 39.18 7.00 -1.56
N PHE B 353 38.48 6.64 -2.64
CA PHE B 353 38.86 7.09 -3.97
C PHE B 353 38.76 8.60 -4.09
N ALA B 354 37.71 9.19 -3.52
CA ALA B 354 37.53 10.64 -3.59
C ALA B 354 38.61 11.37 -2.79
N LYS B 355 38.96 10.86 -1.61
CA LYS B 355 39.95 11.53 -0.78
C LYS B 355 41.37 11.33 -1.29
N SER B 356 41.64 10.19 -1.95
CA SER B 356 43.00 9.88 -2.34
C SER B 356 43.52 10.82 -3.43
N GLY B 357 42.68 11.13 -4.41
CA GLY B 357 43.10 11.90 -5.55
C GLY B 357 43.80 11.11 -6.63
N LYS B 358 43.95 9.80 -6.46
CA LYS B 358 44.60 8.93 -7.42
C LYS B 358 43.56 8.15 -8.20
N LYS B 359 44.03 7.29 -9.10
CA LYS B 359 43.17 6.39 -9.84
C LYS B 359 42.96 5.10 -9.05
N PHE B 360 41.90 4.38 -9.41
CA PHE B 360 41.58 3.14 -8.69
C PHE B 360 42.69 2.11 -8.84
N SER B 361 43.22 1.96 -10.06
CA SER B 361 44.33 1.03 -10.26
C SER B 361 45.57 1.48 -9.50
N GLU B 362 45.79 2.80 -9.41
CA GLU B 362 46.92 3.30 -8.63
C GLU B 362 46.75 2.98 -7.14
N LEU B 363 45.53 3.15 -6.62
CA LEU B 363 45.27 2.80 -5.23
C LEU B 363 45.46 1.31 -4.97
N ILE B 364 44.99 0.46 -5.90
CA ILE B 364 45.14 -0.97 -5.71
C ILE B 364 46.59 -1.41 -5.81
N ASP B 365 47.35 -0.84 -6.75
CA ASP B 365 48.74 -1.23 -6.95
C ASP B 365 49.67 -0.71 -5.87
N GLU B 366 49.27 0.34 -5.15
CA GLU B 366 50.11 0.86 -4.08
C GLU B 366 50.17 -0.07 -2.88
N LEU B 367 49.25 -1.03 -2.78
CA LEU B 367 49.30 -2.01 -1.71
C LEU B 367 50.46 -2.97 -1.95
N PRO B 368 50.99 -3.59 -0.88
CA PRO B 368 52.05 -4.60 -1.06
C PRO B 368 51.61 -5.74 -1.96
N LYS B 369 52.52 -6.22 -2.80
CA LYS B 369 52.19 -7.18 -3.84
C LYS B 369 52.34 -8.60 -3.30
N TYR B 370 51.29 -9.40 -3.49
CA TYR B 370 51.31 -10.82 -3.14
C TYR B 370 50.75 -11.61 -4.31
N TYR B 371 51.27 -12.82 -4.49
CA TYR B 371 50.87 -13.70 -5.59
C TYR B 371 50.25 -14.96 -5.01
N GLN B 372 49.07 -15.30 -5.52
CA GLN B 372 48.28 -16.39 -4.97
C GLN B 372 47.92 -17.39 -6.06
N PHE B 373 47.87 -18.66 -5.71
CA PHE B 373 47.48 -19.72 -6.63
C PHE B 373 46.51 -20.67 -5.92
N LYS B 374 45.53 -21.16 -6.68
CA LYS B 374 44.48 -21.99 -6.14
C LYS B 374 44.37 -23.29 -6.94
N THR B 375 44.04 -24.37 -6.24
CA THR B 375 43.82 -25.66 -6.87
C THR B 375 42.95 -26.50 -5.95
N LYS B 376 42.31 -27.51 -6.53
CA LYS B 376 41.42 -28.39 -5.78
C LYS B 376 41.58 -29.83 -6.26
N ARG B 377 41.53 -30.76 -5.32
CA ARG B 377 41.59 -32.18 -5.61
C ARG B 377 40.31 -32.83 -5.10
N HIS B 378 39.61 -33.54 -5.99
CA HIS B 378 38.35 -34.18 -5.62
C HIS B 378 38.61 -35.49 -4.90
N VAL B 379 39.07 -35.42 -3.66
CA VAL B 379 39.39 -36.62 -2.88
C VAL B 379 38.18 -37.01 -2.05
N GLU B 380 37.81 -38.30 -2.12
CA GLU B 380 36.68 -38.83 -1.37
C GLU B 380 37.22 -39.69 -0.23
N GLY B 381 36.89 -39.31 0.99
CA GLY B 381 37.35 -40.05 2.15
C GLY B 381 37.30 -39.18 3.40
N ASP B 382 38.04 -39.62 4.42
CA ASP B 382 38.15 -38.86 5.67
C ASP B 382 39.11 -37.68 5.48
N ARG B 383 38.59 -36.65 4.82
CA ARG B 383 39.37 -35.47 4.44
C ARG B 383 39.99 -34.80 5.66
N LYS B 384 39.29 -34.81 6.79
CA LYS B 384 39.85 -34.26 8.02
C LYS B 384 41.08 -35.04 8.44
N ALA B 385 41.02 -36.37 8.37
CA ALA B 385 42.18 -37.18 8.70
C ALA B 385 43.32 -36.95 7.72
N ILE B 386 42.99 -36.75 6.44
CA ILE B 386 44.02 -36.48 5.44
C ILE B 386 44.72 -35.15 5.75
N VAL B 387 43.94 -34.13 6.10
CA VAL B 387 44.51 -32.84 6.45
C VAL B 387 45.40 -32.97 7.69
N ALA B 388 44.93 -33.71 8.69
CA ALA B 388 45.75 -33.93 9.88
C ALA B 388 47.05 -34.65 9.55
N LYS B 389 46.98 -35.64 8.66
CA LYS B 389 48.19 -36.37 8.28
C LYS B 389 49.15 -35.47 7.51
N VAL B 390 48.63 -34.59 6.66
CA VAL B 390 49.48 -33.62 5.98
C VAL B 390 50.15 -32.70 7.00
N ALA B 391 49.41 -32.29 8.03
CA ALA B 391 49.99 -31.47 9.08
C ALA B 391 51.11 -32.21 9.79
N GLU B 392 50.90 -33.50 10.09
CA GLU B 392 51.95 -34.29 10.74
C GLU B 392 53.19 -34.42 9.85
N LEU B 393 52.98 -34.67 8.55
CA LEU B 393 54.10 -34.78 7.64
C LEU B 393 54.89 -33.49 7.55
N ALA B 394 54.19 -32.35 7.50
CA ALA B 394 54.87 -31.07 7.47
C ALA B 394 55.61 -30.82 8.79
N GLU B 395 55.03 -31.26 9.91
CA GLU B 395 55.70 -31.13 11.20
C GLU B 395 56.98 -31.95 11.23
N LYS B 396 56.96 -33.16 10.67
CA LYS B 396 58.15 -34.00 10.65
C LYS B 396 59.26 -33.38 9.82
N LYS B 397 58.92 -32.58 8.82
CA LYS B 397 59.91 -31.94 7.95
C LYS B 397 60.38 -30.60 8.49
N GLY B 398 59.92 -30.19 9.67
CA GLY B 398 60.32 -28.93 10.25
C GLY B 398 59.53 -27.73 9.80
N TYR B 399 58.51 -27.93 8.96
CA TYR B 399 57.71 -26.81 8.47
C TYR B 399 56.84 -26.25 9.60
N LYS B 400 56.83 -24.94 9.74
CA LYS B 400 55.93 -24.28 10.68
C LYS B 400 54.50 -24.39 10.16
N ILE B 401 53.59 -24.86 11.02
CA ILE B 401 52.23 -25.17 10.62
C ILE B 401 51.24 -24.58 11.62
N ASP B 402 50.11 -24.09 11.11
CA ASP B 402 48.99 -23.67 11.91
C ASP B 402 47.77 -24.48 11.50
N THR B 403 47.02 -24.95 12.49
CA THR B 403 45.90 -25.86 12.26
C THR B 403 44.59 -25.27 12.76
N THR B 404 44.43 -23.95 12.60
CA THR B 404 43.17 -23.31 12.98
C THR B 404 42.02 -23.83 12.11
N ASP B 405 42.25 -23.93 10.80
CA ASP B 405 41.26 -24.46 9.86
C ASP B 405 42.03 -25.05 8.70
N GLY B 406 42.19 -26.38 8.70
CA GLY B 406 43.03 -27.03 7.73
C GLY B 406 44.49 -27.03 8.16
N THR B 407 45.36 -27.23 7.19
CA THR B 407 46.80 -27.23 7.41
C THR B 407 47.41 -26.04 6.69
N LYS B 408 47.92 -25.08 7.44
CA LYS B 408 48.54 -23.88 6.90
C LYS B 408 50.01 -23.88 7.27
N ILE B 409 50.87 -24.09 6.28
CA ILE B 409 52.31 -24.07 6.46
C ILE B 409 52.79 -22.64 6.31
N ILE B 410 53.45 -22.11 7.32
CA ILE B 410 53.86 -20.70 7.37
C ILE B 410 55.33 -20.60 6.98
N PHE B 411 55.63 -19.72 6.03
CA PHE B 411 56.99 -19.44 5.61
C PHE B 411 57.36 -18.01 5.96
N ASP B 412 58.61 -17.65 5.66
CA ASP B 412 59.08 -16.30 5.96
C ASP B 412 58.38 -15.26 5.09
N ASP B 413 58.17 -15.57 3.81
CA ASP B 413 57.57 -14.61 2.88
C ASP B 413 56.13 -14.96 2.49
N GLY B 414 55.70 -16.20 2.67
CA GLY B 414 54.36 -16.59 2.30
C GLY B 414 53.84 -17.77 3.07
N TRP B 415 52.88 -18.50 2.50
CA TRP B 415 52.32 -19.67 3.15
C TRP B 415 51.66 -20.55 2.10
N VAL B 416 51.39 -21.79 2.49
CA VAL B 416 50.55 -22.70 1.72
C VAL B 416 49.52 -23.30 2.66
N LEU B 417 48.26 -23.30 2.24
CA LEU B 417 47.15 -23.77 3.06
C LEU B 417 46.51 -24.98 2.42
N VAL B 418 46.34 -26.05 3.19
CA VAL B 418 45.68 -27.26 2.75
C VAL B 418 44.40 -27.39 3.58
N ARG B 419 43.27 -27.02 3.00
CA ARG B 419 41.98 -27.06 3.68
C ARG B 419 40.98 -27.83 2.84
N ALA B 420 40.18 -28.66 3.50
CA ALA B 420 39.17 -29.47 2.85
C ALA B 420 37.81 -28.80 2.97
N SER B 421 37.10 -28.70 1.85
CA SER B 421 35.77 -28.09 1.86
C SER B 421 34.78 -28.99 2.60
N GLY B 422 33.92 -28.36 3.39
CA GLY B 422 32.94 -29.06 4.18
C GLY B 422 31.62 -29.33 3.49
N THR B 423 31.49 -28.99 2.21
CA THR B 423 30.27 -29.21 1.47
C THR B 423 30.39 -30.22 0.33
N GLU B 424 31.55 -30.30 -0.30
CA GLU B 424 31.80 -31.23 -1.40
C GLU B 424 33.10 -31.97 -1.14
N PRO B 425 33.24 -33.20 -1.67
CA PRO B 425 34.47 -33.98 -1.45
C PRO B 425 35.65 -33.45 -2.25
N ILE B 426 36.07 -32.23 -1.93
CA ILE B 426 37.19 -31.57 -2.58
C ILE B 426 38.12 -31.01 -1.52
N ILE B 427 39.42 -31.24 -1.69
CA ILE B 427 40.44 -30.71 -0.79
C ILE B 427 41.18 -29.62 -1.56
N ARG B 428 40.98 -28.38 -1.18
CA ARG B 428 41.60 -27.25 -1.87
C ARG B 428 42.93 -26.90 -1.23
N ILE B 429 43.86 -26.46 -2.08
CA ILE B 429 45.20 -26.05 -1.64
C ILE B 429 45.36 -24.58 -1.98
N PHE B 430 45.62 -23.76 -0.97
CA PHE B 430 45.81 -22.33 -1.14
C PHE B 430 47.28 -22.00 -0.89
N SER B 431 47.89 -21.25 -1.81
CA SER B 431 49.30 -20.89 -1.72
C SER B 431 49.47 -19.40 -1.96
N GLU B 432 50.46 -18.80 -1.30
CA GLU B 432 50.75 -17.39 -1.47
C GLU B 432 52.20 -17.13 -1.10
N ALA B 433 52.82 -16.19 -1.81
CA ALA B 433 54.16 -15.73 -1.50
C ALA B 433 54.34 -14.34 -2.09
N LYS B 434 55.40 -13.65 -1.65
CA LYS B 434 55.67 -12.31 -2.13
C LYS B 434 56.20 -12.29 -3.55
N SER B 435 56.53 -13.44 -4.14
CA SER B 435 57.05 -13.51 -5.49
C SER B 435 56.26 -14.52 -6.29
N GLU B 436 56.32 -14.38 -7.63
CA GLU B 436 55.61 -15.30 -8.51
C GLU B 436 56.15 -16.72 -8.37
N GLU B 437 57.48 -16.88 -8.43
CA GLU B 437 58.06 -18.22 -8.40
C GLU B 437 57.83 -18.91 -7.05
N LYS B 438 57.98 -18.16 -5.96
CA LYS B 438 57.83 -18.76 -4.64
C LYS B 438 56.39 -19.19 -4.36
N ALA B 439 55.42 -18.48 -4.92
CA ALA B 439 54.01 -18.86 -4.73
C ALA B 439 53.74 -20.23 -5.34
N ARG B 440 54.26 -20.47 -6.54
CA ARG B 440 54.11 -21.79 -7.16
C ARG B 440 54.91 -22.85 -6.41
N GLU B 441 56.08 -22.48 -5.87
CA GLU B 441 56.88 -23.43 -5.12
C GLU B 441 56.12 -23.93 -3.89
N TYR B 442 55.45 -23.03 -3.18
CA TYR B 442 54.62 -23.44 -2.05
C TYR B 442 53.43 -24.27 -2.51
N LEU B 443 52.84 -23.91 -3.66
CA LEU B 443 51.73 -24.69 -4.19
C LEU B 443 52.15 -26.10 -4.53
N GLU B 444 53.32 -26.27 -5.16
CA GLU B 444 53.81 -27.60 -5.47
C GLU B 444 54.10 -28.39 -4.21
N LEU B 445 54.64 -27.72 -3.18
CA LEU B 445 54.87 -28.39 -1.91
C LEU B 445 53.56 -28.88 -1.29
N GLY B 446 52.51 -28.06 -1.37
CA GLY B 446 51.23 -28.48 -0.85
C GLY B 446 50.67 -29.70 -1.56
N ILE B 447 50.79 -29.73 -2.89
CA ILE B 447 50.38 -30.91 -3.64
C ILE B 447 51.27 -32.09 -3.30
N LYS B 448 52.57 -31.85 -3.15
CA LYS B 448 53.49 -32.93 -2.82
C LYS B 448 53.15 -33.57 -1.48
N LEU B 449 52.87 -32.75 -0.47
CA LEU B 449 52.49 -33.30 0.83
C LEU B 449 51.12 -33.96 0.79
N LEU B 450 50.20 -33.43 0.00
CA LEU B 450 48.88 -34.05 -0.13
C LEU B 450 48.97 -35.44 -0.73
N GLU B 451 49.80 -35.59 -1.77
CA GLU B 451 49.98 -36.89 -2.40
C GLU B 451 50.64 -37.88 -1.44
N GLU B 452 51.56 -37.40 -0.60
CA GLU B 452 52.19 -38.26 0.39
C GLU B 452 51.15 -38.82 1.37
N ALA B 453 50.21 -37.98 1.81
CA ALA B 453 49.15 -38.45 2.68
C ALA B 453 48.19 -39.38 1.95
N LEU B 454 47.89 -39.08 0.69
CA LEU B 454 46.99 -39.89 -0.11
C LEU B 454 47.63 -41.24 -0.44
N LYS C 3 -15.59 -36.14 4.87
CA LYS C 3 -14.49 -36.40 5.78
C LYS C 3 -13.79 -35.11 6.19
N LEU C 4 -13.43 -34.30 5.20
CA LEU C 4 -12.72 -33.05 5.43
C LEU C 4 -13.64 -31.84 5.38
N PHE C 5 -14.35 -31.64 4.27
CA PHE C 5 -15.23 -30.50 4.11
C PHE C 5 -16.63 -30.82 4.63
N GLY C 6 -17.26 -29.84 5.26
CA GLY C 6 -18.63 -29.97 5.70
C GLY C 6 -19.62 -29.63 4.60
N THR C 7 -20.73 -28.99 4.96
CA THR C 7 -21.71 -28.59 3.96
C THR C 7 -21.13 -27.55 3.01
N PHE C 8 -20.39 -26.58 3.54
CA PHE C 8 -19.77 -25.55 2.72
C PHE C 8 -18.44 -25.17 3.38
N GLY C 9 -17.37 -25.80 2.94
CA GLY C 9 -16.05 -25.51 3.47
C GLY C 9 -15.72 -26.31 4.72
N VAL C 10 -14.45 -26.25 5.10
CA VAL C 10 -13.94 -26.91 6.30
C VAL C 10 -13.78 -25.85 7.38
N ARG C 11 -14.03 -26.24 8.63
CA ARG C 11 -14.05 -25.30 9.73
C ARG C 11 -13.59 -25.99 11.00
N GLY C 12 -12.95 -25.22 11.87
CA GLY C 12 -12.45 -25.76 13.13
C GLY C 12 -11.81 -24.66 13.95
N ILE C 13 -11.23 -25.08 15.07
CA ILE C 13 -10.57 -24.14 15.98
C ILE C 13 -9.24 -23.71 15.37
N ALA C 14 -9.02 -22.40 15.34
CA ALA C 14 -7.81 -21.84 14.75
C ALA C 14 -6.58 -22.25 15.55
N ASN C 15 -5.52 -22.61 14.84
CA ASN C 15 -4.23 -23.01 15.41
C ASN C 15 -4.30 -24.30 16.21
N GLU C 16 -5.44 -24.96 16.23
CA GLU C 16 -5.56 -26.28 16.84
C GLU C 16 -5.92 -27.31 15.77
N GLU C 17 -6.99 -27.05 15.04
CA GLU C 17 -7.39 -27.86 13.90
C GLU C 17 -7.09 -27.18 12.57
N ILE C 18 -7.47 -25.91 12.45
CA ILE C 18 -7.14 -25.13 11.24
C ILE C 18 -5.79 -24.48 11.52
N THR C 19 -4.73 -25.24 11.30
CA THR C 19 -3.36 -24.78 11.47
C THR C 19 -2.84 -24.19 10.18
N PRO C 20 -1.75 -23.43 10.23
CA PRO C 20 -1.13 -22.97 8.98
C PRO C 20 -0.70 -24.10 8.07
N GLU C 21 -0.31 -25.24 8.62
CA GLU C 21 -0.06 -26.42 7.80
C GLU C 21 -1.32 -26.87 7.09
N PHE C 22 -2.46 -26.86 7.80
CA PHE C 22 -3.73 -27.24 7.19
C PHE C 22 -4.11 -26.30 6.06
N ALA C 23 -3.98 -24.99 6.29
CA ALA C 23 -4.31 -24.02 5.25
C ALA C 23 -3.36 -24.12 4.06
N LEU C 24 -2.07 -24.35 4.32
CA LEU C 24 -1.11 -24.53 3.25
C LEU C 24 -1.44 -25.76 2.40
N LYS C 25 -1.79 -26.87 3.06
CA LYS C 25 -2.15 -28.08 2.33
C LYS C 25 -3.44 -27.88 1.55
N ILE C 26 -4.40 -27.15 2.12
CA ILE C 26 -5.64 -26.88 1.40
C ILE C 26 -5.37 -26.04 0.16
N GLY C 27 -4.53 -25.01 0.30
CA GLY C 27 -4.17 -24.21 -0.85
C GLY C 27 -3.44 -24.99 -1.92
N MET C 28 -2.50 -25.86 -1.51
CA MET C 28 -1.79 -26.69 -2.47
C MET C 28 -2.73 -27.67 -3.18
N ALA C 29 -3.67 -28.28 -2.45
CA ALA C 29 -4.64 -29.16 -3.07
C ALA C 29 -5.56 -28.43 -4.04
N PHE C 30 -6.03 -27.23 -3.66
CA PHE C 30 -6.87 -26.45 -4.56
C PHE C 30 -6.11 -26.05 -5.81
N GLY C 31 -4.85 -25.62 -5.66
CA GLY C 31 -4.05 -25.28 -6.82
C GLY C 31 -3.77 -26.48 -7.70
N THR C 32 -3.55 -27.64 -7.09
CA THR C 32 -3.34 -28.86 -7.87
C THR C 32 -4.60 -29.24 -8.64
N LEU C 33 -5.77 -29.09 -8.02
CA LEU C 33 -7.03 -29.33 -8.72
C LEU C 33 -7.18 -28.38 -9.91
N LEU C 34 -6.86 -27.11 -9.70
CA LEU C 34 -6.97 -26.13 -10.78
C LEU C 34 -5.99 -26.41 -11.91
N LYS C 35 -4.76 -26.80 -11.59
CA LYS C 35 -3.76 -27.08 -12.62
C LYS C 35 -4.08 -28.37 -13.37
N ARG C 36 -4.59 -29.38 -12.68
CA ARG C 36 -5.03 -30.60 -13.35
C ARG C 36 -6.43 -30.46 -13.93
N GLU C 37 -6.67 -29.36 -14.65
CA GLU C 37 -7.96 -29.17 -15.31
C GLU C 37 -7.82 -28.48 -16.66
N GLY C 38 -6.61 -28.34 -17.20
CA GLY C 38 -6.41 -27.65 -18.46
C GLY C 38 -5.85 -26.26 -18.30
N ARG C 39 -6.22 -25.58 -17.22
CA ARG C 39 -5.77 -24.22 -16.98
C ARG C 39 -4.26 -24.19 -16.71
N GLU C 40 -3.55 -23.33 -17.43
CA GLU C 40 -2.10 -23.27 -17.32
C GLU C 40 -1.61 -22.29 -16.28
N ARG C 41 -2.30 -21.16 -16.11
CA ARG C 41 -2.00 -20.18 -15.06
C ARG C 41 -3.31 -19.79 -14.39
N PRO C 42 -3.85 -20.66 -13.53
CA PRO C 42 -5.14 -20.37 -12.90
C PRO C 42 -5.07 -19.12 -12.04
N LEU C 43 -6.18 -18.40 -11.99
CA LEU C 43 -6.32 -17.19 -11.19
C LEU C 43 -7.27 -17.47 -10.04
N VAL C 44 -6.83 -17.17 -8.82
CA VAL C 44 -7.61 -17.45 -7.61
C VAL C 44 -7.80 -16.14 -6.86
N VAL C 45 -9.04 -15.88 -6.45
CA VAL C 45 -9.36 -14.74 -5.61
C VAL C 45 -9.47 -15.21 -4.17
N VAL C 46 -8.64 -14.63 -3.29
CA VAL C 46 -8.55 -15.05 -1.90
C VAL C 46 -8.95 -13.88 -1.01
N GLY C 47 -9.87 -14.13 -0.08
CA GLY C 47 -10.29 -13.13 0.88
C GLY C 47 -10.50 -13.75 2.24
N ARG C 48 -10.78 -12.89 3.21
CA ARG C 48 -10.98 -13.33 4.59
C ARG C 48 -11.91 -12.36 5.29
N ASP C 49 -12.42 -12.79 6.44
CA ASP C 49 -13.20 -11.94 7.32
C ASP C 49 -12.27 -11.25 8.31
N THR C 50 -12.85 -10.64 9.34
CA THR C 50 -12.07 -9.86 10.29
C THR C 50 -11.38 -10.70 11.36
N ARG C 51 -11.57 -12.03 11.34
CA ARG C 51 -11.04 -12.88 12.40
C ARG C 51 -9.53 -12.73 12.54
N VAL C 52 -9.05 -12.78 13.78
CA VAL C 52 -7.65 -12.48 14.07
C VAL C 52 -6.71 -13.50 13.45
N SER C 53 -7.12 -14.77 13.37
CA SER C 53 -6.30 -15.81 12.79
C SER C 53 -6.39 -15.85 11.27
N GLY C 54 -7.18 -14.97 10.66
CA GLY C 54 -7.38 -15.02 9.22
C GLY C 54 -6.11 -14.69 8.44
N GLU C 55 -5.36 -13.69 8.90
CA GLU C 55 -4.19 -13.25 8.15
C GLU C 55 -3.13 -14.34 8.05
N MET C 56 -2.87 -15.05 9.16
CA MET C 56 -1.92 -16.15 9.12
C MET C 56 -2.41 -17.28 8.22
N LEU C 57 -3.69 -17.65 8.35
CA LEU C 57 -4.27 -18.67 7.50
C LEU C 57 -4.29 -18.24 6.05
N LYS C 58 -4.62 -16.98 5.78
CA LYS C 58 -4.60 -16.48 4.41
CA LYS C 58 -4.60 -16.49 4.40
C LYS C 58 -3.20 -16.53 3.82
N ASP C 59 -2.19 -16.17 4.62
CA ASP C 59 -0.81 -16.24 4.14
C ASP C 59 -0.41 -17.65 3.81
N ALA C 60 -0.74 -18.61 4.67
CA ALA C 60 -0.43 -20.01 4.38
C ALA C 60 -1.16 -20.50 3.13
N LEU C 61 -2.44 -20.15 2.99
CA LEU C 61 -3.20 -20.58 1.83
C LEU C 61 -2.63 -20.00 0.54
N ILE C 62 -2.28 -18.72 0.57
CA ILE C 62 -1.74 -18.06 -0.62
C ILE C 62 -0.38 -18.65 -0.98
N SER C 63 0.45 -18.92 0.04
CA SER C 63 1.74 -19.56 -0.23
C SER C 63 1.54 -20.93 -0.86
N GLY C 64 0.55 -21.69 -0.38
CA GLY C 64 0.25 -22.97 -1.00
C GLY C 64 -0.23 -22.84 -2.43
N LEU C 65 -1.07 -21.84 -2.69
CA LEU C 65 -1.61 -21.64 -4.04
C LEU C 65 -0.52 -21.19 -5.01
N LEU C 66 0.40 -20.33 -4.56
CA LEU C 66 1.46 -19.86 -5.43
C LEU C 66 2.43 -20.97 -5.80
N SER C 67 2.68 -21.93 -4.90
CA SER C 67 3.58 -23.03 -5.20
C SER C 67 3.06 -23.93 -6.30
N THR C 68 1.76 -23.95 -6.55
CA THR C 68 1.16 -24.77 -7.59
C THR C 68 1.15 -24.07 -8.94
N GLY C 69 1.60 -22.83 -9.01
CA GLY C 69 1.60 -22.08 -10.24
C GLY C 69 0.36 -21.26 -10.51
N CYS C 70 -0.46 -21.01 -9.50
CA CYS C 70 -1.69 -20.25 -9.66
C CYS C 70 -1.48 -18.81 -9.23
N ASP C 71 -1.90 -17.88 -10.09
CA ASP C 71 -1.89 -16.47 -9.72
C ASP C 71 -3.00 -16.19 -8.72
N VAL C 72 -2.71 -15.36 -7.73
CA VAL C 72 -3.61 -15.11 -6.63
C VAL C 72 -3.93 -13.62 -6.55
N ILE C 73 -5.21 -13.30 -6.45
CA ILE C 73 -5.68 -11.95 -6.18
C ILE C 73 -6.08 -11.90 -4.72
N ASP C 74 -5.37 -11.10 -3.93
CA ASP C 74 -5.67 -10.94 -2.51
C ASP C 74 -6.57 -9.72 -2.35
N VAL C 75 -7.83 -9.97 -1.98
CA VAL C 75 -8.80 -8.89 -1.82
C VAL C 75 -8.92 -8.42 -0.39
N GLY C 76 -8.07 -8.92 0.52
CA GLY C 76 -8.08 -8.46 1.88
C GLY C 76 -9.33 -8.89 2.63
N ILE C 77 -9.73 -8.07 3.59
CA ILE C 77 -10.93 -8.33 4.39
C ILE C 77 -12.14 -7.88 3.59
N ALA C 78 -13.08 -8.79 3.39
CA ALA C 78 -14.31 -8.51 2.64
C ALA C 78 -15.35 -9.54 3.03
N PRO C 79 -16.63 -9.23 2.86
CA PRO C 79 -17.67 -10.22 3.11
C PRO C 79 -17.55 -11.41 2.17
N THR C 80 -17.98 -12.57 2.64
CA THR C 80 -17.99 -13.76 1.79
C THR C 80 -18.77 -13.54 0.50
N PRO C 81 -19.96 -12.94 0.49
CA PRO C 81 -20.60 -12.61 -0.79
C PRO C 81 -19.78 -11.66 -1.64
N ALA C 82 -19.05 -10.73 -1.03
CA ALA C 82 -18.18 -9.84 -1.80
C ALA C 82 -17.04 -10.61 -2.48
N ILE C 83 -16.44 -11.57 -1.79
CA ILE C 83 -15.39 -12.38 -2.41
C ILE C 83 -15.97 -13.28 -3.50
N GLN C 84 -17.17 -13.81 -3.27
CA GLN C 84 -17.84 -14.58 -4.31
C GLN C 84 -18.10 -13.74 -5.54
N TRP C 85 -18.54 -12.50 -5.34
CA TRP C 85 -18.76 -11.59 -6.45
C TRP C 85 -17.45 -11.25 -7.17
N ALA C 86 -16.37 -11.05 -6.41
CA ALA C 86 -15.09 -10.71 -7.01
C ALA C 86 -14.50 -11.88 -7.79
N THR C 87 -14.79 -13.12 -7.38
CA THR C 87 -14.32 -14.27 -8.13
C THR C 87 -14.89 -14.28 -9.55
N ASN C 88 -16.18 -13.96 -9.70
CA ASN C 88 -16.77 -13.86 -11.03
C ASN C 88 -16.34 -12.57 -11.73
N HIS C 89 -16.16 -11.49 -10.96
CA HIS C 89 -15.80 -10.21 -11.55
C HIS C 89 -14.41 -10.25 -12.19
N PHE C 90 -13.47 -10.93 -11.54
CA PHE C 90 -12.10 -11.03 -12.04
C PHE C 90 -11.90 -12.18 -13.01
N ASN C 91 -12.97 -12.90 -13.33
CA ASN C 91 -12.90 -14.08 -14.21
C ASN C 91 -11.88 -15.08 -13.68
N ALA C 92 -11.87 -15.25 -12.36
CA ALA C 92 -10.94 -16.17 -11.73
C ALA C 92 -11.36 -17.61 -11.96
N ASP C 93 -10.37 -18.51 -11.91
CA ASP C 93 -10.64 -19.94 -12.04
C ASP C 93 -11.08 -20.56 -10.71
N GLY C 94 -11.08 -19.80 -9.64
CA GLY C 94 -11.51 -20.30 -8.34
C GLY C 94 -11.48 -19.19 -7.33
N GLY C 95 -11.92 -19.52 -6.13
CA GLY C 95 -11.95 -18.55 -5.05
C GLY C 95 -11.81 -19.25 -3.72
N ALA C 96 -11.30 -18.52 -2.73
CA ALA C 96 -11.14 -19.05 -1.39
C ALA C 96 -11.47 -17.97 -0.38
N VAL C 97 -12.22 -18.33 0.66
CA VAL C 97 -12.60 -17.42 1.73
C VAL C 97 -12.11 -18.01 3.04
N ILE C 98 -11.34 -17.23 3.79
CA ILE C 98 -10.86 -17.63 5.12
C ILE C 98 -11.87 -17.08 6.12
N THR C 99 -12.82 -17.92 6.52
CA THR C 99 -13.86 -17.49 7.44
C THR C 99 -14.46 -18.71 8.13
N ALA C 100 -15.12 -18.45 9.26
CA ALA C 100 -15.90 -19.45 9.97
C ALA C 100 -17.35 -19.03 10.13
N SER C 101 -17.83 -18.08 9.32
CA SER C 101 -19.20 -17.60 9.33
C SER C 101 -19.59 -17.01 10.68
N HIS C 102 -20.43 -17.70 11.44
CA HIS C 102 -20.97 -17.20 12.69
C HIS C 102 -20.34 -17.85 13.92
N ASN C 103 -19.29 -18.65 13.74
CA ASN C 103 -18.71 -19.38 14.86
C ASN C 103 -17.98 -18.43 15.79
N PRO C 104 -17.73 -18.83 17.04
CA PRO C 104 -17.06 -17.97 18.01
C PRO C 104 -15.69 -17.53 17.52
N PRO C 105 -15.06 -16.56 18.20
CA PRO C 105 -13.81 -15.99 17.68
C PRO C 105 -12.67 -17.00 17.52
N GLU C 106 -12.67 -18.08 18.29
CA GLU C 106 -11.59 -19.05 18.25
C GLU C 106 -11.64 -19.95 17.02
N TYR C 107 -12.69 -19.87 16.22
CA TYR C 107 -12.84 -20.71 15.05
C TYR C 107 -12.42 -19.99 13.79
N ASN C 108 -12.04 -20.77 12.79
CA ASN C 108 -11.74 -20.27 11.45
C ASN C 108 -11.90 -21.43 10.48
N GLY C 109 -11.87 -21.11 9.19
CA GLY C 109 -12.03 -22.13 8.18
C GLY C 109 -11.80 -21.57 6.80
N ILE C 110 -11.93 -22.45 5.82
CA ILE C 110 -11.70 -22.11 4.41
C ILE C 110 -12.89 -22.58 3.58
N LYS C 111 -13.39 -21.69 2.73
CA LYS C 111 -14.44 -22.01 1.77
C LYS C 111 -13.85 -21.87 0.36
N LEU C 112 -13.94 -22.94 -0.42
CA LEU C 112 -13.46 -22.92 -1.79
C LEU C 112 -14.60 -22.64 -2.75
N LEU C 113 -14.34 -21.81 -3.75
CA LEU C 113 -15.37 -21.31 -4.64
C LEU C 113 -15.13 -21.77 -6.07
N GLU C 114 -16.18 -21.68 -6.87
CA GLU C 114 -16.14 -22.02 -8.29
C GLU C 114 -15.74 -20.80 -9.10
N PRO C 115 -15.46 -20.96 -10.40
CA PRO C 115 -15.13 -19.79 -11.22
C PRO C 115 -16.23 -18.72 -11.24
N ASN C 116 -17.48 -19.10 -11.08
CA ASN C 116 -18.58 -18.15 -11.06
C ASN C 116 -18.87 -17.61 -9.66
N GLY C 117 -18.09 -17.99 -8.66
CA GLY C 117 -18.25 -17.52 -7.30
C GLY C 117 -19.04 -18.46 -6.41
N MET C 118 -19.78 -19.39 -6.99
CA MET C 118 -20.53 -20.36 -6.20
C MET C 118 -19.57 -21.29 -5.47
N GLY C 119 -20.04 -21.81 -4.34
CA GLY C 119 -19.21 -22.75 -3.58
C GLY C 119 -18.83 -23.96 -4.40
N LEU C 120 -17.69 -24.53 -4.07
CA LEU C 120 -17.12 -25.62 -4.86
C LEU C 120 -18.06 -26.82 -4.91
N LYS C 121 -18.16 -27.43 -6.08
CA LYS C 121 -19.00 -28.60 -6.26
C LYS C 121 -18.46 -29.77 -5.43
N LYS C 122 -19.37 -30.66 -5.05
CA LYS C 122 -18.97 -31.84 -4.28
C LYS C 122 -18.05 -32.75 -5.08
N GLU C 123 -18.25 -32.81 -6.41
CA GLU C 123 -17.35 -33.60 -7.25
C GLU C 123 -15.94 -33.08 -7.19
N ARG C 124 -15.77 -31.76 -7.25
CA ARG C 124 -14.45 -31.15 -7.16
C ARG C 124 -13.94 -31.14 -5.72
N GLU C 125 -14.85 -31.04 -4.75
CA GLU C 125 -14.44 -31.13 -3.35
C GLU C 125 -13.88 -32.49 -3.02
N ALA C 126 -14.41 -33.55 -3.65
CA ALA C 126 -13.85 -34.89 -3.46
C ALA C 126 -12.41 -34.95 -3.97
N ILE C 127 -12.14 -34.35 -5.12
CA ILE C 127 -10.78 -34.32 -5.65
C ILE C 127 -9.88 -33.50 -4.73
N VAL C 128 -10.39 -32.39 -4.20
CA VAL C 128 -9.59 -31.59 -3.27
C VAL C 128 -9.25 -32.39 -2.03
N GLU C 129 -10.22 -33.14 -1.48
CA GLU C 129 -9.96 -33.97 -0.32
C GLU C 129 -8.95 -35.06 -0.62
N GLU C 130 -9.07 -35.69 -1.80
CA GLU C 130 -8.13 -36.74 -2.17
C GLU C 130 -6.71 -36.19 -2.29
N LEU C 131 -6.56 -35.02 -2.92
CA LEU C 131 -5.25 -34.39 -3.01
C LEU C 131 -4.73 -33.99 -1.64
N PHE C 132 -5.61 -33.49 -0.78
CA PHE C 132 -5.20 -33.09 0.58
C PHE C 132 -4.67 -34.27 1.36
N PHE C 133 -5.34 -35.41 1.29
CA PHE C 133 -4.93 -36.56 2.08
C PHE C 133 -3.80 -37.36 1.45
N SER C 134 -3.67 -37.33 0.13
CA SER C 134 -2.57 -38.01 -0.54
C SER C 134 -1.36 -37.12 -0.73
N GLU C 135 -1.53 -35.80 -0.64
CA GLU C 135 -0.46 -34.83 -0.81
C GLU C 135 0.22 -34.95 -2.17
N ASP C 136 -0.52 -35.39 -3.18
CA ASP C 136 0.00 -35.47 -4.54
C ASP C 136 -0.16 -34.11 -5.22
N PHE C 137 0.56 -33.13 -4.66
CA PHE C 137 0.45 -31.76 -5.09
C PHE C 137 1.30 -31.49 -6.32
N HIS C 138 0.84 -30.58 -7.15
CA HIS C 138 1.62 -30.11 -8.29
C HIS C 138 2.53 -28.99 -7.83
N ARG C 139 3.84 -29.18 -7.97
CA ARG C 139 4.83 -28.21 -7.54
C ARG C 139 5.39 -27.55 -8.80
N ALA C 140 5.02 -26.29 -9.02
CA ALA C 140 5.48 -25.58 -10.20
C ALA C 140 6.98 -25.34 -10.13
N LYS C 141 7.59 -25.21 -11.31
CA LYS C 141 9.01 -24.90 -11.38
C LYS C 141 9.25 -23.48 -10.88
N TRP C 142 10.53 -23.15 -10.68
CA TRP C 142 10.88 -21.85 -10.12
C TRP C 142 10.35 -20.71 -10.97
N ASN C 143 10.33 -20.87 -12.29
CA ASN C 143 9.86 -19.82 -13.18
C ASN C 143 8.35 -19.84 -13.40
N GLU C 144 7.66 -20.90 -12.96
CA GLU C 144 6.22 -21.01 -13.13
C GLU C 144 5.46 -20.71 -11.84
N ILE C 145 6.15 -20.27 -10.78
CA ILE C 145 5.47 -19.97 -9.53
C ILE C 145 4.58 -18.75 -9.72
N GLY C 146 3.36 -18.83 -9.20
CA GLY C 146 2.37 -17.81 -9.46
C GLY C 146 2.71 -16.49 -8.80
N GLU C 147 2.04 -15.44 -9.28
CA GLU C 147 2.25 -14.08 -8.82
C GLU C 147 1.06 -13.64 -7.97
N LEU C 148 1.34 -12.80 -6.98
CA LEU C 148 0.34 -12.30 -6.05
C LEU C 148 0.16 -10.80 -6.24
N ARG C 149 -1.08 -10.37 -6.43
CA ARG C 149 -1.42 -8.96 -6.47
C ARG C 149 -2.64 -8.70 -5.61
N LYS C 150 -2.74 -7.46 -5.13
CA LYS C 150 -3.78 -7.07 -4.19
C LYS C 150 -4.78 -6.14 -4.87
N GLU C 151 -6.07 -6.41 -4.64
CA GLU C 151 -7.14 -5.59 -5.19
C GLU C 151 -8.11 -5.22 -4.08
N ASP C 152 -8.74 -4.06 -4.22
CA ASP C 152 -9.79 -3.62 -3.31
C ASP C 152 -11.14 -3.79 -3.99
N ILE C 153 -12.02 -4.55 -3.36
CA ILE C 153 -13.30 -4.92 -3.95
C ILE C 153 -14.49 -4.37 -3.17
N ILE C 154 -14.26 -3.60 -2.11
CA ILE C 154 -15.37 -3.12 -1.28
C ILE C 154 -16.20 -2.11 -2.06
N LYS C 155 -15.56 -1.06 -2.57
CA LYS C 155 -16.29 -0.03 -3.31
C LYS C 155 -16.89 -0.57 -4.60
N PRO C 156 -16.18 -1.36 -5.43
CA PRO C 156 -16.86 -1.94 -6.62
C PRO C 156 -18.05 -2.80 -6.27
N TYR C 157 -17.98 -3.59 -5.19
CA TYR C 157 -19.09 -4.44 -4.79
C TYR C 157 -20.27 -3.60 -4.30
N ILE C 158 -20.00 -2.54 -3.54
CA ILE C 158 -21.06 -1.65 -3.10
C ILE C 158 -21.72 -0.99 -4.30
N GLU C 159 -20.93 -0.55 -5.28
CA GLU C 159 -21.48 0.07 -6.48
C GLU C 159 -22.30 -0.94 -7.28
N ALA C 160 -21.86 -2.19 -7.33
CA ALA C 160 -22.63 -3.23 -8.01
C ALA C 160 -23.97 -3.44 -7.32
N ILE C 161 -24.00 -3.44 -5.99
CA ILE C 161 -25.29 -3.53 -5.30
C ILE C 161 -26.12 -2.29 -5.52
N LYS C 162 -25.49 -1.11 -5.51
CA LYS C 162 -26.23 0.14 -5.63
C LYS C 162 -26.94 0.26 -6.97
N ASN C 163 -26.41 -0.37 -8.02
CA ASN C 163 -26.98 -0.28 -9.35
C ASN C 163 -28.16 -1.23 -9.56
N ARG C 164 -28.45 -2.10 -8.59
CA ARG C 164 -29.51 -3.09 -8.71
CA ARG C 164 -29.51 -3.09 -8.72
C ARG C 164 -30.78 -2.70 -7.97
N VAL C 165 -30.83 -1.49 -7.41
CA VAL C 165 -31.98 -1.03 -6.66
C VAL C 165 -32.34 0.38 -7.08
N ASP C 166 -33.56 0.79 -6.74
CA ASP C 166 -34.06 2.14 -7.03
C ASP C 166 -33.51 3.08 -5.96
N VAL C 167 -32.36 3.69 -6.26
CA VAL C 167 -31.73 4.59 -5.31
C VAL C 167 -32.57 5.84 -5.10
N GLU C 168 -33.25 6.31 -6.16
CA GLU C 168 -34.03 7.54 -6.06
C GLU C 168 -35.17 7.41 -5.05
N ALA C 169 -35.86 6.26 -5.07
CA ALA C 169 -36.95 6.04 -4.12
C ALA C 169 -36.44 6.04 -2.68
N ILE C 170 -35.30 5.38 -2.45
CA ILE C 170 -34.72 5.34 -1.12
C ILE C 170 -34.32 6.73 -0.67
N LYS C 171 -33.72 7.52 -1.56
CA LYS C 171 -33.33 8.88 -1.21
C LYS C 171 -34.56 9.73 -0.90
N LYS C 172 -35.64 9.54 -1.66
CA LYS C 172 -36.88 10.25 -1.38
C LYS C 172 -37.42 9.89 0.00
N ARG C 173 -37.43 8.60 0.33
CA ARG C 173 -37.95 8.17 1.62
C ARG C 173 -37.00 8.50 2.76
N ARG C 174 -35.69 8.32 2.54
CA ARG C 174 -34.66 8.46 3.56
C ARG C 174 -35.01 7.61 4.79
N PRO C 175 -34.87 6.29 4.70
CA PRO C 175 -35.13 5.45 5.86
C PRO C 175 -34.10 5.65 6.95
N PHE C 176 -34.50 5.39 8.19
CA PHE C 176 -33.61 5.42 9.34
C PHE C 176 -33.36 3.97 9.73
N VAL C 177 -32.17 3.47 9.38
CA VAL C 177 -31.82 2.06 9.55
C VAL C 177 -30.67 1.96 10.54
N VAL C 178 -30.80 1.05 11.50
CA VAL C 178 -29.73 0.73 12.44
C VAL C 178 -29.03 -0.54 11.96
N VAL C 179 -27.71 -0.48 11.87
CA VAL C 179 -26.90 -1.57 11.32
C VAL C 179 -26.09 -2.19 12.45
N ASP C 180 -26.11 -3.52 12.52
CA ASP C 180 -25.28 -4.26 13.47
C ASP C 180 -24.44 -5.25 12.67
N THR C 181 -23.22 -4.86 12.34
CA THR C 181 -22.31 -5.71 11.57
C THR C 181 -21.56 -6.70 12.45
N SER C 182 -21.68 -6.58 13.76
CA SER C 182 -21.09 -7.51 14.73
C SER C 182 -19.57 -7.61 14.56
N ASN C 183 -18.93 -6.47 14.30
CA ASN C 183 -17.49 -6.37 14.15
C ASN C 183 -16.94 -7.29 13.05
N GLY C 184 -17.81 -7.70 12.13
CA GLY C 184 -17.44 -8.64 11.09
C GLY C 184 -17.02 -7.95 9.80
N ALA C 185 -16.96 -8.76 8.74
CA ALA C 185 -16.59 -8.24 7.43
C ALA C 185 -17.62 -7.28 6.87
N GLY C 186 -18.84 -7.30 7.39
CA GLY C 186 -19.86 -6.36 6.98
C GLY C 186 -19.71 -4.96 7.54
N SER C 187 -18.75 -4.76 8.44
CA SER C 187 -18.45 -3.44 8.95
C SER C 187 -17.82 -2.52 7.91
N LEU C 188 -17.42 -3.07 6.76
CA LEU C 188 -16.82 -2.31 5.68
C LEU C 188 -17.77 -2.06 4.52
N THR C 189 -18.90 -2.77 4.45
CA THR C 189 -19.78 -2.65 3.29
C THR C 189 -21.16 -2.12 3.64
N LEU C 190 -21.83 -2.76 4.62
CA LEU C 190 -23.25 -2.49 4.83
C LEU C 190 -23.54 -1.05 5.26
N PRO C 191 -22.86 -0.47 6.25
CA PRO C 191 -23.14 0.93 6.58
C PRO C 191 -22.92 1.89 5.43
N TYR C 192 -21.82 1.70 4.69
CA TYR C 192 -21.54 2.56 3.55
C TYR C 192 -22.54 2.36 2.42
N LEU C 193 -22.91 1.10 2.16
CA LEU C 193 -23.92 0.83 1.15
C LEU C 193 -25.24 1.49 1.50
N LEU C 194 -25.65 1.38 2.77
CA LEU C 194 -26.91 1.99 3.18
C LEU C 194 -26.84 3.51 3.11
N ARG C 195 -25.68 4.09 3.42
CA ARG C 195 -25.53 5.54 3.27
C ARG C 195 -25.66 5.96 1.82
N GLU C 196 -25.02 5.23 0.91
CA GLU C 196 -25.11 5.57 -0.51
C GLU C 196 -26.51 5.30 -1.08
N LEU C 197 -27.27 4.40 -0.47
CA LEU C 197 -28.66 4.19 -0.91
C LEU C 197 -29.50 5.43 -0.62
N GLY C 198 -29.23 6.11 0.48
CA GLY C 198 -29.98 7.31 0.83
C GLY C 198 -30.65 7.21 2.19
N CYS C 199 -30.11 6.36 3.06
CA CYS C 199 -30.67 6.12 4.37
C CYS C 199 -29.90 6.88 5.44
N LYS C 200 -30.56 7.13 6.56
CA LYS C 200 -29.90 7.62 7.76
C LYS C 200 -29.39 6.42 8.55
N VAL C 201 -28.08 6.31 8.69
CA VAL C 201 -27.44 5.09 9.17
C VAL C 201 -26.85 5.35 10.55
N VAL C 202 -27.30 4.57 11.53
CA VAL C 202 -26.66 4.49 12.84
C VAL C 202 -26.17 3.05 12.97
N SER C 203 -24.86 2.86 12.94
CA SER C 203 -24.27 1.53 12.92
C SER C 203 -23.83 1.14 14.33
N VAL C 204 -24.00 -0.14 14.65
CA VAL C 204 -23.62 -0.70 15.95
C VAL C 204 -22.56 -1.76 15.70
N ASN C 205 -21.47 -1.69 16.45
CA ASN C 205 -20.35 -2.64 16.32
C ASN C 205 -19.84 -2.69 14.89
N ALA C 206 -19.70 -1.51 14.29
CA ALA C 206 -19.27 -1.39 12.90
C ALA C 206 -17.77 -1.16 12.77
N HIS C 207 -17.02 -1.37 13.85
CA HIS C 207 -15.58 -1.31 13.69
C HIS C 207 -15.03 -2.73 13.54
N PRO C 208 -14.24 -2.99 12.51
CA PRO C 208 -13.77 -4.36 12.27
C PRO C 208 -12.83 -4.87 13.36
N ASP C 209 -13.27 -5.88 14.11
CA ASP C 209 -12.50 -6.42 15.21
C ASP C 209 -12.71 -7.93 15.25
N GLY C 210 -11.62 -8.68 15.08
CA GLY C 210 -11.68 -10.12 15.07
C GLY C 210 -11.82 -10.76 16.44
N HIS C 211 -11.69 -9.99 17.51
CA HIS C 211 -11.93 -10.48 18.85
C HIS C 211 -13.40 -10.49 19.22
N PHE C 212 -14.24 -9.79 18.43
CA PHE C 212 -15.66 -9.66 18.65
C PHE C 212 -15.95 -9.25 20.09
N PRO C 213 -15.58 -8.04 20.50
CA PRO C 213 -15.75 -7.64 21.90
C PRO C 213 -17.20 -7.62 22.36
N ALA C 214 -18.13 -7.33 21.47
CA ALA C 214 -19.52 -7.15 21.87
C ALA C 214 -20.21 -8.48 22.14
N ARG C 215 -20.23 -9.36 21.15
CA ARG C 215 -20.93 -10.63 21.23
C ARG C 215 -20.36 -11.58 20.18
N ASN C 216 -20.85 -12.81 20.22
CA ASN C 216 -20.49 -13.76 19.16
C ASN C 216 -21.12 -13.32 17.85
N PRO C 217 -20.46 -13.56 16.72
CA PRO C 217 -20.93 -13.02 15.44
C PRO C 217 -22.22 -13.66 14.94
N GLU C 218 -22.86 -14.52 15.73
CA GLU C 218 -24.11 -15.14 15.30
C GLU C 218 -25.27 -14.23 15.66
N PRO C 219 -25.99 -13.69 14.68
CA PRO C 219 -27.11 -12.77 14.99
C PRO C 219 -28.44 -13.50 15.21
N ASN C 220 -28.57 -14.10 16.39
CA ASN C 220 -29.82 -14.71 16.82
C ASN C 220 -30.52 -13.80 17.82
N GLU C 221 -31.75 -14.18 18.19
CA GLU C 221 -32.56 -13.33 19.06
C GLU C 221 -31.89 -13.13 20.42
N GLU C 222 -31.34 -14.19 21.00
CA GLU C 222 -30.63 -14.05 22.27
C GLU C 222 -29.44 -13.11 22.16
N ASN C 223 -28.69 -13.20 21.06
CA ASN C 223 -27.57 -12.28 20.85
C ASN C 223 -28.03 -10.88 20.49
N LEU C 224 -29.21 -10.76 19.86
CA LEU C 224 -29.71 -9.48 19.40
C LEU C 224 -30.69 -8.83 20.38
N LYS C 225 -30.79 -9.37 21.60
CA LYS C 225 -31.65 -8.76 22.61
C LYS C 225 -31.29 -7.28 22.81
N GLY C 226 -30.01 -6.97 22.97
CA GLY C 226 -29.61 -5.58 23.14
C GLY C 226 -29.82 -4.74 21.89
N PHE C 227 -29.57 -5.34 20.71
CA PHE C 227 -29.75 -4.61 19.46
C PHE C 227 -31.22 -4.25 19.23
N MET C 228 -32.14 -5.14 19.61
CA MET C 228 -33.55 -4.81 19.54
C MET C 228 -33.90 -3.64 20.44
N GLU C 229 -33.33 -3.59 21.64
CA GLU C 229 -33.53 -2.45 22.53
C GLU C 229 -32.98 -1.17 21.92
N ILE C 230 -31.83 -1.24 21.26
CA ILE C 230 -31.29 -0.08 20.56
C ILE C 230 -32.22 0.39 19.48
N VAL C 231 -32.79 -0.54 18.70
CA VAL C 231 -33.72 -0.17 17.65
C VAL C 231 -34.96 0.49 18.22
N LYS C 232 -35.48 -0.04 19.33
CA LYS C 232 -36.61 0.60 20.00
C LYS C 232 -36.26 2.01 20.44
N ALA C 233 -35.12 2.17 21.11
CA ALA C 233 -34.76 3.45 21.72
C ALA C 233 -34.53 4.52 20.65
N LEU C 234 -33.80 4.17 19.59
CA LEU C 234 -33.46 5.16 18.57
C LEU C 234 -34.66 5.60 17.74
N GLY C 235 -35.78 4.91 17.83
CA GLY C 235 -36.93 5.26 17.02
C GLY C 235 -36.68 5.12 15.53
N ALA C 236 -35.99 4.05 15.14
CA ALA C 236 -35.61 3.83 13.76
C ALA C 236 -36.72 3.10 13.00
N ASP C 237 -36.66 3.21 11.67
CA ASP C 237 -37.63 2.52 10.83
C ASP C 237 -37.50 1.01 10.97
N PHE C 238 -36.27 0.50 10.95
CA PHE C 238 -35.98 -0.91 11.18
C PHE C 238 -34.48 -1.06 11.39
N GLY C 239 -34.10 -2.22 11.89
CA GLY C 239 -32.70 -2.53 12.10
C GLY C 239 -32.31 -3.84 11.44
N VAL C 240 -31.08 -3.89 10.93
CA VAL C 240 -30.56 -5.06 10.24
C VAL C 240 -29.26 -5.47 10.91
N ALA C 241 -29.11 -6.77 11.17
CA ALA C 241 -27.91 -7.32 11.80
C ALA C 241 -27.29 -8.37 10.89
N GLN C 242 -25.97 -8.36 10.81
CA GLN C 242 -25.23 -9.30 9.97
C GLN C 242 -24.29 -10.13 10.84
N ASP C 243 -23.80 -11.23 10.26
CA ASP C 243 -22.89 -12.13 10.95
C ASP C 243 -21.45 -11.73 10.62
N GLY C 244 -20.48 -12.58 10.99
CA GLY C 244 -19.08 -12.23 10.80
C GLY C 244 -18.69 -12.07 9.34
N ASP C 245 -19.15 -12.98 8.48
CA ASP C 245 -18.82 -12.92 7.07
C ASP C 245 -19.83 -12.12 6.26
N ALA C 246 -20.87 -11.58 6.90
CA ALA C 246 -21.84 -10.68 6.26
C ALA C 246 -22.55 -11.35 5.10
N ASP C 247 -22.73 -12.67 5.19
CA ASP C 247 -23.51 -13.39 4.19
C ASP C 247 -24.96 -13.59 4.60
N ARG C 248 -25.33 -13.21 5.83
CA ARG C 248 -26.70 -13.30 6.31
C ARG C 248 -27.13 -11.96 6.87
N ALA C 249 -28.42 -11.67 6.75
CA ALA C 249 -28.99 -10.42 7.26
C ALA C 249 -30.22 -10.74 8.07
N VAL C 250 -30.29 -10.21 9.28
CA VAL C 250 -31.42 -10.39 10.18
C VAL C 250 -32.03 -9.03 10.46
N PHE C 251 -33.35 -8.91 10.27
CA PHE C 251 -34.03 -7.64 10.34
C PHE C 251 -34.87 -7.54 11.60
N ILE C 252 -34.90 -6.33 12.16
CA ILE C 252 -35.69 -6.00 13.34
C ILE C 252 -36.60 -4.83 12.97
N ASP C 253 -37.89 -4.95 13.30
CA ASP C 253 -38.85 -3.93 12.91
C ASP C 253 -38.72 -2.71 13.83
N GLU C 254 -39.59 -1.72 13.60
CA GLU C 254 -39.54 -0.49 14.38
C GLU C 254 -39.89 -0.70 15.84
N ASN C 255 -40.57 -1.80 16.17
CA ASN C 255 -40.98 -2.08 17.54
C ASN C 255 -39.99 -3.01 18.25
N GLY C 256 -38.81 -3.22 17.68
CA GLY C 256 -37.84 -4.10 18.28
C GLY C 256 -38.23 -5.57 18.29
N ARG C 257 -38.90 -6.04 17.24
CA ARG C 257 -39.32 -7.43 17.14
C ARG C 257 -38.38 -8.18 16.20
N PHE C 258 -37.91 -9.34 16.64
CA PHE C 258 -37.05 -10.16 15.82
C PHE C 258 -37.85 -10.76 14.67
N ILE C 259 -37.56 -10.32 13.45
CA ILE C 259 -38.25 -10.82 12.27
C ILE C 259 -37.59 -12.11 11.82
N GLN C 260 -38.39 -13.17 11.67
CA GLN C 260 -37.87 -14.44 11.20
C GLN C 260 -37.36 -14.31 9.77
N GLY C 261 -36.31 -15.07 9.45
CA GLY C 261 -35.71 -14.97 8.13
C GLY C 261 -36.66 -15.36 7.01
N ASP C 262 -37.60 -16.27 7.28
CA ASP C 262 -38.54 -16.68 6.25
C ASP C 262 -39.41 -15.52 5.81
N LYS C 263 -39.80 -14.64 6.73
CA LYS C 263 -40.67 -13.53 6.37
C LYS C 263 -39.94 -12.49 5.50
N THR C 264 -38.69 -12.17 5.83
CA THR C 264 -37.93 -11.27 4.99
C THR C 264 -37.61 -11.89 3.64
N PHE C 265 -37.33 -13.20 3.61
CA PHE C 265 -37.19 -13.90 2.35
C PHE C 265 -38.48 -13.82 1.53
N ALA C 266 -39.63 -13.94 2.20
CA ALA C 266 -40.90 -13.83 1.50
C ALA C 266 -41.09 -12.44 0.90
N LEU C 267 -40.74 -11.40 1.66
CA LEU C 267 -40.84 -10.05 1.13
C LEU C 267 -39.94 -9.86 -0.10
N VAL C 268 -38.68 -10.29 0.02
CA VAL C 268 -37.74 -10.12 -1.10
C VAL C 268 -38.20 -10.91 -2.30
N ALA C 269 -38.64 -12.15 -2.09
CA ALA C 269 -39.10 -12.98 -3.20
C ALA C 269 -40.34 -12.40 -3.85
N ASP C 270 -41.28 -11.87 -3.04
CA ASP C 270 -42.45 -11.24 -3.61
C ASP C 270 -42.06 -10.07 -4.51
N ALA C 271 -41.17 -9.20 -4.02
CA ALA C 271 -40.75 -8.07 -4.83
C ALA C 271 -40.05 -8.52 -6.11
N VAL C 272 -39.16 -9.50 -6.02
CA VAL C 272 -38.38 -9.94 -7.17
C VAL C 272 -39.29 -10.61 -8.21
N LEU C 273 -40.18 -11.49 -7.75
CA LEU C 273 -41.08 -12.18 -8.67
C LEU C 273 -42.06 -11.21 -9.32
N ARG C 274 -42.56 -10.24 -8.55
CA ARG C 274 -43.45 -9.23 -9.12
C ARG C 274 -42.72 -8.41 -10.18
N GLU C 275 -41.48 -8.03 -9.90
CA GLU C 275 -40.70 -7.29 -10.90
C GLU C 275 -40.22 -8.18 -12.04
N ASN C 276 -40.31 -9.51 -11.89
CA ASN C 276 -39.93 -10.44 -12.94
C ASN C 276 -41.13 -11.03 -13.68
N GLY C 277 -42.34 -10.82 -13.17
CA GLY C 277 -43.51 -11.45 -13.75
C GLY C 277 -43.51 -12.96 -13.61
N GLY C 278 -43.15 -13.46 -12.44
CA GLY C 278 -43.04 -14.88 -12.21
C GLY C 278 -41.60 -15.36 -12.19
N GLY C 279 -41.43 -16.65 -12.44
CA GLY C 279 -40.14 -17.28 -12.46
C GLY C 279 -40.15 -18.54 -11.61
N LEU C 280 -38.96 -18.93 -11.16
CA LEU C 280 -38.79 -20.11 -10.32
C LEU C 280 -38.26 -19.69 -8.96
N LEU C 281 -38.88 -20.20 -7.91
CA LEU C 281 -38.48 -19.92 -6.53
C LEU C 281 -37.88 -21.19 -5.95
N VAL C 282 -36.55 -21.25 -5.93
CA VAL C 282 -35.85 -22.39 -5.37
C VAL C 282 -35.73 -22.20 -3.86
N THR C 283 -36.12 -23.23 -3.10
CA THR C 283 -36.09 -23.15 -1.66
C THR C 283 -35.80 -24.54 -1.10
N THR C 284 -35.72 -24.64 0.22
CA THR C 284 -35.52 -25.92 0.89
C THR C 284 -36.86 -26.50 1.32
N ILE C 285 -36.83 -27.75 1.79
CA ILE C 285 -38.04 -28.40 2.29
C ILE C 285 -38.39 -27.99 3.71
N ALA C 286 -37.49 -27.30 4.40
CA ALA C 286 -37.72 -26.85 5.76
C ALA C 286 -38.29 -25.43 5.83
N THR C 287 -38.47 -24.78 4.69
CA THR C 287 -39.01 -23.43 4.69
C THR C 287 -40.53 -23.45 4.80
N SER C 288 -41.08 -22.29 5.12
CA SER C 288 -42.50 -22.13 5.36
C SER C 288 -43.30 -22.24 4.06
N ASN C 289 -44.59 -22.53 4.20
CA ASN C 289 -45.51 -22.42 3.08
C ASN C 289 -45.79 -20.97 2.70
N LEU C 290 -45.34 -20.02 3.52
CA LEU C 290 -45.47 -18.61 3.18
C LEU C 290 -44.78 -18.30 1.86
N LEU C 291 -43.67 -18.98 1.57
CA LEU C 291 -43.01 -18.80 0.28
C LEU C 291 -43.83 -19.38 -0.87
N ASP C 292 -44.56 -20.46 -0.61
CA ASP C 292 -45.43 -21.01 -1.64
C ASP C 292 -46.54 -20.05 -2.01
N ASP C 293 -47.16 -19.41 -1.01
CA ASP C 293 -48.21 -18.43 -1.28
C ASP C 293 -47.67 -17.22 -2.01
N ILE C 294 -46.44 -16.82 -1.71
CA ILE C 294 -45.82 -15.69 -2.40
C ILE C 294 -45.67 -16.01 -3.89
N ALA C 295 -45.24 -17.22 -4.21
CA ALA C 295 -45.11 -17.60 -5.61
C ALA C 295 -46.47 -17.74 -6.28
N LYS C 296 -47.47 -18.27 -5.55
CA LYS C 296 -48.80 -18.38 -6.12
C LYS C 296 -49.38 -17.02 -6.45
N ARG C 297 -49.19 -16.04 -5.57
CA ARG C 297 -49.67 -14.69 -5.84
C ARG C 297 -48.91 -14.00 -6.95
N ASN C 298 -47.75 -14.53 -7.35
CA ASN C 298 -46.94 -13.93 -8.40
C ASN C 298 -46.84 -14.77 -9.65
N GLY C 299 -47.55 -15.90 -9.72
CA GLY C 299 -47.50 -16.76 -10.88
C GLY C 299 -46.14 -17.38 -11.10
N ALA C 300 -45.54 -17.91 -10.03
CA ALA C 300 -44.21 -18.49 -10.08
C ALA C 300 -44.24 -19.89 -9.50
N LYS C 301 -43.28 -20.71 -9.93
CA LYS C 301 -43.16 -22.08 -9.49
C LYS C 301 -42.18 -22.18 -8.33
N VAL C 302 -42.39 -23.17 -7.47
CA VAL C 302 -41.56 -23.38 -6.28
C VAL C 302 -40.86 -24.72 -6.42
N MET C 303 -39.55 -24.71 -6.26
CA MET C 303 -38.75 -25.93 -6.24
C MET C 303 -38.14 -26.09 -4.85
N ARG C 304 -38.44 -27.21 -4.20
CA ARG C 304 -38.00 -27.47 -2.83
C ARG C 304 -36.84 -28.45 -2.88
N THR C 305 -35.64 -27.98 -2.54
CA THR C 305 -34.43 -28.79 -2.55
C THR C 305 -34.14 -29.28 -1.13
N LYS C 306 -32.99 -29.90 -0.93
CA LYS C 306 -32.55 -30.33 0.38
C LYS C 306 -32.02 -29.15 1.18
N VAL C 307 -31.81 -29.37 2.48
CA VAL C 307 -31.34 -28.30 3.35
C VAL C 307 -29.88 -28.02 3.06
N GLY C 308 -29.56 -26.75 2.82
CA GLY C 308 -28.21 -26.34 2.49
C GLY C 308 -28.16 -25.22 1.49
N ASP C 309 -27.37 -24.18 1.77
CA ASP C 309 -27.29 -23.04 0.87
C ASP C 309 -26.62 -23.41 -0.45
N LEU C 310 -25.63 -24.30 -0.40
CA LEU C 310 -24.97 -24.74 -1.62
C LEU C 310 -25.93 -25.48 -2.54
N ILE C 311 -26.81 -26.30 -1.96
CA ILE C 311 -27.81 -27.01 -2.76
C ILE C 311 -28.75 -26.02 -3.43
N VAL C 312 -29.19 -25.00 -2.70
CA VAL C 312 -30.09 -24.00 -3.26
C VAL C 312 -29.40 -23.25 -4.40
N ALA C 313 -28.13 -22.87 -4.20
CA ALA C 313 -27.41 -22.16 -5.25
C ALA C 313 -27.23 -23.03 -6.48
N ARG C 314 -26.92 -24.32 -6.28
CA ARG C 314 -26.78 -25.24 -7.41
C ARG C 314 -28.09 -25.38 -8.17
N ALA C 315 -29.21 -25.51 -7.45
CA ALA C 315 -30.50 -25.62 -8.10
C ALA C 315 -30.87 -24.34 -8.85
N LEU C 316 -30.53 -23.19 -8.27
CA LEU C 316 -30.78 -21.93 -8.95
C LEU C 316 -29.98 -21.82 -10.24
N LEU C 317 -28.71 -22.25 -10.20
CA LEU C 317 -27.88 -22.17 -11.40
C LEU C 317 -28.32 -23.16 -12.47
N GLU C 318 -28.62 -24.40 -12.07
CA GLU C 318 -28.95 -25.44 -13.04
C GLU C 318 -30.31 -25.20 -13.68
N ASN C 319 -31.30 -24.80 -12.88
CA ASN C 319 -32.67 -24.65 -13.34
C ASN C 319 -33.02 -23.22 -13.71
N ASN C 320 -32.04 -22.33 -13.75
CA ASN C 320 -32.25 -20.92 -14.08
C ASN C 320 -33.32 -20.30 -13.17
N GLY C 321 -33.13 -20.46 -11.87
CA GLY C 321 -34.08 -19.91 -10.92
C GLY C 321 -34.01 -18.39 -10.85
N THR C 322 -35.07 -17.82 -10.29
CA THR C 322 -35.19 -16.37 -10.15
C THR C 322 -34.75 -15.87 -8.78
N ILE C 323 -35.17 -16.55 -7.71
CA ILE C 323 -34.82 -16.18 -6.36
C ILE C 323 -34.66 -17.44 -5.53
N GLY C 324 -33.78 -17.38 -4.53
CA GLY C 324 -33.53 -18.52 -3.69
C GLY C 324 -33.31 -18.11 -2.24
N GLY C 325 -33.50 -19.08 -1.35
CA GLY C 325 -33.34 -18.82 0.07
C GLY C 325 -33.59 -20.08 0.86
N GLU C 326 -33.24 -20.02 2.13
CA GLU C 326 -33.37 -21.14 3.05
C GLU C 326 -34.22 -20.74 4.25
N GLU C 327 -34.37 -21.67 5.18
CA GLU C 327 -35.20 -21.43 6.36
C GLU C 327 -34.62 -20.34 7.24
N ASN C 328 -33.29 -20.20 7.25
CA ASN C 328 -32.63 -19.15 8.01
C ASN C 328 -32.87 -17.80 7.38
N GLY C 329 -33.43 -17.79 6.17
CA GLY C 329 -33.72 -16.54 5.49
C GLY C 329 -32.56 -15.95 4.71
N GLY C 330 -31.59 -16.78 4.33
CA GLY C 330 -30.49 -16.31 3.53
C GLY C 330 -30.85 -16.27 2.06
N VAL C 331 -31.15 -15.08 1.56
CA VAL C 331 -31.64 -14.92 0.19
C VAL C 331 -30.48 -14.97 -0.79
N ILE C 332 -30.69 -15.67 -1.91
CA ILE C 332 -29.70 -15.79 -2.96
C ILE C 332 -30.24 -15.12 -4.22
N PHE C 333 -29.46 -14.20 -4.78
CA PHE C 333 -29.81 -13.50 -6.01
C PHE C 333 -28.98 -14.07 -7.14
N PRO C 334 -29.51 -15.00 -7.94
CA PRO C 334 -28.67 -15.70 -8.93
C PRO C 334 -28.00 -14.79 -9.93
N ASP C 335 -28.68 -13.72 -10.35
CA ASP C 335 -28.12 -12.82 -11.35
C ASP C 335 -27.00 -11.95 -10.79
N PHE C 336 -26.88 -11.85 -9.46
CA PHE C 336 -25.85 -11.05 -8.84
C PHE C 336 -24.73 -11.89 -8.25
N VAL C 337 -25.06 -12.80 -7.32
CA VAL C 337 -24.08 -13.65 -6.67
C VAL C 337 -24.75 -15.00 -6.42
N LEU C 338 -24.05 -16.09 -6.79
CA LEU C 338 -24.55 -17.44 -6.56
C LEU C 338 -24.24 -17.88 -5.12
N GLY C 339 -24.76 -17.10 -4.18
CA GLY C 339 -24.59 -17.39 -2.77
C GLY C 339 -25.39 -16.41 -1.96
N ARG C 340 -25.46 -16.67 -0.65
CA ARG C 340 -26.17 -15.77 0.24
C ARG C 340 -25.46 -14.43 0.31
N ASP C 341 -26.24 -13.35 0.16
CA ASP C 341 -25.72 -11.99 0.19
C ASP C 341 -26.56 -11.18 1.17
N GLY C 342 -25.98 -10.87 2.34
CA GLY C 342 -26.70 -10.05 3.30
C GLY C 342 -26.88 -8.62 2.85
N ALA C 343 -25.87 -8.04 2.21
CA ALA C 343 -25.96 -6.65 1.77
C ALA C 343 -26.96 -6.47 0.65
N MET C 344 -26.99 -7.39 -0.33
CA MET C 344 -27.99 -7.30 -1.39
C MET C 344 -29.40 -7.47 -0.84
N THR C 345 -29.58 -8.39 0.10
CA THR C 345 -30.88 -8.56 0.74
C THR C 345 -31.29 -7.30 1.49
N THR C 346 -30.34 -6.69 2.20
CA THR C 346 -30.64 -5.46 2.92
C THR C 346 -31.02 -4.33 1.96
N ALA C 347 -30.30 -4.21 0.83
CA ALA C 347 -30.63 -3.19 -0.15
C ALA C 347 -32.02 -3.41 -0.74
N LYS C 348 -32.35 -4.66 -1.06
CA LYS C 348 -33.68 -4.96 -1.60
C LYS C 348 -34.77 -4.66 -0.57
N ILE C 349 -34.53 -5.02 0.69
CA ILE C 349 -35.51 -4.73 1.74
C ILE C 349 -35.69 -3.23 1.91
N VAL C 350 -34.58 -2.47 1.85
CA VAL C 350 -34.66 -1.02 1.96
C VAL C 350 -35.46 -0.44 0.81
N GLU C 351 -35.23 -0.93 -0.41
CA GLU C 351 -36.00 -0.46 -1.56
C GLU C 351 -37.48 -0.78 -1.42
N ILE C 352 -37.80 -1.98 -0.94
CA ILE C 352 -39.19 -2.36 -0.72
C ILE C 352 -39.83 -1.43 0.31
N PHE C 353 -39.11 -1.16 1.41
CA PHE C 353 -39.64 -0.29 2.45
C PHE C 353 -39.87 1.13 1.92
N ALA C 354 -38.93 1.63 1.10
CA ALA C 354 -39.07 2.98 0.56
C ALA C 354 -40.24 3.06 -0.42
N LYS C 355 -40.41 2.05 -1.27
CA LYS C 355 -41.48 2.10 -2.26
C LYS C 355 -42.85 1.86 -1.66
N SER C 356 -42.92 1.04 -0.60
CA SER C 356 -44.21 0.62 -0.06
C SER C 356 -44.96 1.80 0.55
N GLY C 357 -44.27 2.65 1.29
CA GLY C 357 -44.91 3.72 2.02
C GLY C 357 -45.50 3.30 3.36
N LYS C 358 -45.36 2.03 3.74
CA LYS C 358 -45.86 1.52 5.00
C LYS C 358 -44.71 1.39 6.00
N LYS C 359 -45.03 0.90 7.19
CA LYS C 359 -44.04 0.62 8.21
C LYS C 359 -43.52 -0.81 8.05
N PHE C 360 -42.34 -1.06 8.61
CA PHE C 360 -41.72 -2.37 8.46
C PHE C 360 -42.57 -3.47 9.08
N SER C 361 -43.10 -3.23 10.28
CA SER C 361 -43.99 -4.21 10.90
C SER C 361 -45.27 -4.38 10.10
N GLU C 362 -45.75 -3.32 9.44
CA GLU C 362 -46.93 -3.43 8.59
C GLU C 362 -46.64 -4.32 7.38
N LEU C 363 -45.45 -4.16 6.78
CA LEU C 363 -45.06 -5.01 5.67
C LEU C 363 -44.93 -6.47 6.11
N ILE C 364 -44.35 -6.70 7.29
CA ILE C 364 -44.17 -8.07 7.77
C ILE C 364 -45.52 -8.70 8.10
N ASP C 365 -46.41 -7.93 8.72
CA ASP C 365 -47.70 -8.49 9.16
C ASP C 365 -48.65 -8.71 8.00
N GLU C 366 -48.52 -7.94 6.92
CA GLU C 366 -49.41 -8.10 5.78
C GLU C 366 -49.19 -9.43 5.04
N LEU C 367 -48.07 -10.10 5.29
CA LEU C 367 -47.86 -11.42 4.72
C LEU C 367 -48.79 -12.44 5.38
N PRO C 368 -49.11 -13.54 4.69
CA PRO C 368 -49.92 -14.59 5.31
C PRO C 368 -49.28 -15.14 6.58
N LYS C 369 -50.10 -15.42 7.59
CA LYS C 369 -49.63 -15.77 8.92
C LYS C 369 -49.43 -17.28 9.04
N TYR C 370 -48.26 -17.67 9.53
CA TYR C 370 -47.96 -19.06 9.81
C TYR C 370 -47.30 -19.16 11.17
N TYR C 371 -47.52 -20.29 11.84
CA TYR C 371 -47.00 -20.53 13.18
C TYR C 371 -46.10 -21.75 13.15
N GLN C 372 -44.90 -21.63 13.71
CA GLN C 372 -43.90 -22.68 13.66
C GLN C 372 -43.40 -23.00 15.06
N PHE C 373 -43.15 -24.27 15.32
CA PHE C 373 -42.58 -24.73 16.57
C PHE C 373 -41.48 -25.74 16.30
N LYS C 374 -40.42 -25.67 17.10
CA LYS C 374 -39.22 -26.48 16.87
C LYS C 374 -38.84 -27.22 18.14
N THR C 375 -38.23 -28.38 17.95
CA THR C 375 -37.69 -29.17 19.05
C THR C 375 -36.57 -30.05 18.50
N LYS C 376 -35.70 -30.52 19.40
CA LYS C 376 -34.54 -31.29 18.97
C LYS C 376 -34.30 -32.42 19.99
N ARG C 377 -34.81 -33.60 19.66
CA ARG C 377 -34.50 -34.80 20.44
C ARG C 377 -33.07 -35.26 20.16
N HIS C 378 -32.32 -35.50 21.22
CA HIS C 378 -30.94 -35.95 21.09
C HIS C 378 -30.92 -37.47 21.06
N VAL C 379 -30.68 -38.05 19.88
CA VAL C 379 -30.69 -39.48 19.68
C VAL C 379 -29.38 -39.88 18.99
N GLU C 380 -28.71 -40.89 19.53
CA GLU C 380 -27.46 -41.39 18.98
C GLU C 380 -27.70 -42.65 18.16
N GLY C 381 -26.92 -42.79 17.09
CA GLY C 381 -27.00 -43.95 16.22
C GLY C 381 -27.33 -43.55 14.79
N ASP C 382 -27.77 -44.54 14.01
CA ASP C 382 -28.15 -44.31 12.63
C ASP C 382 -29.50 -43.63 12.55
N ARG C 383 -29.50 -42.30 12.70
CA ARG C 383 -30.75 -41.54 12.70
C ARG C 383 -31.45 -41.58 11.34
N LYS C 384 -30.72 -41.88 10.26
CA LYS C 384 -31.35 -42.00 8.96
C LYS C 384 -32.35 -43.15 8.93
N ALA C 385 -31.98 -44.28 9.54
CA ALA C 385 -32.91 -45.41 9.64
C ALA C 385 -34.13 -45.05 10.47
N ILE C 386 -33.93 -44.28 11.55
CA ILE C 386 -35.05 -43.87 12.38
C ILE C 386 -35.99 -42.96 11.59
N VAL C 387 -35.42 -42.04 10.80
CA VAL C 387 -36.23 -41.15 9.98
C VAL C 387 -37.02 -41.95 8.95
N ALA C 388 -36.36 -42.93 8.33
CA ALA C 388 -37.05 -43.78 7.36
C ALA C 388 -38.17 -44.56 8.02
N LYS C 389 -37.95 -45.07 9.23
CA LYS C 389 -38.99 -45.81 9.93
C LYS C 389 -40.16 -44.90 10.29
N VAL C 390 -39.89 -43.67 10.70
CA VAL C 390 -40.96 -42.70 10.95
C VAL C 390 -41.74 -42.45 9.66
N ALA C 391 -41.04 -42.35 8.53
CA ALA C 391 -41.72 -42.17 7.26
C ALA C 391 -42.64 -43.35 6.95
N GLU C 392 -42.16 -44.57 7.21
CA GLU C 392 -42.99 -45.75 6.99
C GLU C 392 -44.21 -45.76 7.90
N LEU C 393 -44.02 -45.40 9.18
CA LEU C 393 -45.14 -45.36 10.10
C LEU C 393 -46.18 -44.33 9.67
N ALA C 394 -45.74 -43.16 9.21
CA ALA C 394 -46.66 -42.16 8.71
C ALA C 394 -47.36 -42.66 7.44
N GLU C 395 -46.65 -43.41 6.61
CA GLU C 395 -47.25 -43.99 5.40
C GLU C 395 -48.35 -44.98 5.76
N LYS C 396 -48.13 -45.80 6.78
CA LYS C 396 -49.14 -46.77 7.20
C LYS C 396 -50.40 -46.07 7.71
N LYS C 397 -50.23 -44.95 8.40
CA LYS C 397 -51.36 -44.21 8.95
C LYS C 397 -52.08 -43.35 7.91
N GLY C 398 -51.68 -43.44 6.64
CA GLY C 398 -52.32 -42.70 5.59
C GLY C 398 -51.87 -41.26 5.44
N TYR C 399 -50.86 -40.84 6.18
CA TYR C 399 -50.38 -39.46 6.09
C TYR C 399 -49.58 -39.27 4.81
N LYS C 400 -49.87 -38.18 4.11
CA LYS C 400 -49.08 -37.81 2.94
C LYS C 400 -47.71 -37.30 3.38
N ILE C 401 -46.66 -37.88 2.83
CA ILE C 401 -45.30 -37.59 3.28
C ILE C 401 -44.42 -37.26 2.08
N ASP C 402 -43.35 -36.52 2.35
CA ASP C 402 -42.30 -36.23 1.38
C ASP C 402 -40.97 -36.59 2.01
N THR C 403 -40.09 -37.20 1.23
CA THR C 403 -38.82 -37.71 1.74
C THR C 403 -37.65 -37.13 0.97
N THR C 404 -37.67 -35.81 0.74
CA THR C 404 -36.54 -35.16 0.08
C THR C 404 -35.33 -35.09 1.01
N ASP C 405 -35.48 -34.40 2.15
CA ASP C 405 -34.45 -34.32 3.18
C ASP C 405 -35.14 -34.55 4.53
N GLY C 406 -35.21 -35.80 4.94
CA GLY C 406 -35.93 -36.19 6.14
C GLY C 406 -37.31 -36.73 5.83
N THR C 407 -38.21 -36.56 6.78
CA THR C 407 -39.61 -36.97 6.65
C THR C 407 -40.48 -35.74 6.84
N LYS C 408 -41.01 -35.22 5.73
CA LYS C 408 -41.92 -34.08 5.76
C LYS C 408 -43.32 -34.59 5.47
N ILE C 409 -44.19 -34.51 6.47
CA ILE C 409 -45.57 -34.99 6.33
C ILE C 409 -46.42 -33.82 5.84
N ILE C 410 -46.83 -33.89 4.58
CA ILE C 410 -47.55 -32.78 3.93
C ILE C 410 -49.02 -32.88 4.34
N PHE C 411 -49.45 -31.97 5.22
CA PHE C 411 -50.84 -31.88 5.62
C PHE C 411 -51.61 -30.88 4.77
N ASP C 412 -52.83 -30.55 5.19
CA ASP C 412 -53.70 -29.64 4.47
C ASP C 412 -53.35 -28.18 4.73
N ASP C 413 -53.43 -27.73 5.98
CA ASP C 413 -53.11 -26.36 6.33
C ASP C 413 -51.67 -26.17 6.77
N GLY C 414 -50.88 -27.25 6.84
CA GLY C 414 -49.50 -27.14 7.27
C GLY C 414 -48.69 -28.40 7.00
N TRP C 415 -47.69 -28.65 7.84
CA TRP C 415 -46.84 -29.82 7.68
C TRP C 415 -46.05 -30.01 8.97
N VAL C 416 -45.46 -31.20 9.11
CA VAL C 416 -44.51 -31.50 10.17
C VAL C 416 -43.31 -32.20 9.53
N LEU C 417 -42.11 -31.75 9.87
CA LEU C 417 -40.88 -32.25 9.28
C LEU C 417 -40.04 -32.93 10.35
N VAL C 418 -39.59 -34.15 10.07
CA VAL C 418 -38.71 -34.91 10.95
C VAL C 418 -37.39 -35.09 10.20
N ARG C 419 -36.41 -34.27 10.55
CA ARG C 419 -35.11 -34.29 9.90
C ARG C 419 -34.02 -34.39 10.95
N ALA C 420 -33.02 -35.22 10.69
CA ALA C 420 -31.92 -35.44 11.61
C ALA C 420 -30.66 -34.74 11.10
N SER C 421 -30.07 -33.89 11.93
CA SER C 421 -28.84 -33.21 11.57
C SER C 421 -27.67 -34.19 11.61
N GLY C 422 -26.82 -34.14 10.58
CA GLY C 422 -25.68 -35.03 10.53
C GLY C 422 -24.51 -34.58 11.36
N THR C 423 -24.41 -33.28 11.63
CA THR C 423 -23.27 -32.76 12.39
C THR C 423 -23.29 -33.25 13.83
N GLU C 424 -24.46 -33.28 14.46
CA GLU C 424 -24.59 -33.66 15.85
C GLU C 424 -25.69 -34.72 16.00
N PRO C 425 -25.57 -35.59 17.00
CA PRO C 425 -26.58 -36.65 17.17
C PRO C 425 -27.90 -36.11 17.72
N ILE C 426 -28.61 -35.32 16.93
CA ILE C 426 -29.89 -34.75 17.31
C ILE C 426 -30.85 -34.91 16.15
N ILE C 427 -32.10 -35.24 16.45
CA ILE C 427 -33.15 -35.37 15.46
C ILE C 427 -34.13 -34.22 15.69
N ARG C 428 -34.06 -33.19 14.84
CA ARG C 428 -34.91 -32.02 14.99
C ARG C 428 -36.27 -32.27 14.36
N ILE C 429 -37.31 -31.71 14.98
CA ILE C 429 -38.68 -31.82 14.49
C ILE C 429 -39.18 -30.42 14.19
N PHE C 430 -39.61 -30.20 12.95
CA PHE C 430 -40.14 -28.92 12.51
C PHE C 430 -41.60 -29.07 12.15
N SER C 431 -42.44 -28.22 12.72
CA SER C 431 -43.88 -28.25 12.47
C SER C 431 -44.37 -26.84 12.18
N GLU C 432 -45.34 -26.73 11.28
CA GLU C 432 -45.92 -25.44 10.95
C GLU C 432 -47.36 -25.64 10.46
N ALA C 433 -48.21 -24.69 10.80
CA ALA C 433 -49.59 -24.68 10.32
C ALA C 433 -50.05 -23.23 10.26
N LYS C 434 -51.31 -23.02 9.89
CA LYS C 434 -51.88 -21.69 9.80
C LYS C 434 -52.47 -21.21 11.12
N SER C 435 -52.44 -22.03 12.16
CA SER C 435 -52.95 -21.65 13.47
C SER C 435 -51.98 -22.12 14.55
N GLU C 436 -52.01 -21.46 15.70
CA GLU C 436 -51.12 -21.82 16.80
C GLU C 436 -51.40 -23.24 17.28
N GLU C 437 -52.67 -23.56 17.52
CA GLU C 437 -53.01 -24.87 18.05
C GLU C 437 -52.66 -25.98 17.06
N LYS C 438 -52.98 -25.77 15.78
CA LYS C 438 -52.71 -26.80 14.78
C LYS C 438 -51.22 -27.04 14.60
N ALA C 439 -50.40 -25.99 14.68
CA ALA C 439 -48.95 -26.16 14.58
C ALA C 439 -48.42 -27.00 15.72
N ARG C 440 -48.89 -26.75 16.95
CA ARG C 440 -48.54 -27.60 18.07
C ARG C 440 -49.15 -28.98 17.93
N GLU C 441 -50.37 -29.06 17.36
CA GLU C 441 -51.00 -30.35 17.12
C GLU C 441 -50.16 -31.22 16.20
N TYR C 442 -49.59 -30.61 15.15
CA TYR C 442 -48.70 -31.35 14.27
C TYR C 442 -47.34 -31.61 14.93
N LEU C 443 -46.92 -30.72 15.82
CA LEU C 443 -45.65 -30.91 16.52
C LEU C 443 -45.69 -32.15 17.42
N GLU C 444 -46.78 -32.32 18.17
CA GLU C 444 -46.90 -33.49 19.04
C GLU C 444 -46.95 -34.77 18.21
N LEU C 445 -47.58 -34.73 17.04
CA LEU C 445 -47.61 -35.89 16.16
C LEU C 445 -46.21 -36.26 15.71
N GLY C 446 -45.36 -35.27 15.45
CA GLY C 446 -43.99 -35.55 15.06
C GLY C 446 -43.22 -36.27 16.16
N ILE C 447 -43.35 -35.81 17.40
CA ILE C 447 -42.72 -36.49 18.52
C ILE C 447 -43.34 -37.87 18.73
N LYS C 448 -44.66 -37.97 18.51
CA LYS C 448 -45.35 -39.24 18.71
C LYS C 448 -44.80 -40.32 17.79
N LEU C 449 -44.61 -39.98 16.51
CA LEU C 449 -44.05 -40.95 15.57
C LEU C 449 -42.58 -41.23 15.87
N LEU C 450 -41.84 -40.21 16.32
CA LEU C 450 -40.43 -40.40 16.65
C LEU C 450 -40.27 -41.36 17.81
N GLU C 451 -41.10 -41.22 18.84
CA GLU C 451 -41.03 -42.12 19.99
C GLU C 451 -41.41 -43.55 19.60
N GLU C 452 -42.32 -43.70 18.63
CA GLU C 452 -42.68 -45.03 18.16
C GLU C 452 -41.48 -45.70 17.49
N ALA C 453 -40.70 -44.95 16.74
CA ALA C 453 -39.50 -45.49 16.10
C ALA C 453 -38.34 -45.57 17.09
N LYS D 3 -0.53 29.50 -26.61
CA LYS D 3 -0.43 30.39 -25.46
C LYS D 3 0.10 29.64 -24.25
N LEU D 4 -0.67 28.65 -23.78
CA LEU D 4 -0.28 27.85 -22.63
C LEU D 4 0.28 26.49 -23.04
N PHE D 5 -0.51 25.72 -23.79
CA PHE D 5 -0.10 24.39 -24.22
C PHE D 5 0.71 24.47 -25.50
N GLY D 6 1.71 23.60 -25.60
CA GLY D 6 2.50 23.50 -26.81
C GLY D 6 1.89 22.53 -27.80
N THR D 7 2.73 21.79 -28.52
CA THR D 7 2.22 20.80 -29.46
C THR D 7 1.48 19.69 -28.74
N PHE D 8 2.02 19.21 -27.62
CA PHE D 8 1.38 18.17 -26.83
C PHE D 8 1.73 18.45 -25.36
N GLY D 9 0.82 19.14 -24.67
CA GLY D 9 1.04 19.47 -23.28
C GLY D 9 1.87 20.72 -23.10
N VAL D 10 2.02 21.10 -21.83
CA VAL D 10 2.78 22.28 -21.44
C VAL D 10 3.95 21.84 -20.56
N ARG D 11 5.13 22.37 -20.85
CA ARG D 11 6.33 22.03 -20.10
C ARG D 11 7.03 23.30 -19.63
N GLY D 12 7.88 23.14 -18.62
CA GLY D 12 8.64 24.26 -18.10
C GLY D 12 9.51 23.78 -16.96
N ILE D 13 10.27 24.72 -16.40
CA ILE D 13 11.14 24.40 -15.28
C ILE D 13 10.28 24.14 -14.05
N ALA D 14 10.52 23.01 -13.39
CA ALA D 14 9.74 22.64 -12.22
C ALA D 14 10.01 23.62 -11.08
N ASN D 15 8.94 23.97 -10.36
CA ASN D 15 8.93 24.90 -9.24
C ASN D 15 9.26 26.33 -9.64
N GLU D 16 9.49 26.60 -10.93
CA GLU D 16 9.66 27.96 -11.43
C GLU D 16 8.52 28.35 -12.35
N GLU D 17 8.28 27.56 -13.40
CA GLU D 17 7.13 27.74 -14.27
C GLU D 17 6.02 26.73 -13.96
N ILE D 18 6.36 25.45 -13.87
CA ILE D 18 5.39 24.42 -13.51
C ILE D 18 5.42 24.32 -11.99
N THR D 19 4.70 25.22 -11.35
CA THR D 19 4.56 25.27 -9.91
C THR D 19 3.37 24.43 -9.46
N PRO D 20 3.29 24.08 -8.18
CA PRO D 20 2.09 23.39 -7.69
C PRO D 20 0.81 24.18 -7.90
N GLU D 21 0.87 25.51 -7.85
CA GLU D 21 -0.29 26.32 -8.22
C GLU D 21 -0.67 26.11 -9.68
N PHE D 22 0.32 26.04 -10.57
CA PHE D 22 0.05 25.79 -11.98
C PHE D 22 -0.58 24.43 -12.20
N ALA D 23 -0.04 23.38 -11.55
CA ALA D 23 -0.62 22.05 -11.69
C ALA D 23 -2.02 21.98 -11.10
N LEU D 24 -2.25 22.64 -9.97
CA LEU D 24 -3.57 22.67 -9.37
C LEU D 24 -4.58 23.35 -10.28
N LYS D 25 -4.19 24.49 -10.88
CA LYS D 25 -5.08 25.19 -11.80
C LYS D 25 -5.34 24.36 -13.06
N ILE D 26 -4.33 23.66 -13.56
CA ILE D 26 -4.52 22.79 -14.71
C ILE D 26 -5.50 21.67 -14.39
N GLY D 27 -5.34 21.05 -13.22
CA GLY D 27 -6.27 20.02 -12.81
C GLY D 27 -7.69 20.52 -12.65
N MET D 28 -7.84 21.70 -12.04
CA MET D 28 -9.17 22.29 -11.90
C MET D 28 -9.79 22.64 -13.25
N ALA D 29 -9.01 23.18 -14.18
CA ALA D 29 -9.54 23.47 -15.51
C ALA D 29 -9.93 22.20 -16.26
N PHE D 30 -9.11 21.15 -16.16
CA PHE D 30 -9.45 19.89 -16.82
C PHE D 30 -10.72 19.28 -16.23
N GLY D 31 -10.84 19.30 -14.90
CA GLY D 31 -12.06 18.81 -14.27
C GLY D 31 -13.27 19.63 -14.63
N THR D 32 -13.12 20.96 -14.73
CA THR D 32 -14.22 21.80 -15.14
C THR D 32 -14.64 21.50 -16.58
N LEU D 33 -13.67 21.26 -17.46
CA LEU D 33 -13.98 20.86 -18.83
C LEU D 33 -14.75 19.54 -18.85
N LEU D 34 -14.32 18.58 -18.03
CA LEU D 34 -14.99 17.28 -18.00
C LEU D 34 -16.40 17.38 -17.43
N LYS D 35 -16.62 18.21 -16.41
CA LYS D 35 -17.94 18.37 -15.82
C LYS D 35 -18.87 19.19 -16.70
N ARG D 36 -18.33 20.16 -17.45
CA ARG D 36 -19.16 21.00 -18.30
C ARG D 36 -19.49 20.31 -19.61
N GLU D 37 -19.13 19.02 -19.72
CA GLU D 37 -19.40 18.23 -20.91
C GLU D 37 -20.44 17.16 -20.64
N GLY D 38 -21.24 17.34 -19.60
CA GLY D 38 -22.36 16.46 -19.28
C GLY D 38 -22.06 15.32 -18.34
N ARG D 39 -20.80 14.91 -18.23
CA ARG D 39 -20.44 13.82 -17.34
C ARG D 39 -20.65 14.22 -15.89
N GLU D 40 -21.33 13.35 -15.13
CA GLU D 40 -21.70 13.68 -13.76
C GLU D 40 -20.60 13.33 -12.76
N ARG D 41 -19.85 12.25 -13.00
CA ARG D 41 -18.72 11.87 -12.15
C ARG D 41 -17.60 11.40 -13.07
N PRO D 42 -16.90 12.34 -13.71
CA PRO D 42 -15.84 11.95 -14.64
C PRO D 42 -14.73 11.17 -13.95
N LEU D 43 -14.15 10.24 -14.69
CA LEU D 43 -13.04 9.42 -14.21
C LEU D 43 -11.78 9.82 -14.96
N VAL D 44 -10.72 10.12 -14.21
CA VAL D 44 -9.46 10.59 -14.78
C VAL D 44 -8.36 9.64 -14.34
N VAL D 45 -7.53 9.23 -15.29
CA VAL D 45 -6.35 8.41 -15.01
C VAL D 45 -5.14 9.34 -14.99
N VAL D 46 -4.44 9.38 -13.87
CA VAL D 46 -3.32 10.30 -13.67
C VAL D 46 -2.06 9.47 -13.42
N GLY D 47 -1.01 9.76 -14.18
CA GLY D 47 0.28 9.11 -13.99
C GLY D 47 1.41 10.10 -14.17
N ARG D 48 2.62 9.62 -13.91
CA ARG D 48 3.80 10.46 -14.01
C ARG D 48 5.01 9.61 -14.33
N ASP D 49 6.08 10.28 -14.75
CA ASP D 49 7.35 9.62 -14.98
C ASP D 49 8.16 9.65 -13.68
N THR D 50 9.46 9.33 -13.77
CA THR D 50 10.30 9.20 -12.58
C THR D 50 10.83 10.53 -12.08
N ARG D 51 10.51 11.64 -12.73
CA ARG D 51 11.08 12.93 -12.37
C ARG D 51 10.78 13.27 -10.91
N VAL D 52 11.78 13.84 -10.24
CA VAL D 52 11.68 14.10 -8.80
C VAL D 52 10.62 15.11 -8.44
N SER D 53 10.27 16.01 -9.35
CA SER D 53 9.23 17.01 -9.11
C SER D 53 7.84 16.51 -9.47
N GLY D 54 7.73 15.27 -9.98
CA GLY D 54 6.44 14.78 -10.43
C GLY D 54 5.47 14.42 -9.33
N GLU D 55 5.97 14.09 -8.13
CA GLU D 55 5.06 13.68 -7.06
C GLU D 55 4.26 14.86 -6.52
N MET D 56 4.92 15.99 -6.27
CA MET D 56 4.20 17.17 -5.80
C MET D 56 3.28 17.71 -6.88
N LEU D 57 3.72 17.70 -8.14
CA LEU D 57 2.88 18.14 -9.23
C LEU D 57 1.67 17.23 -9.40
N LYS D 58 1.88 15.91 -9.29
CA LYS D 58 0.76 14.99 -9.35
CA LYS D 58 0.76 14.98 -9.36
C LYS D 58 -0.21 15.20 -8.20
N ASP D 59 0.30 15.45 -7.00
CA ASP D 59 -0.57 15.72 -5.86
C ASP D 59 -1.41 16.97 -6.08
N ALA D 60 -0.79 18.05 -6.56
CA ALA D 60 -1.55 19.27 -6.85
C ALA D 60 -2.59 19.04 -7.94
N LEU D 61 -2.22 18.34 -9.00
CA LEU D 61 -3.16 18.07 -10.09
C LEU D 61 -4.34 17.24 -9.62
N ILE D 62 -4.06 16.20 -8.82
CA ILE D 62 -5.13 15.34 -8.32
C ILE D 62 -6.03 16.11 -7.37
N SER D 63 -5.45 16.95 -6.52
CA SER D 63 -6.26 17.78 -5.64
C SER D 63 -7.16 18.71 -6.43
N GLY D 64 -6.63 19.28 -7.52
CA GLY D 64 -7.48 20.10 -8.37
C GLY D 64 -8.59 19.32 -9.04
N LEU D 65 -8.28 18.10 -9.50
CA LEU D 65 -9.29 17.28 -10.16
C LEU D 65 -10.39 16.84 -9.18
N LEU D 66 -10.01 16.49 -7.95
CA LEU D 66 -11.00 16.07 -6.97
C LEU D 66 -11.93 17.22 -6.57
N SER D 67 -11.41 18.44 -6.53
CA SER D 67 -12.23 19.59 -6.17
C SER D 67 -13.33 19.85 -7.19
N THR D 68 -13.16 19.40 -8.42
CA THR D 68 -14.15 19.58 -9.47
C THR D 68 -15.18 18.46 -9.50
N GLY D 69 -15.05 17.45 -8.65
CA GLY D 69 -15.98 16.34 -8.62
C GLY D 69 -15.61 15.16 -9.49
N CYS D 70 -14.37 15.08 -9.96
CA CYS D 70 -13.92 13.99 -10.83
C CYS D 70 -13.20 12.93 -10.02
N ASP D 71 -13.58 11.68 -10.24
CA ASP D 71 -12.85 10.56 -9.65
C ASP D 71 -11.52 10.38 -10.36
N VAL D 72 -10.48 10.08 -9.60
CA VAL D 72 -9.12 10.00 -10.11
C VAL D 72 -8.56 8.61 -9.83
N ILE D 73 -7.99 8.00 -10.87
CA ILE D 73 -7.22 6.77 -10.74
C ILE D 73 -5.75 7.14 -10.81
N ASP D 74 -5.03 6.93 -9.72
CA ASP D 74 -3.60 7.22 -9.65
C ASP D 74 -2.83 5.95 -10.00
N VAL D 75 -2.19 5.95 -11.17
CA VAL D 75 -1.45 4.78 -11.63
C VAL D 75 0.03 4.86 -11.29
N GLY D 76 0.44 5.87 -10.52
CA GLY D 76 1.81 5.98 -10.09
C GLY D 76 2.76 6.27 -11.23
N ILE D 77 3.98 5.75 -11.12
CA ILE D 77 4.99 5.95 -12.15
C ILE D 77 4.77 4.92 -13.26
N ALA D 78 4.61 5.40 -14.48
CA ALA D 78 4.39 4.54 -15.63
C ALA D 78 4.77 5.31 -16.88
N PRO D 79 5.09 4.61 -17.98
CA PRO D 79 5.35 5.31 -19.24
C PRO D 79 4.10 6.03 -19.74
N THR D 80 4.33 7.10 -20.50
CA THR D 80 3.21 7.83 -21.09
C THR D 80 2.32 6.94 -21.96
N PRO D 81 2.85 6.10 -22.86
CA PRO D 81 1.96 5.17 -23.56
C PRO D 81 1.21 4.23 -22.64
N ALA D 82 1.82 3.81 -21.52
CA ALA D 82 1.11 3.00 -20.54
C ALA D 82 -0.03 3.77 -19.90
N ILE D 83 0.17 5.06 -19.61
CA ILE D 83 -0.91 5.85 -19.02
C ILE D 83 -2.04 6.06 -20.03
N GLN D 84 -1.70 6.26 -21.30
CA GLN D 84 -2.73 6.35 -22.33
C GLN D 84 -3.50 5.05 -22.46
N TRP D 85 -2.79 3.91 -22.43
CA TRP D 85 -3.43 2.61 -22.47
C TRP D 85 -4.32 2.38 -21.27
N ALA D 86 -3.93 2.85 -20.09
CA ALA D 86 -4.77 2.74 -18.90
C ALA D 86 -5.98 3.66 -18.99
N THR D 87 -5.83 4.85 -19.56
CA THR D 87 -6.96 5.74 -19.76
C THR D 87 -8.00 5.09 -20.66
N ASN D 88 -7.55 4.44 -21.73
CA ASN D 88 -8.50 3.71 -22.58
C ASN D 88 -9.01 2.45 -21.87
N HIS D 89 -8.19 1.84 -21.03
CA HIS D 89 -8.53 0.55 -20.42
C HIS D 89 -9.54 0.72 -19.30
N PHE D 90 -9.43 1.79 -18.52
CA PHE D 90 -10.33 2.03 -17.40
C PHE D 90 -11.61 2.73 -17.83
N ASN D 91 -11.80 2.97 -19.13
CA ASN D 91 -12.95 3.71 -19.65
C ASN D 91 -13.04 5.08 -18.99
N ALA D 92 -11.89 5.71 -18.78
CA ALA D 92 -11.85 7.02 -18.15
C ALA D 92 -12.33 8.10 -19.11
N ASP D 93 -12.84 9.19 -18.54
CA ASP D 93 -13.26 10.34 -19.32
C ASP D 93 -12.11 11.26 -19.69
N GLY D 94 -10.92 10.97 -19.21
CA GLY D 94 -9.75 11.77 -19.52
C GLY D 94 -8.52 11.17 -18.89
N GLY D 95 -7.39 11.77 -19.18
CA GLY D 95 -6.12 11.30 -18.64
C GLY D 95 -5.14 12.44 -18.52
N ALA D 96 -4.20 12.30 -17.60
CA ALA D 96 -3.18 13.31 -17.37
C ALA D 96 -1.86 12.63 -17.08
N VAL D 97 -0.80 13.13 -17.71
CA VAL D 97 0.56 12.61 -17.53
C VAL D 97 1.44 13.75 -17.05
N ILE D 98 2.09 13.55 -15.91
CA ILE D 98 3.05 14.52 -15.38
C ILE D 98 4.43 14.12 -15.90
N THR D 99 4.87 14.77 -16.97
CA THR D 99 6.15 14.43 -17.58
C THR D 99 6.62 15.59 -18.45
N ALA D 100 7.93 15.62 -18.71
CA ALA D 100 8.52 16.53 -19.66
C ALA D 100 9.24 15.79 -20.80
N SER D 101 8.93 14.51 -20.97
CA SER D 101 9.50 13.69 -22.04
C SER D 101 11.01 13.57 -21.91
N HIS D 102 11.73 14.17 -22.86
CA HIS D 102 13.19 14.06 -22.94
C HIS D 102 13.90 15.28 -22.36
N ASN D 103 13.16 16.20 -21.74
CA ASN D 103 13.76 17.42 -21.24
C ASN D 103 14.68 17.14 -20.05
N PRO D 104 15.62 18.03 -19.76
CA PRO D 104 16.55 17.82 -18.65
C PRO D 104 15.83 17.63 -17.33
N PRO D 105 16.53 17.18 -16.28
CA PRO D 105 15.85 16.83 -15.02
C PRO D 105 15.09 17.99 -14.37
N GLU D 106 15.50 19.23 -14.61
CA GLU D 106 14.86 20.37 -13.99
C GLU D 106 13.49 20.70 -14.57
N TYR D 107 13.12 20.06 -15.67
CA TYR D 107 11.85 20.33 -16.33
C TYR D 107 10.78 19.33 -15.92
N ASN D 108 9.53 19.78 -16.03
CA ASN D 108 8.37 18.91 -15.85
C ASN D 108 7.22 19.53 -16.62
N GLY D 109 6.11 18.81 -16.68
CA GLY D 109 4.95 19.30 -17.42
C GLY D 109 3.79 18.35 -17.28
N ILE D 110 2.69 18.74 -17.92
CA ILE D 110 1.44 17.98 -17.87
C ILE D 110 0.93 17.76 -19.28
N LYS D 111 0.52 16.53 -19.58
CA LYS D 111 -0.13 16.19 -20.83
C LYS D 111 -1.54 15.71 -20.53
N LEU D 112 -2.53 16.32 -21.17
CA LEU D 112 -3.92 15.92 -20.99
C LEU D 112 -4.36 15.02 -22.13
N LEU D 113 -5.16 14.01 -21.80
CA LEU D 113 -5.50 12.94 -22.72
C LEU D 113 -7.00 12.87 -22.96
N GLU D 114 -7.36 12.31 -24.11
CA GLU D 114 -8.75 12.07 -24.47
C GLU D 114 -9.25 10.81 -23.78
N PRO D 115 -10.56 10.55 -23.79
CA PRO D 115 -11.06 9.32 -23.17
C PRO D 115 -10.48 8.04 -23.77
N ASN D 116 -10.06 8.07 -25.03
CA ASN D 116 -9.45 6.90 -25.67
C ASN D 116 -7.94 6.84 -25.46
N GLY D 117 -7.36 7.78 -24.72
CA GLY D 117 -5.94 7.81 -24.44
C GLY D 117 -5.15 8.74 -25.34
N MET D 118 -5.72 9.14 -26.47
CA MET D 118 -5.03 10.07 -27.36
C MET D 118 -4.92 11.44 -26.68
N GLY D 119 -3.89 12.18 -27.07
CA GLY D 119 -3.71 13.52 -26.51
C GLY D 119 -4.92 14.40 -26.76
N LEU D 120 -5.13 15.34 -25.85
CA LEU D 120 -6.33 16.17 -25.88
C LEU D 120 -6.42 16.95 -27.18
N LYS D 121 -7.63 17.04 -27.72
CA LYS D 121 -7.88 17.78 -28.94
C LYS D 121 -7.63 19.27 -28.72
N LYS D 122 -7.26 19.96 -29.80
CA LYS D 122 -7.02 21.39 -29.72
C LYS D 122 -8.29 22.17 -29.40
N GLU D 123 -9.45 21.68 -29.86
CA GLU D 123 -10.72 22.33 -29.52
C GLU D 123 -10.96 22.30 -28.02
N ARG D 124 -10.71 21.16 -27.39
CA ARG D 124 -10.84 21.03 -25.94
C ARG D 124 -9.67 21.67 -25.19
N GLU D 125 -8.48 21.67 -25.79
CA GLU D 125 -7.36 22.37 -25.18
C GLU D 125 -7.61 23.87 -25.11
N ALA D 126 -8.31 24.43 -26.10
CA ALA D 126 -8.66 25.85 -26.04
C ALA D 126 -9.59 26.13 -24.86
N ILE D 127 -10.57 25.24 -24.64
CA ILE D 127 -11.47 25.41 -23.50
C ILE D 127 -10.70 25.28 -22.19
N VAL D 128 -9.78 24.33 -22.13
CA VAL D 128 -8.95 24.17 -20.92
C VAL D 128 -8.14 25.43 -20.67
N GLU D 129 -7.58 26.02 -21.74
CA GLU D 129 -6.82 27.26 -21.60
C GLU D 129 -7.70 28.41 -21.10
N GLU D 130 -8.91 28.53 -21.66
CA GLU D 130 -9.83 29.58 -21.23
C GLU D 130 -10.19 29.41 -19.76
N LEU D 131 -10.46 28.18 -19.33
CA LEU D 131 -10.76 27.93 -17.92
C LEU D 131 -9.56 28.23 -17.04
N PHE D 132 -8.37 27.86 -17.50
CA PHE D 132 -7.16 28.12 -16.73
C PHE D 132 -6.93 29.60 -16.50
N PHE D 133 -7.12 30.41 -17.54
CA PHE D 133 -6.83 31.83 -17.42
C PHE D 133 -7.96 32.61 -16.77
N SER D 134 -9.21 32.24 -17.02
CA SER D 134 -10.33 32.93 -16.38
C SER D 134 -10.61 32.39 -14.98
N GLU D 135 -10.07 31.22 -14.66
CA GLU D 135 -10.27 30.55 -13.37
C GLU D 135 -11.74 30.33 -13.04
N ASP D 136 -12.59 30.17 -14.06
CA ASP D 136 -14.00 29.88 -13.87
C ASP D 136 -14.18 28.38 -13.66
N PHE D 137 -13.68 27.91 -12.53
CA PHE D 137 -13.65 26.49 -12.22
C PHE D 137 -14.96 26.04 -11.58
N HIS D 138 -15.30 24.78 -11.81
CA HIS D 138 -16.44 24.17 -11.16
C HIS D 138 -15.99 23.58 -9.83
N ARG D 139 -16.58 24.07 -8.74
CA ARG D 139 -16.24 23.62 -7.40
C ARG D 139 -17.37 22.74 -6.89
N ALA D 140 -17.10 21.44 -6.79
CA ALA D 140 -18.10 20.50 -6.33
C ALA D 140 -18.43 20.74 -4.86
N LYS D 141 -19.63 20.33 -4.46
CA LYS D 141 -20.04 20.44 -3.08
C LYS D 141 -19.24 19.45 -2.22
N TRP D 142 -19.40 19.57 -0.91
CA TRP D 142 -18.63 18.73 0.00
C TRP D 142 -18.91 17.25 -0.22
N ASN D 143 -20.15 16.90 -0.57
CA ASN D 143 -20.53 15.52 -0.79
C ASN D 143 -20.31 15.07 -2.23
N GLU D 144 -19.97 15.98 -3.14
CA GLU D 144 -19.73 15.64 -4.54
C GLU D 144 -18.25 15.61 -4.88
N ILE D 145 -17.36 15.77 -3.90
CA ILE D 145 -15.93 15.75 -4.17
C ILE D 145 -15.51 14.35 -4.57
N GLY D 146 -14.71 14.28 -5.64
CA GLY D 146 -14.37 12.99 -6.21
C GLY D 146 -13.48 12.15 -5.30
N GLU D 147 -13.50 10.86 -5.56
CA GLU D 147 -12.71 9.89 -4.81
C GLU D 147 -11.44 9.53 -5.57
N LEU D 148 -10.41 9.15 -4.81
CA LEU D 148 -9.11 8.80 -5.37
C LEU D 148 -8.78 7.35 -5.02
N ARG D 149 -8.43 6.56 -6.03
CA ARG D 149 -7.98 5.19 -5.83
C ARG D 149 -6.74 4.95 -6.68
N LYS D 150 -5.94 3.98 -6.26
CA LYS D 150 -4.65 3.69 -6.89
C LYS D 150 -4.71 2.35 -7.60
N GLU D 151 -4.16 2.30 -8.81
CA GLU D 151 -4.09 1.09 -9.60
C GLU D 151 -2.67 0.88 -10.11
N ASP D 152 -2.29 -0.37 -10.28
CA ASP D 152 -1.01 -0.73 -10.88
C ASP D 152 -1.28 -1.19 -12.31
N ILE D 153 -0.64 -0.53 -13.27
CA ILE D 153 -0.88 -0.78 -14.69
C ILE D 153 0.35 -1.32 -15.41
N ILE D 154 1.45 -1.56 -14.71
CA ILE D 154 2.67 -2.00 -15.38
C ILE D 154 2.50 -3.41 -15.93
N LYS D 155 2.14 -4.35 -15.06
CA LYS D 155 1.96 -5.73 -15.49
C LYS D 155 0.81 -5.91 -16.50
N PRO D 156 -0.38 -5.31 -16.31
CA PRO D 156 -1.40 -5.42 -17.35
C PRO D 156 -0.95 -4.86 -18.70
N TYR D 157 -0.21 -3.75 -18.69
CA TYR D 157 0.27 -3.16 -19.94
C TYR D 157 1.30 -4.07 -20.61
N ILE D 158 2.19 -4.66 -19.82
CA ILE D 158 3.17 -5.60 -20.37
C ILE D 158 2.47 -6.81 -20.96
N GLU D 159 1.46 -7.34 -20.26
CA GLU D 159 0.71 -8.48 -20.77
C GLU D 159 -0.04 -8.12 -22.05
N ALA D 160 -0.57 -6.89 -22.11
CA ALA D 160 -1.24 -6.43 -23.33
C ALA D 160 -0.27 -6.38 -24.51
N ILE D 161 0.97 -5.95 -24.25
CA ILE D 161 1.96 -5.91 -25.33
C ILE D 161 2.33 -7.32 -25.76
N LYS D 162 2.42 -8.26 -24.80
CA LYS D 162 2.83 -9.62 -25.13
C LYS D 162 1.82 -10.29 -26.07
N ASN D 163 0.53 -10.07 -25.84
CA ASN D 163 -0.52 -10.72 -26.63
C ASN D 163 -0.54 -10.25 -28.07
N ARG D 164 0.18 -9.18 -28.41
CA ARG D 164 0.17 -8.62 -29.76
CA ARG D 164 0.17 -8.62 -29.76
C ARG D 164 1.38 -9.04 -30.59
N VAL D 165 2.22 -9.94 -30.06
CA VAL D 165 3.41 -10.38 -30.77
C VAL D 165 3.52 -11.90 -30.65
N ASP D 166 4.34 -12.47 -31.52
CA ASP D 166 4.60 -13.92 -31.53
C ASP D 166 5.67 -14.22 -30.50
N VAL D 167 5.23 -14.56 -29.28
CA VAL D 167 6.16 -14.84 -28.20
C VAL D 167 6.96 -16.11 -28.48
N GLU D 168 6.33 -17.09 -29.13
CA GLU D 168 7.00 -18.37 -29.38
C GLU D 168 8.22 -18.20 -30.27
N ALA D 169 8.11 -17.39 -31.33
CA ALA D 169 9.25 -17.16 -32.21
C ALA D 169 10.39 -16.47 -31.47
N ILE D 170 10.07 -15.49 -30.63
CA ILE D 170 11.09 -14.80 -29.86
C ILE D 170 11.77 -15.76 -28.89
N LYS D 171 10.99 -16.61 -28.23
CA LYS D 171 11.57 -17.59 -27.32
C LYS D 171 12.46 -18.58 -28.07
N LYS D 172 12.06 -18.99 -29.27
CA LYS D 172 12.88 -19.87 -30.08
C LYS D 172 14.21 -19.20 -30.44
N ARG D 173 14.15 -17.93 -30.86
CA ARG D 173 15.36 -17.23 -31.24
C ARG D 173 16.20 -16.84 -30.02
N ARG D 174 15.55 -16.39 -28.94
CA ARG D 174 16.21 -15.87 -27.74
C ARG D 174 17.19 -14.76 -28.13
N PRO D 175 16.69 -13.58 -28.51
CA PRO D 175 17.60 -12.48 -28.83
C PRO D 175 18.33 -11.98 -27.59
N PHE D 176 19.50 -11.40 -27.81
CA PHE D 176 20.29 -10.76 -26.75
C PHE D 176 20.18 -9.26 -26.97
N VAL D 177 19.37 -8.60 -26.15
CA VAL D 177 19.04 -7.20 -26.30
C VAL D 177 19.57 -6.42 -25.11
N VAL D 178 20.21 -5.28 -25.39
CA VAL D 178 20.64 -4.34 -24.36
C VAL D 178 19.62 -3.22 -24.28
N VAL D 179 19.16 -2.93 -23.06
CA VAL D 179 18.09 -1.96 -22.84
C VAL D 179 18.68 -0.76 -22.10
N ASP D 180 18.41 0.43 -22.60
CA ASP D 180 18.81 1.67 -21.95
C ASP D 180 17.55 2.50 -21.70
N THR D 181 17.00 2.40 -20.49
CA THR D 181 15.81 3.14 -20.13
C THR D 181 16.11 4.54 -19.62
N SER D 182 17.39 4.88 -19.41
CA SER D 182 17.81 6.22 -19.01
C SER D 182 17.14 6.65 -17.70
N ASN D 183 17.00 5.71 -16.77
CA ASN D 183 16.41 5.95 -15.45
C ASN D 183 15.00 6.52 -15.54
N GLY D 184 14.34 6.36 -16.68
CA GLY D 184 13.02 6.90 -16.89
C GLY D 184 11.92 5.95 -16.51
N ALA D 185 10.70 6.28 -16.95
CA ALA D 185 9.55 5.43 -16.68
C ALA D 185 9.65 4.08 -17.39
N GLY D 186 10.49 3.97 -18.41
CA GLY D 186 10.70 2.70 -19.08
C GLY D 186 11.53 1.70 -18.32
N SER D 187 12.12 2.12 -17.21
CA SER D 187 12.85 1.21 -16.33
C SER D 187 11.94 0.21 -15.63
N LEU D 188 10.63 0.40 -15.70
CA LEU D 188 9.67 -0.47 -15.05
C LEU D 188 8.97 -1.41 -16.03
N THR D 189 9.04 -1.15 -17.32
CA THR D 189 8.28 -1.94 -18.29
C THR D 189 9.18 -2.68 -19.28
N LEU D 190 10.08 -1.95 -19.96
CA LEU D 190 10.80 -2.53 -21.09
C LEU D 190 11.70 -3.68 -20.70
N PRO D 191 12.56 -3.58 -19.68
CA PRO D 191 13.40 -4.74 -19.33
C PRO D 191 12.60 -5.99 -18.96
N TYR D 192 11.47 -5.81 -18.30
CA TYR D 192 10.59 -6.94 -17.95
C TYR D 192 9.83 -7.45 -19.16
N LEU D 193 9.33 -6.55 -20.01
CA LEU D 193 8.62 -6.97 -21.21
C LEU D 193 9.53 -7.78 -22.12
N LEU D 194 10.77 -7.34 -22.31
CA LEU D 194 11.69 -8.07 -23.17
C LEU D 194 12.03 -9.44 -22.59
N ARG D 195 12.12 -9.55 -21.27
CA ARG D 195 12.35 -10.85 -20.66
C ARG D 195 11.17 -11.79 -20.86
N GLU D 196 9.94 -11.29 -20.66
CA GLU D 196 8.77 -12.12 -20.89
C GLU D 196 8.57 -12.46 -22.37
N LEU D 197 9.13 -11.66 -23.27
CA LEU D 197 9.09 -12.03 -24.69
C LEU D 197 9.95 -13.25 -24.96
N GLY D 198 11.06 -13.38 -24.25
CA GLY D 198 11.94 -14.52 -24.43
C GLY D 198 13.35 -14.13 -24.81
N CYS D 199 13.76 -12.91 -24.47
CA CYS D 199 15.07 -12.38 -24.81
C CYS D 199 16.00 -12.45 -23.62
N LYS D 200 17.30 -12.42 -23.91
CA LYS D 200 18.31 -12.23 -22.88
C LYS D 200 18.56 -10.73 -22.71
N VAL D 201 18.24 -10.21 -21.53
CA VAL D 201 18.16 -8.78 -21.31
C VAL D 201 19.31 -8.35 -20.42
N VAL D 202 20.13 -7.44 -20.92
CA VAL D 202 21.10 -6.71 -20.12
C VAL D 202 20.67 -5.25 -20.15
N SER D 203 20.25 -4.72 -19.00
CA SER D 203 19.68 -3.39 -18.93
C SER D 203 20.72 -2.39 -18.43
N VAL D 204 20.71 -1.21 -19.03
CA VAL D 204 21.60 -0.12 -18.65
C VAL D 204 20.75 1.03 -18.13
N ASN D 205 21.10 1.54 -16.95
CA ASN D 205 20.37 2.64 -16.32
C ASN D 205 18.90 2.31 -16.14
N ALA D 206 18.62 1.08 -15.73
CA ALA D 206 17.25 0.60 -15.56
C ALA D 206 16.74 0.76 -14.14
N HIS D 207 17.44 1.52 -13.33
CA HIS D 207 16.88 1.84 -12.03
C HIS D 207 16.20 3.19 -12.08
N PRO D 208 14.92 3.29 -11.71
CA PRO D 208 14.20 4.55 -11.86
C PRO D 208 14.69 5.64 -10.93
N ASP D 209 15.32 6.67 -11.49
CA ASP D 209 15.84 7.79 -10.72
C ASP D 209 15.49 9.08 -11.44
N GLY D 210 14.87 10.01 -10.71
CA GLY D 210 14.48 11.27 -11.31
C GLY D 210 15.60 12.28 -11.47
N HIS D 211 16.75 12.03 -10.85
CA HIS D 211 17.89 12.89 -11.01
C HIS D 211 18.67 12.60 -12.29
N PHE D 212 18.40 11.46 -12.94
CA PHE D 212 19.06 11.04 -14.17
C PHE D 212 20.58 11.12 -14.00
N PRO D 213 21.16 10.29 -13.12
CA PRO D 213 22.61 10.42 -12.85
C PRO D 213 23.50 10.15 -14.05
N ALA D 214 23.04 9.36 -15.01
CA ALA D 214 23.89 8.96 -16.14
C ALA D 214 23.97 10.07 -17.18
N ARG D 215 22.82 10.46 -17.72
CA ARG D 215 22.76 11.43 -18.80
C ARG D 215 21.36 12.03 -18.85
N ASN D 216 21.20 13.03 -19.72
CA ASN D 216 19.88 13.58 -19.97
C ASN D 216 19.00 12.52 -20.63
N PRO D 217 17.70 12.50 -20.35
CA PRO D 217 16.87 11.40 -20.84
C PRO D 217 16.61 11.41 -22.34
N GLU D 218 17.28 12.30 -23.08
CA GLU D 218 17.10 12.34 -24.53
C GLU D 218 18.03 11.33 -25.18
N PRO D 219 17.51 10.29 -25.84
CA PRO D 219 18.37 9.28 -26.47
C PRO D 219 18.78 9.64 -27.90
N ASN D 220 19.77 10.53 -28.01
CA ASN D 220 20.36 10.89 -29.28
C ASN D 220 21.76 10.29 -29.39
N GLU D 221 22.36 10.42 -30.57
CA GLU D 221 23.64 9.77 -30.82
C GLU D 221 24.73 10.28 -29.87
N GLU D 222 24.78 11.59 -29.65
CA GLU D 222 25.74 12.14 -28.71
C GLU D 222 25.51 11.61 -27.30
N ASN D 223 24.24 11.50 -26.90
CA ASN D 223 23.91 10.95 -25.59
C ASN D 223 24.15 9.44 -25.54
N LEU D 224 23.98 8.75 -26.66
CA LEU D 224 24.09 7.30 -26.72
C LEU D 224 25.45 6.82 -27.19
N LYS D 225 26.46 7.70 -27.22
CA LYS D 225 27.80 7.28 -27.60
C LYS D 225 28.32 6.15 -26.71
N GLY D 226 28.14 6.27 -25.40
CA GLY D 226 28.57 5.21 -24.49
C GLY D 226 27.75 3.95 -24.64
N PHE D 227 26.43 4.09 -24.84
CA PHE D 227 25.56 2.94 -24.97
C PHE D 227 25.90 2.13 -26.22
N MET D 228 26.29 2.80 -27.30
CA MET D 228 26.75 2.08 -28.50
C MET D 228 27.99 1.27 -28.20
N GLU D 229 28.93 1.82 -27.43
CA GLU D 229 30.11 1.08 -27.02
C GLU D 229 29.73 -0.13 -26.17
N ILE D 230 28.75 0.03 -25.28
CA ILE D 230 28.27 -1.09 -24.49
C ILE D 230 27.70 -2.18 -25.38
N VAL D 231 26.91 -1.80 -26.38
CA VAL D 231 26.33 -2.77 -27.30
C VAL D 231 27.42 -3.51 -28.07
N LYS D 232 28.44 -2.78 -28.53
CA LYS D 232 29.56 -3.44 -29.21
C LYS D 232 30.26 -4.42 -28.28
N ALA D 233 30.56 -3.98 -27.04
CA ALA D 233 31.34 -4.79 -26.13
C ALA D 233 30.62 -6.06 -25.73
N LEU D 234 29.32 -5.95 -25.41
CA LEU D 234 28.57 -7.11 -24.95
C LEU D 234 28.33 -8.14 -26.04
N GLY D 235 28.55 -7.78 -27.30
CA GLY D 235 28.29 -8.72 -28.38
C GLY D 235 26.83 -9.09 -28.50
N ALA D 236 25.94 -8.11 -28.34
CA ALA D 236 24.50 -8.35 -28.35
C ALA D 236 23.96 -8.25 -29.76
N ASP D 237 22.74 -8.78 -29.94
CA ASP D 237 22.08 -8.71 -31.23
C ASP D 237 21.76 -7.26 -31.60
N PHE D 238 21.15 -6.52 -30.68
CA PHE D 238 20.91 -5.10 -30.88
C PHE D 238 20.63 -4.47 -29.52
N GLY D 239 20.65 -3.15 -29.50
CA GLY D 239 20.34 -2.39 -28.30
C GLY D 239 19.26 -1.38 -28.55
N VAL D 240 18.39 -1.19 -27.57
CA VAL D 240 17.27 -0.26 -27.66
C VAL D 240 17.36 0.71 -26.49
N ALA D 241 17.18 2.00 -26.78
CA ALA D 241 17.22 3.05 -25.78
C ALA D 241 15.91 3.83 -25.78
N GLN D 242 15.43 4.16 -24.59
CA GLN D 242 14.19 4.90 -24.42
C GLN D 242 14.46 6.22 -23.70
N ASP D 243 13.50 7.12 -23.78
CA ASP D 243 13.59 8.42 -23.12
C ASP D 243 12.93 8.35 -21.75
N GLY D 244 12.73 9.51 -21.12
CA GLY D 244 12.20 9.52 -19.76
C GLY D 244 10.80 8.96 -19.64
N ASP D 245 9.91 9.36 -20.56
CA ASP D 245 8.53 8.88 -20.53
C ASP D 245 8.34 7.58 -21.30
N ALA D 246 9.39 7.07 -21.93
CA ALA D 246 9.37 5.76 -22.59
C ALA D 246 8.33 5.69 -23.70
N ASP D 247 8.11 6.80 -24.39
CA ASP D 247 7.26 6.78 -25.57
C ASP D 247 8.05 6.70 -26.86
N ARG D 248 9.38 6.81 -26.80
CA ARG D 248 10.23 6.70 -27.96
C ARG D 248 11.25 5.59 -27.76
N ALA D 249 11.60 4.90 -28.83
CA ALA D 249 12.57 3.82 -28.79
C ALA D 249 13.61 4.06 -29.87
N VAL D 250 14.89 4.01 -29.50
CA VAL D 250 16.00 4.19 -30.41
C VAL D 250 16.81 2.91 -30.42
N PHE D 251 17.09 2.38 -31.61
CA PHE D 251 17.71 1.08 -31.76
C PHE D 251 19.14 1.21 -32.23
N ILE D 252 20.00 0.33 -31.72
CA ILE D 252 21.41 0.25 -32.10
C ILE D 252 21.69 -1.17 -32.56
N ASP D 253 22.34 -1.31 -33.71
CA ASP D 253 22.59 -2.63 -34.27
C ASP D 253 23.73 -3.31 -33.53
N GLU D 254 24.07 -4.53 -33.98
CA GLU D 254 25.12 -5.31 -33.32
C GLU D 254 26.49 -4.67 -33.45
N ASN D 255 26.70 -3.84 -34.46
CA ASN D 255 27.98 -3.16 -34.66
C ASN D 255 28.07 -1.83 -33.93
N GLY D 256 27.05 -1.48 -33.15
CA GLY D 256 27.06 -0.21 -32.43
C GLY D 256 26.73 0.99 -33.28
N ARG D 257 26.01 0.82 -34.38
CA ARG D 257 25.65 1.93 -35.25
C ARG D 257 24.29 2.49 -34.84
N PHE D 258 24.22 3.81 -34.70
CA PHE D 258 22.96 4.47 -34.39
C PHE D 258 22.01 4.32 -35.58
N ILE D 259 20.85 3.71 -35.34
CA ILE D 259 19.86 3.50 -36.38
C ILE D 259 18.86 4.66 -36.34
N GLN D 260 18.69 5.32 -37.47
CA GLN D 260 17.74 6.43 -37.55
C GLN D 260 16.32 5.91 -37.34
N GLY D 261 15.49 6.75 -36.71
CA GLY D 261 14.14 6.34 -36.40
C GLY D 261 13.31 6.01 -37.62
N ASP D 262 13.59 6.66 -38.74
CA ASP D 262 12.85 6.38 -39.97
C ASP D 262 13.04 4.94 -40.43
N LYS D 263 14.25 4.40 -40.30
CA LYS D 263 14.49 3.02 -40.73
C LYS D 263 13.77 2.00 -39.87
N THR D 264 13.77 2.18 -38.54
CA THR D 264 13.03 1.28 -37.67
C THR D 264 11.52 1.41 -37.88
N PHE D 265 11.05 2.65 -38.10
CA PHE D 265 9.65 2.83 -38.46
C PHE D 265 9.33 2.12 -39.77
N ALA D 266 10.24 2.16 -40.74
CA ALA D 266 10.02 1.46 -42.00
C ALA D 266 9.93 -0.04 -41.78
N LEU D 267 10.81 -0.59 -40.95
CA LEU D 267 10.75 -2.03 -40.65
C LEU D 267 9.43 -2.40 -40.00
N VAL D 268 9.02 -1.65 -38.98
CA VAL D 268 7.78 -1.94 -38.28
C VAL D 268 6.58 -1.81 -39.20
N ALA D 269 6.56 -0.75 -40.01
CA ALA D 269 5.45 -0.53 -40.95
C ALA D 269 5.40 -1.63 -42.00
N ASP D 270 6.56 -2.07 -42.49
CA ASP D 270 6.60 -3.16 -43.44
C ASP D 270 5.98 -4.42 -42.84
N ALA D 271 6.40 -4.77 -41.61
CA ALA D 271 5.85 -5.96 -40.97
C ALA D 271 4.34 -5.83 -40.77
N VAL D 272 3.89 -4.67 -40.29
CA VAL D 272 2.48 -4.48 -39.96
C VAL D 272 1.63 -4.53 -41.23
N LEU D 273 2.05 -3.82 -42.27
CA LEU D 273 1.29 -3.80 -43.52
C LEU D 273 1.29 -5.17 -44.18
N ARG D 274 2.41 -5.89 -44.13
CA ARG D 274 2.45 -7.24 -44.68
C ARG D 274 1.49 -8.16 -43.92
N GLU D 275 1.46 -8.06 -42.60
CA GLU D 275 0.51 -8.84 -41.82
C GLU D 275 -0.92 -8.34 -41.93
N ASN D 276 -1.12 -7.15 -42.49
CA ASN D 276 -2.46 -6.60 -42.68
C ASN D 276 -2.92 -6.65 -44.13
N GLY D 277 -2.06 -7.04 -45.06
CA GLY D 277 -2.42 -7.01 -46.46
C GLY D 277 -2.65 -5.60 -46.99
N GLY D 278 -1.78 -4.66 -46.62
CA GLY D 278 -1.97 -3.27 -46.99
C GLY D 278 -2.74 -2.50 -45.94
N GLY D 279 -2.97 -1.23 -46.26
CA GLY D 279 -3.69 -0.35 -45.35
C GLY D 279 -3.34 1.10 -45.62
N LEU D 280 -3.45 1.92 -44.58
CA LEU D 280 -3.12 3.33 -44.65
C LEU D 280 -1.91 3.60 -43.76
N LEU D 281 -0.91 4.26 -44.32
CA LEU D 281 0.32 4.61 -43.60
C LEU D 281 0.32 6.12 -43.39
N VAL D 282 -0.13 6.53 -42.21
CA VAL D 282 -0.17 7.95 -41.87
C VAL D 282 1.19 8.36 -41.32
N THR D 283 1.73 9.46 -41.85
CA THR D 283 3.02 9.96 -41.42
C THR D 283 3.07 11.47 -41.65
N THR D 284 4.24 12.04 -41.41
CA THR D 284 4.44 13.48 -41.60
C THR D 284 5.08 13.75 -42.95
N ILE D 285 5.15 15.05 -43.30
CA ILE D 285 5.78 15.44 -44.56
C ILE D 285 7.30 15.45 -44.47
N ALA D 286 7.87 15.43 -43.26
CA ALA D 286 9.31 15.35 -43.08
C ALA D 286 9.83 13.92 -43.08
N THR D 287 8.94 12.94 -43.15
CA THR D 287 9.35 11.54 -43.17
C THR D 287 9.96 11.18 -44.52
N SER D 288 10.98 10.35 -44.49
CA SER D 288 11.69 9.91 -45.69
C SER D 288 10.74 9.21 -46.66
N ASN D 289 11.17 9.15 -47.93
CA ASN D 289 10.49 8.35 -48.93
C ASN D 289 10.65 6.86 -48.69
N LEU D 290 11.53 6.47 -47.77
CA LEU D 290 11.68 5.06 -47.42
C LEU D 290 10.36 4.46 -46.97
N LEU D 291 9.50 5.26 -46.33
CA LEU D 291 8.19 4.80 -45.94
C LEU D 291 7.23 4.69 -47.11
N ASP D 292 7.40 5.51 -48.15
CA ASP D 292 6.58 5.40 -49.35
C ASP D 292 6.85 4.09 -50.08
N ASP D 293 8.13 3.73 -50.23
CA ASP D 293 8.46 2.48 -50.91
C ASP D 293 7.98 1.27 -50.12
N ILE D 294 8.01 1.37 -48.78
CA ILE D 294 7.51 0.29 -47.95
C ILE D 294 6.02 0.06 -48.19
N ALA D 295 5.26 1.15 -48.29
CA ALA D 295 3.82 1.02 -48.56
C ALA D 295 3.58 0.51 -49.97
N LYS D 296 4.38 0.98 -50.94
CA LYS D 296 4.23 0.50 -52.32
C LYS D 296 4.47 -1.00 -52.40
N ARG D 297 5.50 -1.49 -51.71
CA ARG D 297 5.79 -2.92 -51.72
C ARG D 297 4.74 -3.73 -50.98
N ASN D 298 3.89 -3.10 -50.17
CA ASN D 298 2.86 -3.80 -49.41
C ASN D 298 1.45 -3.49 -49.90
N GLY D 299 1.31 -2.72 -50.98
CA GLY D 299 0.01 -2.36 -51.48
C GLY D 299 -0.78 -1.50 -50.52
N ALA D 300 -0.13 -0.48 -49.97
CA ALA D 300 -0.75 0.40 -48.99
C ALA D 300 -0.60 1.86 -49.43
N LYS D 301 -1.51 2.70 -48.94
CA LYS D 301 -1.49 4.11 -49.25
C LYS D 301 -0.78 4.89 -48.15
N VAL D 302 -0.25 6.05 -48.51
CA VAL D 302 0.50 6.91 -47.60
C VAL D 302 -0.22 8.24 -47.47
N MET D 303 -0.49 8.63 -46.23
CA MET D 303 -1.07 9.94 -45.94
C MET D 303 -0.03 10.76 -45.16
N ARG D 304 0.33 11.92 -45.70
CA ARG D 304 1.36 12.78 -45.12
C ARG D 304 0.68 13.97 -44.45
N THR D 305 0.82 14.07 -43.14
CA THR D 305 0.24 15.14 -42.37
C THR D 305 1.31 16.17 -41.99
N LYS D 306 0.92 17.14 -41.17
CA LYS D 306 1.87 18.11 -40.66
C LYS D 306 2.74 17.48 -39.58
N VAL D 307 3.83 18.19 -39.24
CA VAL D 307 4.79 17.65 -38.29
C VAL D 307 4.21 17.69 -36.90
N GLY D 308 4.22 16.54 -36.22
CA GLY D 308 3.68 16.42 -34.88
C GLY D 308 3.00 15.09 -34.63
N ASP D 309 3.27 14.48 -33.49
CA ASP D 309 2.71 13.19 -33.14
C ASP D 309 1.20 13.23 -32.92
N LEU D 310 0.68 14.32 -32.35
CA LEU D 310 -0.76 14.43 -32.13
C LEU D 310 -1.52 14.48 -33.46
N ILE D 311 -1.00 15.18 -34.46
CA ILE D 311 -1.66 15.21 -35.75
C ILE D 311 -1.65 13.83 -36.40
N VAL D 312 -0.54 13.10 -36.26
CA VAL D 312 -0.45 11.75 -36.80
C VAL D 312 -1.47 10.85 -36.13
N ALA D 313 -1.60 10.94 -34.81
CA ALA D 313 -2.58 10.12 -34.11
C ALA D 313 -4.00 10.49 -34.51
N ARG D 314 -4.28 11.79 -34.66
CA ARG D 314 -5.61 12.23 -35.08
C ARG D 314 -5.94 11.71 -36.47
N ALA D 315 -4.98 11.76 -37.40
CA ALA D 315 -5.21 11.25 -38.74
C ALA D 315 -5.36 9.74 -38.76
N LEU D 316 -4.64 9.04 -37.89
CA LEU D 316 -4.80 7.60 -37.78
C LEU D 316 -6.19 7.23 -37.26
N LEU D 317 -6.69 7.98 -36.28
CA LEU D 317 -8.01 7.69 -35.71
C LEU D 317 -9.14 8.06 -36.67
N GLU D 318 -9.05 9.24 -37.29
CA GLU D 318 -10.13 9.71 -38.15
C GLU D 318 -10.23 8.89 -39.43
N ASN D 319 -9.10 8.55 -40.04
CA ASN D 319 -9.07 7.87 -41.32
C ASN D 319 -8.87 6.37 -41.20
N ASN D 320 -8.95 5.83 -39.98
CA ASN D 320 -8.79 4.39 -39.72
C ASN D 320 -7.48 3.88 -40.31
N GLY D 321 -6.38 4.58 -39.98
CA GLY D 321 -5.08 4.17 -40.45
C GLY D 321 -4.60 2.89 -39.81
N THR D 322 -3.59 2.29 -40.44
CA THR D 322 -3.03 1.02 -39.98
C THR D 322 -1.77 1.21 -39.15
N ILE D 323 -0.84 2.06 -39.59
CA ILE D 323 0.39 2.32 -38.86
C ILE D 323 0.72 3.80 -39.00
N GLY D 324 1.38 4.33 -37.98
CA GLY D 324 1.74 5.74 -37.98
C GLY D 324 3.11 5.96 -37.38
N GLY D 325 3.68 7.10 -37.72
CA GLY D 325 5.01 7.45 -37.23
C GLY D 325 5.43 8.79 -37.77
N GLU D 326 6.55 9.28 -37.24
CA GLU D 326 7.07 10.58 -37.65
C GLU D 326 8.53 10.47 -38.08
N GLU D 327 9.16 11.61 -38.35
CA GLU D 327 10.56 11.63 -38.77
C GLU D 327 11.47 11.08 -37.68
N ASN D 328 11.16 11.40 -36.42
CA ASN D 328 11.94 10.89 -35.30
C ASN D 328 11.80 9.39 -35.12
N GLY D 329 10.84 8.76 -35.79
CA GLY D 329 10.69 7.32 -35.71
C GLY D 329 9.76 6.81 -34.64
N GLY D 330 9.02 7.70 -33.98
CA GLY D 330 8.06 7.27 -32.99
C GLY D 330 6.85 6.61 -33.62
N VAL D 331 6.75 5.30 -33.49
CA VAL D 331 5.71 4.54 -34.17
C VAL D 331 4.44 4.53 -33.33
N ILE D 332 3.30 4.67 -34.00
CA ILE D 332 1.99 4.66 -33.34
C ILE D 332 1.21 3.46 -33.86
N PHE D 333 0.71 2.65 -32.93
CA PHE D 333 -0.11 1.49 -33.26
C PHE D 333 -1.56 1.81 -32.93
N PRO D 334 -2.39 2.18 -33.90
CA PRO D 334 -3.74 2.69 -33.57
C PRO D 334 -4.59 1.71 -32.79
N ASP D 335 -4.48 0.41 -33.08
CA ASP D 335 -5.31 -0.56 -32.39
C ASP D 335 -4.87 -0.79 -30.95
N PHE D 336 -3.62 -0.46 -30.62
CA PHE D 336 -3.13 -0.63 -29.25
C PHE D 336 -3.25 0.66 -28.46
N VAL D 337 -2.56 1.71 -28.89
CA VAL D 337 -2.53 2.99 -28.20
C VAL D 337 -2.45 4.08 -29.25
N LEU D 338 -3.29 5.12 -29.09
CA LEU D 338 -3.30 6.25 -30.01
C LEU D 338 -2.21 7.24 -29.59
N GLY D 339 -0.98 6.76 -29.66
CA GLY D 339 0.17 7.59 -29.32
C GLY D 339 1.43 6.78 -29.50
N ARG D 340 2.56 7.47 -29.41
CA ARG D 340 3.86 6.82 -29.54
C ARG D 340 4.05 5.82 -28.39
N ASP D 341 4.50 4.63 -28.74
CA ASP D 341 4.72 3.56 -27.77
C ASP D 341 6.08 2.94 -28.04
N GLY D 342 7.07 3.27 -27.19
CA GLY D 342 8.39 2.69 -27.34
C GLY D 342 8.43 1.20 -27.06
N ALA D 343 7.68 0.74 -26.06
CA ALA D 343 7.69 -0.67 -25.71
C ALA D 343 7.02 -1.53 -26.78
N MET D 344 5.89 -1.09 -27.33
CA MET D 344 5.27 -1.83 -28.42
C MET D 344 6.15 -1.86 -29.66
N THR D 345 6.80 -0.74 -29.98
CA THR D 345 7.74 -0.72 -31.09
C THR D 345 8.91 -1.69 -30.85
N THR D 346 9.43 -1.72 -29.63
CA THR D 346 10.52 -2.63 -29.31
C THR D 346 10.07 -4.07 -29.43
N ALA D 347 8.86 -4.39 -28.95
CA ALA D 347 8.35 -5.75 -29.07
C ALA D 347 8.17 -6.16 -30.53
N LYS D 348 7.63 -5.27 -31.35
CA LYS D 348 7.47 -5.57 -32.77
C LYS D 348 8.82 -5.75 -33.46
N ILE D 349 9.80 -4.90 -33.14
CA ILE D 349 11.14 -5.05 -33.71
C ILE D 349 11.76 -6.38 -33.29
N VAL D 350 11.60 -6.75 -32.02
CA VAL D 350 12.12 -8.03 -31.55
C VAL D 350 11.47 -9.19 -32.28
N GLU D 351 10.15 -9.14 -32.48
CA GLU D 351 9.47 -10.19 -33.23
C GLU D 351 9.96 -10.27 -34.67
N ILE D 352 10.16 -9.11 -35.31
CA ILE D 352 10.68 -9.09 -36.67
C ILE D 352 12.08 -9.71 -36.71
N PHE D 353 12.93 -9.35 -35.75
CA PHE D 353 14.29 -9.89 -35.70
C PHE D 353 14.26 -11.40 -35.49
N ALA D 354 13.38 -11.88 -34.61
CA ALA D 354 13.29 -13.32 -34.36
C ALA D 354 12.81 -14.07 -35.59
N LYS D 355 11.80 -13.54 -36.28
CA LYS D 355 11.24 -14.23 -37.45
C LYS D 355 12.12 -14.10 -38.69
N SER D 356 12.99 -13.09 -38.75
CA SER D 356 13.76 -12.85 -39.97
C SER D 356 14.87 -13.88 -40.14
N GLY D 357 15.56 -14.22 -39.04
CA GLY D 357 16.72 -15.08 -39.12
C GLY D 357 18.00 -14.39 -39.51
N LYS D 358 17.97 -13.07 -39.71
CA LYS D 358 19.13 -12.29 -40.10
C LYS D 358 19.63 -11.48 -38.92
N LYS D 359 20.68 -10.70 -39.17
CA LYS D 359 21.20 -9.78 -38.17
C LYS D 359 20.47 -8.45 -38.27
N PHE D 360 20.55 -7.66 -37.18
CA PHE D 360 19.84 -6.39 -37.14
C PHE D 360 20.34 -5.43 -38.20
N SER D 361 21.67 -5.35 -38.37
CA SER D 361 22.22 -4.49 -39.42
C SER D 361 21.85 -5.00 -40.80
N GLU D 362 21.75 -6.33 -40.96
CA GLU D 362 21.29 -6.87 -42.24
C GLU D 362 19.85 -6.48 -42.52
N LEU D 363 19.00 -6.53 -41.51
CA LEU D 363 17.61 -6.09 -41.69
C LEU D 363 17.52 -4.61 -42.02
N ILE D 364 18.33 -3.79 -41.36
CA ILE D 364 18.28 -2.34 -41.61
C ILE D 364 18.82 -2.03 -43.00
N ASP D 365 19.89 -2.70 -43.42
CA ASP D 365 20.51 -2.41 -44.71
C ASP D 365 19.71 -2.94 -45.88
N GLU D 366 18.81 -3.91 -45.65
CA GLU D 366 18.00 -4.44 -46.74
C GLU D 366 16.93 -3.44 -47.20
N LEU D 367 16.66 -2.42 -46.39
CA LEU D 367 15.73 -1.38 -46.81
C LEU D 367 16.36 -0.52 -47.90
N PRO D 368 15.53 0.12 -48.75
CA PRO D 368 16.09 1.03 -49.76
C PRO D 368 16.91 2.14 -49.14
N LYS D 369 18.01 2.50 -49.79
CA LYS D 369 18.98 3.43 -49.24
C LYS D 369 18.59 4.86 -49.57
N TYR D 370 18.56 5.71 -48.55
CA TYR D 370 18.31 7.14 -48.71
C TYR D 370 19.32 7.91 -47.88
N TYR D 371 19.71 9.08 -48.37
CA TYR D 371 20.69 9.93 -47.69
C TYR D 371 20.03 11.26 -47.36
N GLN D 372 20.15 11.67 -46.09
CA GLN D 372 19.47 12.85 -45.58
C GLN D 372 20.48 13.80 -44.96
N PHE D 373 20.22 15.10 -45.07
CA PHE D 373 21.05 16.13 -44.48
C PHE D 373 20.16 17.18 -43.82
N LYS D 374 20.57 17.61 -42.63
CA LYS D 374 19.80 18.56 -41.84
C LYS D 374 20.65 19.77 -41.50
N THR D 375 20.11 20.95 -41.73
CA THR D 375 20.76 22.21 -41.37
C THR D 375 19.70 23.20 -40.91
N LYS D 376 20.13 24.18 -40.12
CA LYS D 376 19.24 25.19 -39.58
C LYS D 376 19.86 26.56 -39.73
N ARG D 377 19.01 27.56 -39.94
CA ARG D 377 19.42 28.95 -40.02
C ARG D 377 18.60 29.75 -39.02
N HIS D 378 19.27 30.31 -38.02
CA HIS D 378 18.59 31.10 -37.00
C HIS D 378 18.13 32.42 -37.61
N VAL D 379 16.83 32.52 -37.90
CA VAL D 379 16.25 33.69 -38.54
C VAL D 379 15.13 34.22 -37.66
N GLU D 380 15.15 35.51 -37.37
CA GLU D 380 14.13 36.14 -36.55
C GLU D 380 12.99 36.67 -37.42
N GLY D 381 11.95 37.16 -36.76
CA GLY D 381 10.81 37.70 -37.46
C GLY D 381 9.82 36.63 -37.89
N ASP D 382 8.90 37.03 -38.76
CA ASP D 382 7.85 36.16 -39.26
C ASP D 382 8.45 35.20 -40.28
N ARG D 383 8.88 34.04 -39.77
CA ARG D 383 9.47 33.02 -40.63
C ARG D 383 8.44 32.38 -41.57
N LYS D 384 7.15 32.45 -41.23
CA LYS D 384 6.13 31.89 -42.10
C LYS D 384 6.08 32.64 -43.44
N ALA D 385 6.19 33.96 -43.40
CA ALA D 385 6.23 34.75 -44.64
C ALA D 385 7.45 34.39 -45.47
N ILE D 386 8.59 34.18 -44.81
CA ILE D 386 9.81 33.79 -45.54
C ILE D 386 9.64 32.43 -46.20
N VAL D 387 9.03 31.49 -45.48
CA VAL D 387 8.77 30.16 -46.05
C VAL D 387 7.85 30.27 -47.25
N ALA D 388 6.80 31.08 -47.13
CA ALA D 388 5.88 31.28 -48.25
C ALA D 388 6.60 31.91 -49.44
N LYS D 389 7.48 32.87 -49.19
CA LYS D 389 8.23 33.49 -50.28
C LYS D 389 9.15 32.49 -50.96
N VAL D 390 9.80 31.62 -50.18
CA VAL D 390 10.62 30.56 -50.76
C VAL D 390 9.77 29.63 -51.61
N ALA D 391 8.56 29.33 -51.15
CA ALA D 391 7.64 28.51 -51.94
C ALA D 391 7.31 29.19 -53.26
N GLU D 392 7.04 30.49 -53.23
CA GLU D 392 6.75 31.23 -54.46
C GLU D 392 7.96 31.22 -55.40
N LEU D 393 9.16 31.42 -54.86
CA LEU D 393 10.36 31.42 -55.70
C LEU D 393 10.57 30.06 -56.35
N ALA D 394 10.35 28.98 -55.60
CA ALA D 394 10.46 27.65 -56.18
C ALA D 394 9.37 27.42 -57.22
N GLU D 395 8.19 27.98 -57.01
CA GLU D 395 7.11 27.86 -57.99
C GLU D 395 7.48 28.56 -59.29
N LYS D 396 8.11 29.74 -59.19
CA LYS D 396 8.51 30.46 -60.40
C LYS D 396 9.55 29.68 -61.19
N LYS D 397 10.46 28.99 -60.51
CA LYS D 397 11.51 28.23 -61.18
C LYS D 397 11.02 26.88 -61.70
N GLY D 398 9.72 26.59 -61.62
CA GLY D 398 9.17 25.35 -62.13
C GLY D 398 9.29 24.17 -61.20
N TYR D 399 9.84 24.35 -60.00
CA TYR D 399 9.98 23.25 -59.06
C TYR D 399 8.62 22.85 -58.48
N LYS D 400 8.32 21.55 -58.48
CA LYS D 400 7.12 21.07 -57.84
C LYS D 400 7.25 21.20 -56.32
N ILE D 401 6.25 21.80 -55.69
CA ILE D 401 6.30 22.13 -54.27
C ILE D 401 5.02 21.66 -53.59
N ASP D 402 5.17 21.18 -52.35
CA ASP D 402 4.05 20.87 -51.48
C ASP D 402 4.16 21.74 -50.23
N THR D 403 3.03 22.31 -49.81
CA THR D 403 3.01 23.24 -48.70
C THR D 403 2.10 22.77 -47.57
N THR D 404 2.09 21.46 -47.32
CA THR D 404 1.31 20.94 -46.19
C THR D 404 1.85 21.48 -44.87
N ASP D 405 3.17 21.48 -44.72
CA ASP D 405 3.84 22.06 -43.55
C ASP D 405 5.20 22.58 -44.01
N GLY D 406 5.38 23.90 -43.96
CA GLY D 406 6.57 24.47 -44.54
C GLY D 406 6.51 24.41 -46.06
N THR D 407 7.70 24.34 -46.68
CA THR D 407 7.82 24.24 -48.13
C THR D 407 8.63 23.00 -48.46
N LYS D 408 7.99 22.02 -49.08
CA LYS D 408 8.64 20.78 -49.48
C LYS D 408 8.66 20.73 -51.01
N ILE D 409 9.85 20.74 -51.59
CA ILE D 409 10.01 20.72 -53.04
C ILE D 409 10.13 19.27 -53.46
N ILE D 410 9.10 18.76 -54.13
CA ILE D 410 9.01 17.33 -54.47
C ILE D 410 9.78 17.13 -55.78
N PHE D 411 10.95 16.50 -55.69
CA PHE D 411 11.71 16.11 -56.87
C PHE D 411 11.39 14.67 -57.28
N ASP D 412 12.17 14.11 -58.20
CA ASP D 412 11.95 12.76 -58.70
C ASP D 412 12.61 11.70 -57.84
N ASP D 413 13.91 11.83 -57.56
CA ASP D 413 14.61 10.88 -56.72
C ASP D 413 14.70 11.32 -55.26
N GLY D 414 14.15 12.48 -54.92
CA GLY D 414 14.20 12.97 -53.55
C GLY D 414 13.37 14.21 -53.34
N TRP D 415 13.76 15.04 -52.38
CA TRP D 415 13.04 16.27 -52.06
C TRP D 415 13.91 17.12 -51.15
N VAL D 416 13.53 18.39 -51.02
CA VAL D 416 14.12 19.30 -50.05
C VAL D 416 12.98 20.02 -49.34
N LEU D 417 13.03 20.06 -48.01
CA LEU D 417 11.98 20.65 -47.19
C LEU D 417 12.51 21.88 -46.47
N VAL D 418 11.77 22.98 -46.56
CA VAL D 418 12.10 24.22 -45.87
C VAL D 418 10.97 24.49 -44.89
N ARG D 419 11.19 24.18 -43.62
CA ARG D 419 10.18 24.37 -42.59
C ARG D 419 10.83 24.99 -41.36
N ALA D 420 10.14 25.95 -40.75
CA ALA D 420 10.65 26.66 -39.58
C ALA D 420 9.80 26.31 -38.37
N SER D 421 10.47 25.85 -37.31
CA SER D 421 9.77 25.55 -36.06
C SER D 421 9.29 26.84 -35.41
N GLY D 422 8.07 26.81 -34.88
CA GLY D 422 7.52 27.99 -34.23
C GLY D 422 8.07 28.22 -32.84
N THR D 423 8.63 27.17 -32.22
CA THR D 423 9.13 27.30 -30.85
C THR D 423 10.31 28.26 -30.77
N GLU D 424 11.23 28.17 -31.73
CA GLU D 424 12.45 28.96 -31.74
C GLU D 424 12.60 29.64 -33.09
N PRO D 425 13.28 30.80 -33.14
CA PRO D 425 13.48 31.50 -34.41
C PRO D 425 14.55 30.86 -35.29
N ILE D 426 14.28 29.63 -35.73
CA ILE D 426 15.19 28.89 -36.58
C ILE D 426 14.41 28.32 -37.76
N ILE D 427 15.01 28.36 -38.94
CA ILE D 427 14.42 27.81 -40.16
C ILE D 427 15.24 26.60 -40.55
N ARG D 428 14.70 25.41 -40.32
CA ARG D 428 15.41 24.18 -40.65
C ARG D 428 15.20 23.80 -42.11
N ILE D 429 16.22 23.23 -42.71
CA ILE D 429 16.18 22.77 -44.09
C ILE D 429 16.43 21.28 -44.09
N PHE D 430 15.46 20.51 -44.58
CA PHE D 430 15.55 19.06 -44.68
C PHE D 430 15.69 18.66 -46.14
N SER D 431 16.68 17.83 -46.44
CA SER D 431 16.92 17.37 -47.80
C SER D 431 17.15 15.87 -47.79
N GLU D 432 16.72 15.21 -48.86
CA GLU D 432 16.95 13.77 -48.99
C GLU D 432 16.90 13.40 -50.47
N ALA D 433 17.72 12.41 -50.84
CA ALA D 433 17.75 11.89 -52.19
C ALA D 433 18.27 10.45 -52.14
N LYS D 434 18.06 9.72 -53.24
CA LYS D 434 18.51 8.34 -53.33
C LYS D 434 20.02 8.20 -53.46
N SER D 435 20.74 9.30 -53.67
CA SER D 435 22.18 9.24 -53.81
C SER D 435 22.81 10.26 -52.87
N GLU D 436 24.07 9.99 -52.49
CA GLU D 436 24.76 10.86 -51.53
C GLU D 436 24.95 12.26 -52.08
N GLU D 437 25.33 12.37 -53.35
CA GLU D 437 25.62 13.69 -53.93
C GLU D 437 24.34 14.51 -54.09
N LYS D 438 23.27 13.89 -54.60
CA LYS D 438 22.04 14.62 -54.85
C LYS D 438 21.39 15.09 -53.55
N ALA D 439 21.64 14.40 -52.44
CA ALA D 439 21.13 14.85 -51.15
C ALA D 439 21.71 16.20 -50.78
N ARG D 440 23.02 16.37 -50.96
CA ARG D 440 23.63 17.69 -50.74
C ARG D 440 23.25 18.67 -51.84
N GLU D 441 23.08 18.17 -53.07
CA GLU D 441 22.68 19.03 -54.18
C GLU D 441 21.34 19.69 -53.91
N TYR D 442 20.38 18.90 -53.39
CA TYR D 442 19.08 19.46 -53.03
C TYR D 442 19.19 20.31 -51.77
N LEU D 443 20.14 19.97 -50.88
CA LEU D 443 20.33 20.75 -49.66
C LEU D 443 20.82 22.15 -49.99
N GLU D 444 21.78 22.28 -50.90
CA GLU D 444 22.29 23.59 -51.29
C GLU D 444 21.20 24.42 -51.95
N LEU D 445 20.34 23.77 -52.75
CA LEU D 445 19.22 24.47 -53.36
C LEU D 445 18.29 25.05 -52.30
N GLY D 446 18.07 24.29 -51.21
CA GLY D 446 17.25 24.81 -50.13
C GLY D 446 17.84 26.05 -49.48
N ILE D 447 19.15 26.03 -49.23
CA ILE D 447 19.82 27.21 -48.71
C ILE D 447 19.83 28.33 -49.74
N LYS D 448 19.97 27.97 -51.02
CA LYS D 448 19.99 28.97 -52.08
C LYS D 448 18.69 29.77 -52.12
N LEU D 449 17.56 29.06 -52.10
CA LEU D 449 16.27 29.74 -52.12
C LEU D 449 16.02 30.51 -50.83
N LEU D 450 16.48 29.97 -49.70
CA LEU D 450 16.30 30.67 -48.43
C LEU D 450 17.05 32.00 -48.43
N GLU D 451 18.27 32.01 -48.96
CA GLU D 451 19.04 33.25 -49.04
C GLU D 451 18.38 34.23 -50.00
N GLU D 452 17.74 33.73 -51.05
CA GLU D 452 17.02 34.61 -51.98
C GLU D 452 15.87 35.31 -51.28
N ALA D 453 15.31 34.71 -50.24
CA ALA D 453 14.22 35.32 -49.49
C ALA D 453 14.75 36.09 -48.29
#